data_5XMV
#
_entry.id   5XMV
#
_cell.length_a   101.674
_cell.length_b   58.843
_cell.length_c   234.899
_cell.angle_alpha   90.000
_cell.angle_beta   90.140
_cell.angle_gamma   90.000
#
_symmetry.space_group_name_H-M   'C 1 2 1'
#
loop_
_entity.id
_entity.type
_entity.pdbx_description
1 polymer 'Serine hydroxymethyltransferase'
2 non-polymer N-GLYCINE-[3-HYDROXY-2-METHYL-5-PHOSPHONOOXYMETHYL-PYRIDIN-4-YL-METHANE]
3 non-polymer '(4~{S})-6-azanyl-4-[3-(2-chlorophenyl)-5-(trifluoromethyl)phenyl]-3-methyl-4-propan-2-yl-2~{H}-pyrano[2,3-c]pyrazole-5- carbonitrile'
4 non-polymer 'CHLORIDE ION'
5 water water
#
_entity_poly.entity_id   1
_entity_poly.type   'polypeptide(L)'
_entity_poly.pdbx_seq_one_letter_code
;MFNNEPLEQIDKELHDILADEEKRQRETINLIASENLTNGAVRECLGNRVSNKYSEGYPKKRYYGGNDFIDKIEELCQKR
ALEAFNVSDEEWGVNVQPLSGSAANVQALYALVGVKGKIMGMHLCSGGHLTHGFFDEKKKVSITSDMFESKLYKCNSQGY
VDLDAVREMALSFKPKVIICGYTSYPRDIDYQQFRQICDEVNAYLFADISHISSFVACNILNNPFLHADVVTTTTHKILR
GPRSALIFFNKKRNPGIEQKINSAVFPSFQGGPHNNKIAAVACQLKEVHSPAFKEYTQQVLLNSKALAKALISKQIDLVT
NGTDNHLIVVDLRKFSITGSKLQETCNAINVSLNKNTIPSDVDCVSPSGVRIGTPAMTTRGAKEKDMEFIADVLARAIKI
TVDLQEQYGKKLVDFKKGLPGNAQLQQLKQEVVTWAGALPFP
;
_entity_poly.pdbx_strand_id   A,B,C
#
loop_
_chem_comp.id
_chem_comp.type
_chem_comp.name
_chem_comp.formula
8AU non-polymer '(4~{S})-6-azanyl-4-[3-(2-chlorophenyl)-5-(trifluoromethyl)phenyl]-3-methyl-4-propan-2-yl-2~{H}-pyrano[2,3-c]pyrazole-5- carbonitrile' 'C24 H20 Cl F3 N4 O'
CL non-polymer 'CHLORIDE ION' 'Cl -1'
PLG non-polymer N-GLYCINE-[3-HYDROXY-2-METHYL-5-PHOSPHONOOXYMETHYL-PYRIDIN-4-YL-METHANE] 'C10 H15 N2 O7 P'
#
# COMPACT_ATOMS: atom_id res chain seq x y z
N MET A 1 -25.80 -2.51 -6.28
CA MET A 1 -24.94 -2.87 -7.47
C MET A 1 -24.25 -4.24 -7.28
N PHE A 2 -25.08 -5.27 -7.21
CA PHE A 2 -24.63 -6.65 -6.95
C PHE A 2 -25.54 -7.66 -7.62
N ASN A 3 -25.01 -8.86 -7.84
CA ASN A 3 -25.78 -10.01 -8.35
C ASN A 3 -26.31 -10.92 -7.23
N ASN A 4 -27.63 -10.84 -6.97
CA ASN A 4 -28.26 -11.66 -5.94
C ASN A 4 -28.98 -12.92 -6.45
N GLU A 5 -28.64 -13.33 -7.68
CA GLU A 5 -29.07 -14.63 -8.22
C GLU A 5 -28.60 -15.78 -7.31
N PRO A 6 -29.49 -16.73 -6.98
CA PRO A 6 -29.11 -17.94 -6.23
C PRO A 6 -27.89 -18.68 -6.78
N LEU A 7 -27.21 -19.42 -5.89
CA LEU A 7 -25.96 -20.14 -6.18
C LEU A 7 -26.03 -21.02 -7.44
N GLU A 8 -27.15 -21.72 -7.61
CA GLU A 8 -27.35 -22.58 -8.78
C GLU A 8 -27.36 -21.77 -10.10
N GLN A 9 -27.97 -20.59 -10.05
CA GLN A 9 -28.03 -19.72 -11.24
C GLN A 9 -26.68 -19.04 -11.46
N ILE A 10 -26.17 -18.35 -10.43
CA ILE A 10 -24.87 -17.62 -10.48
C ILE A 10 -23.68 -18.50 -10.91
N ASP A 11 -23.61 -19.72 -10.40
CA ASP A 11 -22.47 -20.58 -10.71
C ASP A 11 -22.92 -22.03 -10.67
N LYS A 12 -23.40 -22.51 -11.83
CA LYS A 12 -23.82 -23.87 -12.00
C LYS A 12 -22.64 -24.85 -11.87
N GLU A 13 -21.46 -24.46 -12.33
CA GLU A 13 -20.29 -25.36 -12.24
C GLU A 13 -19.95 -25.74 -10.79
N LEU A 14 -19.88 -24.72 -9.93
CA LEU A 14 -19.60 -24.92 -8.52
C LEU A 14 -20.74 -25.66 -7.81
N HIS A 15 -21.98 -25.35 -8.17
CA HIS A 15 -23.15 -25.94 -7.51
C HIS A 15 -23.28 -27.44 -7.77
N ASP A 16 -22.72 -27.92 -8.88
CA ASP A 16 -22.78 -29.35 -9.22
C ASP A 16 -21.77 -30.13 -8.40
N ILE A 17 -20.57 -29.58 -8.21
CA ILE A 17 -19.53 -30.23 -7.40
C ILE A 17 -19.97 -30.29 -5.94
N LEU A 18 -20.54 -29.19 -5.43
CA LEU A 18 -21.10 -29.17 -4.05
C LEU A 18 -22.26 -30.12 -3.86
N ALA A 19 -23.13 -30.27 -4.87
CA ALA A 19 -24.22 -31.27 -4.79
C ALA A 19 -23.66 -32.70 -4.90
N ASP A 20 -22.56 -32.86 -5.63
CA ASP A 20 -21.84 -34.13 -5.70
C ASP A 20 -21.22 -34.48 -4.36
N GLU A 21 -20.51 -33.49 -3.78
CA GLU A 21 -19.86 -33.62 -2.48
C GLU A 21 -20.86 -34.11 -1.45
N GLU A 22 -22.05 -33.48 -1.43
CA GLU A 22 -23.12 -33.84 -0.50
C GLU A 22 -23.60 -35.27 -0.69
N LYS A 23 -23.83 -35.68 -1.94
CA LYS A 23 -24.18 -37.06 -2.24
C LYS A 23 -23.10 -38.04 -1.68
N ARG A 24 -21.82 -37.77 -1.91
CA ARG A 24 -20.73 -38.61 -1.41
C ARG A 24 -20.74 -38.70 0.16
N GLN A 25 -21.07 -37.60 0.84
CA GLN A 25 -21.17 -37.60 2.31
C GLN A 25 -22.34 -38.47 2.79
N ARG A 26 -23.44 -38.37 2.06
CA ARG A 26 -24.66 -39.08 2.43
C ARG A 26 -24.53 -40.59 2.21
N GLU A 27 -23.60 -41.00 1.37
CA GLU A 27 -23.47 -42.39 0.95
C GLU A 27 -22.12 -42.95 1.35
N THR A 28 -21.54 -42.42 2.43
CA THR A 28 -20.22 -42.82 2.94
C THR A 28 -20.42 -43.31 4.37
N ILE A 29 -19.66 -44.35 4.74
CA ILE A 29 -19.56 -44.74 6.13
C ILE A 29 -18.34 -43.94 6.58
N ASN A 30 -18.60 -42.88 7.33
CA ASN A 30 -17.55 -41.94 7.70
C ASN A 30 -16.99 -42.32 9.06
N LEU A 31 -15.79 -42.89 9.03
CA LEU A 31 -15.06 -43.26 10.25
C LEU A 31 -13.85 -42.34 10.48
N ILE A 32 -13.85 -41.09 10.02
CA ILE A 32 -12.71 -40.18 10.33
C ILE A 32 -12.94 -39.72 11.75
N ALA A 33 -11.97 -39.95 12.61
CA ALA A 33 -12.20 -39.80 14.06
C ALA A 33 -12.48 -38.33 14.37
N SER A 34 -11.85 -37.46 13.57
CA SER A 34 -11.97 -36.00 13.68
C SER A 34 -13.15 -35.36 12.96
N GLU A 35 -14.03 -36.14 12.31
CA GLU A 35 -15.10 -35.52 11.51
C GLU A 35 -16.44 -35.68 12.18
N ASN A 36 -17.36 -34.81 11.80
CA ASN A 36 -18.74 -34.87 12.26
C ASN A 36 -19.65 -34.29 11.18
N LEU A 37 -20.90 -34.04 11.53
CA LEU A 37 -21.86 -33.40 10.64
C LEU A 37 -22.61 -32.34 11.40
N THR A 38 -22.51 -31.09 10.93
CA THR A 38 -23.15 -29.95 11.56
C THR A 38 -24.62 -29.97 11.23
N ASN A 39 -25.45 -29.49 12.14
CA ASN A 39 -26.89 -29.34 11.82
C ASN A 39 -27.19 -28.06 11.01
N GLY A 40 -28.42 -27.92 10.54
CA GLY A 40 -28.85 -26.77 9.78
C GLY A 40 -28.64 -25.45 10.52
N ALA A 41 -28.94 -25.41 11.82
CA ALA A 41 -28.84 -24.16 12.60
C ALA A 41 -27.43 -23.62 12.69
N VAL A 42 -26.48 -24.54 12.82
CA VAL A 42 -25.07 -24.18 12.81
C VAL A 42 -24.67 -23.67 11.42
N ARG A 43 -25.14 -24.32 10.38
CA ARG A 43 -24.90 -23.84 9.01
C ARG A 43 -25.62 -22.53 8.60
N GLU A 44 -26.72 -22.18 9.27
CA GLU A 44 -27.37 -20.85 9.12
C GLU A 44 -26.52 -19.74 9.75
N CYS A 45 -25.86 -20.04 10.86
CA CYS A 45 -24.95 -19.10 11.50
C CYS A 45 -23.76 -18.82 10.63
N LEU A 46 -23.17 -19.87 10.05
CA LEU A 46 -21.96 -19.75 9.23
C LEU A 46 -22.18 -18.97 7.95
N GLY A 47 -23.42 -19.00 7.44
CA GLY A 47 -23.82 -18.20 6.29
C GLY A 47 -24.49 -16.87 6.65
N ASN A 48 -24.39 -16.43 7.91
CA ASN A 48 -25.07 -15.21 8.37
C ASN A 48 -24.23 -13.95 8.08
N ARG A 49 -24.91 -12.88 7.68
CA ARG A 49 -24.28 -11.57 7.38
C ARG A 49 -23.43 -10.99 8.49
N VAL A 50 -23.49 -11.54 9.68
CA VAL A 50 -22.56 -11.12 10.75
C VAL A 50 -21.07 -11.14 10.35
N SER A 51 -20.67 -12.01 9.42
CA SER A 51 -19.29 -12.03 8.88
C SER A 51 -18.90 -10.82 8.03
N ASN A 52 -19.87 -9.95 7.69
CA ASN A 52 -19.57 -8.65 7.07
C ASN A 52 -18.85 -7.66 8.00
N LYS A 53 -18.86 -7.90 9.30
CA LYS A 53 -18.38 -6.95 10.28
C LYS A 53 -16.93 -7.13 10.72
N TYR A 54 -16.18 -6.03 10.73
CA TYR A 54 -14.83 -5.97 11.30
C TYR A 54 -14.93 -5.61 12.79
N SER A 55 -14.41 -6.46 13.67
CA SER A 55 -14.53 -6.24 15.12
C SER A 55 -13.26 -6.60 15.86
N GLU A 56 -12.15 -6.10 15.36
CA GLU A 56 -10.84 -6.26 16.02
C GLU A 56 -10.80 -5.84 17.47
N GLY A 57 -10.13 -6.63 18.28
CA GLY A 57 -10.08 -6.44 19.73
C GLY A 57 -11.00 -7.39 20.47
N TYR A 58 -11.55 -6.93 21.60
CA TYR A 58 -12.41 -7.72 22.50
C TYR A 58 -13.70 -6.97 22.86
N PRO A 59 -14.72 -7.67 23.43
CA PRO A 59 -15.98 -6.95 23.76
C PRO A 59 -15.79 -5.78 24.74
N LYS A 60 -16.51 -4.69 24.53
CA LYS A 60 -16.34 -3.45 25.33
C LYS A 60 -14.91 -2.84 25.26
N LYS A 61 -14.05 -3.38 24.38
CA LYS A 61 -12.68 -2.86 24.17
C LYS A 61 -12.32 -3.07 22.69
N ARG A 62 -13.24 -2.65 21.82
CA ARG A 62 -13.18 -2.86 20.38
C ARG A 62 -12.49 -1.69 19.80
N TYR A 63 -11.78 -1.87 18.67
CA TYR A 63 -11.17 -0.75 17.95
C TYR A 63 -12.22 0.09 17.24
N TYR A 64 -13.24 -0.55 16.69
CA TYR A 64 -14.37 0.16 16.06
C TYR A 64 -15.64 0.10 16.90
N GLY A 65 -16.53 1.05 16.65
CA GLY A 65 -17.88 0.99 17.23
C GLY A 65 -18.75 0.21 16.28
N GLY A 66 -20.06 0.31 16.47
CA GLY A 66 -21.01 -0.49 15.69
C GLY A 66 -20.97 -1.96 16.07
N ASN A 67 -20.42 -2.26 17.23
CA ASN A 67 -20.12 -3.62 17.63
C ASN A 67 -20.94 -4.10 18.84
N ASP A 68 -22.11 -3.48 19.09
CA ASP A 68 -22.92 -3.85 20.24
C ASP A 68 -23.51 -5.22 20.03
N PHE A 69 -24.04 -5.49 18.85
CA PHE A 69 -24.62 -6.80 18.59
C PHE A 69 -23.52 -7.88 18.48
N ILE A 70 -22.41 -7.54 17.84
CA ILE A 70 -21.22 -8.43 17.85
C ILE A 70 -20.72 -8.71 19.26
N ASP A 71 -20.68 -7.68 20.11
CA ASP A 71 -20.28 -7.83 21.53
C ASP A 71 -21.17 -8.78 22.31
N LYS A 72 -22.47 -8.69 22.10
CA LYS A 72 -23.38 -9.60 22.80
C LYS A 72 -23.12 -11.06 22.36
N ILE A 73 -22.97 -11.26 21.05
CA ILE A 73 -22.66 -12.59 20.48
C ILE A 73 -21.35 -13.13 21.04
N GLU A 74 -20.29 -12.32 21.10
CA GLU A 74 -19.00 -12.83 21.62
C GLU A 74 -19.08 -13.17 23.11
N GLU A 75 -19.83 -12.37 23.89
CA GLU A 75 -20.01 -12.62 25.36
C GLU A 75 -20.90 -13.81 25.65
N LEU A 76 -21.98 -13.95 24.91
CA LEU A 76 -22.80 -15.16 24.92
C LEU A 76 -22.02 -16.44 24.62
N CYS A 77 -21.05 -16.34 23.69
CA CYS A 77 -20.27 -17.51 23.28
C CYS A 77 -19.33 -17.89 24.39
N GLN A 78 -18.63 -16.91 24.96
CA GLN A 78 -17.69 -17.13 26.09
C GLN A 78 -18.40 -17.71 27.32
N LYS A 79 -19.59 -17.22 27.63
CA LYS A 79 -20.32 -17.69 28.81
C LYS A 79 -20.82 -19.14 28.57
N ARG A 80 -21.44 -19.38 27.40
CA ARG A 80 -21.90 -20.73 27.06
C ARG A 80 -20.75 -21.72 27.01
N ALA A 81 -19.55 -21.26 26.67
CA ALA A 81 -18.36 -22.12 26.67
C ALA A 81 -17.96 -22.57 28.06
N LEU A 82 -17.92 -21.61 28.97
CA LEU A 82 -17.57 -21.85 30.36
C LEU A 82 -18.65 -22.71 31.07
N GLU A 83 -19.91 -22.34 30.89
CA GLU A 83 -21.02 -23.21 31.30
C GLU A 83 -20.86 -24.65 30.78
N ALA A 84 -20.55 -24.81 29.49
CA ALA A 84 -20.47 -26.15 28.89
C ALA A 84 -19.38 -27.00 29.54
N PHE A 85 -18.22 -26.40 29.80
CA PHE A 85 -17.09 -27.12 30.41
C PHE A 85 -17.00 -27.05 31.94
N ASN A 86 -18.14 -26.74 32.59
CA ASN A 86 -18.30 -26.89 34.03
C ASN A 86 -17.26 -26.09 34.81
N VAL A 87 -17.05 -24.85 34.37
CA VAL A 87 -16.04 -23.97 34.94
C VAL A 87 -16.71 -22.67 35.35
N SER A 88 -16.27 -22.16 36.49
CA SER A 88 -16.73 -20.88 37.03
C SER A 88 -15.97 -19.79 36.31
N ASP A 89 -16.67 -18.76 35.82
CA ASP A 89 -16.02 -17.65 35.11
C ASP A 89 -15.14 -16.74 36.02
N GLU A 90 -15.23 -16.93 37.34
CA GLU A 90 -14.37 -16.22 38.29
C GLU A 90 -13.01 -16.90 38.28
N GLU A 91 -12.99 -18.23 38.09
CA GLU A 91 -11.76 -19.03 38.06
C GLU A 91 -11.17 -19.28 36.65
N TRP A 92 -12.03 -19.36 35.63
CA TRP A 92 -11.60 -19.68 34.25
C TRP A 92 -11.96 -18.60 33.27
N GLY A 93 -11.08 -18.36 32.32
CA GLY A 93 -11.41 -17.51 31.18
C GLY A 93 -11.38 -18.30 29.87
N VAL A 94 -12.09 -17.79 28.88
CA VAL A 94 -12.07 -18.37 27.53
C VAL A 94 -11.94 -17.30 26.43
N ASN A 95 -11.05 -17.56 25.48
CA ASN A 95 -10.96 -16.78 24.23
C ASN A 95 -11.57 -17.58 23.06
N VAL A 96 -12.51 -16.97 22.37
CA VAL A 96 -13.32 -17.63 21.35
C VAL A 96 -12.97 -17.19 19.91
N GLN A 97 -11.87 -16.46 19.77
CA GLN A 97 -11.49 -15.91 18.49
C GLN A 97 -10.57 -16.79 17.60
N PRO A 98 -9.78 -17.74 18.16
CA PRO A 98 -8.95 -18.52 17.25
C PRO A 98 -9.71 -19.17 16.09
N LEU A 99 -9.15 -19.03 14.89
CA LEU A 99 -9.86 -19.46 13.68
C LEU A 99 -9.85 -20.98 13.55
N SER A 100 -8.92 -21.66 14.19
CA SER A 100 -8.86 -23.12 14.10
C SER A 100 -7.90 -23.69 15.13
N GLY A 101 -7.90 -25.01 15.26
CA GLY A 101 -7.14 -25.67 16.31
C GLY A 101 -5.66 -25.37 16.34
N SER A 102 -5.02 -25.45 15.17
CA SER A 102 -3.58 -25.19 15.06
C SER A 102 -3.25 -23.73 15.46
N ALA A 103 -3.97 -22.77 14.91
CA ALA A 103 -3.81 -21.37 15.31
C ALA A 103 -3.92 -21.20 16.87
N ALA A 104 -4.97 -21.74 17.48
CA ALA A 104 -5.19 -21.73 18.93
C ALA A 104 -4.01 -22.25 19.71
N ASN A 105 -3.48 -23.41 19.31
CA ASN A 105 -2.31 -23.97 19.98
C ASN A 105 -1.04 -23.12 19.83
N VAL A 106 -0.76 -22.61 18.63
CA VAL A 106 0.42 -21.74 18.43
C VAL A 106 0.33 -20.43 19.26
N GLN A 107 -0.86 -19.87 19.34
CA GLN A 107 -1.13 -18.66 20.07
C GLN A 107 -0.97 -18.92 21.57
N ALA A 108 -1.69 -19.89 22.10
CA ALA A 108 -1.54 -20.26 23.51
C ALA A 108 -0.10 -20.56 23.89
N LEU A 109 0.60 -21.37 23.09
CA LEU A 109 2.00 -21.70 23.39
C LEU A 109 2.87 -20.45 23.37
N TYR A 110 2.65 -19.57 22.41
CA TYR A 110 3.41 -18.32 22.37
C TYR A 110 3.14 -17.46 23.65
N ALA A 111 1.87 -17.31 24.00
CA ALA A 111 1.47 -16.61 25.22
C ALA A 111 2.27 -17.09 26.45
N LEU A 112 2.36 -18.41 26.61
CA LEU A 112 3.00 -19.00 27.78
C LEU A 112 4.52 -18.96 27.75
N VAL A 113 5.14 -19.08 26.58
CA VAL A 113 6.57 -19.30 26.51
C VAL A 113 7.38 -18.27 25.72
N GLY A 114 6.74 -17.61 24.75
CA GLY A 114 7.44 -16.71 23.84
C GLY A 114 8.37 -17.42 22.86
N VAL A 115 8.95 -16.66 21.94
CA VAL A 115 9.87 -17.19 20.92
C VAL A 115 11.08 -17.82 21.64
N LYS A 116 11.61 -18.90 21.06
CA LYS A 116 12.68 -19.72 21.68
C LYS A 116 12.25 -20.48 22.95
N GLY A 117 11.02 -20.29 23.42
CA GLY A 117 10.56 -20.94 24.64
C GLY A 117 10.54 -22.46 24.51
N LYS A 118 10.55 -23.14 25.66
CA LYS A 118 10.75 -24.59 25.71
C LYS A 118 9.41 -25.31 25.89
N ILE A 119 9.11 -26.24 24.97
CA ILE A 119 7.88 -27.05 25.06
C ILE A 119 8.15 -28.57 24.97
N MET A 120 7.25 -29.35 25.51
CA MET A 120 7.32 -30.80 25.46
C MET A 120 5.95 -31.31 25.03
N GLY A 121 5.92 -32.15 24.01
CA GLY A 121 4.66 -32.75 23.54
C GLY A 121 4.86 -34.19 23.07
N MET A 122 3.75 -34.90 22.81
CA MET A 122 3.83 -36.27 22.29
C MET A 122 4.26 -36.26 20.83
N HIS A 123 5.14 -37.19 20.47
CA HIS A 123 5.58 -37.34 19.09
C HIS A 123 4.34 -37.56 18.17
N LEU A 124 4.41 -37.04 16.95
CA LEU A 124 3.32 -37.18 15.96
C LEU A 124 3.03 -38.65 15.67
N CYS A 125 4.09 -39.38 15.32
CA CYS A 125 4.08 -40.84 15.14
C CYS A 125 3.52 -41.67 16.31
N SER A 126 3.46 -41.10 17.52
CA SER A 126 2.86 -41.77 18.67
C SER A 126 1.47 -41.25 19.02
N GLY A 127 0.91 -40.35 18.21
CA GLY A 127 -0.45 -39.85 18.43
C GLY A 127 -0.57 -38.40 18.87
N GLY A 128 0.55 -37.68 18.98
CA GLY A 128 0.52 -36.23 19.22
C GLY A 128 0.14 -35.44 17.97
N HIS A 129 -0.27 -34.18 18.17
CA HIS A 129 -0.52 -33.29 17.06
C HIS A 129 0.74 -32.63 16.54
N LEU A 130 0.66 -32.19 15.28
CA LEU A 130 1.71 -31.39 14.62
C LEU A 130 2.12 -30.17 15.46
N THR A 131 1.13 -29.49 16.04
CA THR A 131 1.34 -28.27 16.87
C THR A 131 1.81 -28.54 18.30
N HIS A 132 2.15 -29.80 18.60
CA HIS A 132 2.69 -30.19 19.88
C HIS A 132 4.21 -30.31 19.77
N GLY A 133 4.78 -29.64 18.80
CA GLY A 133 6.21 -29.51 18.69
C GLY A 133 6.85 -30.38 17.65
N PHE A 134 6.09 -30.84 16.66
CA PHE A 134 6.60 -31.84 15.74
C PHE A 134 7.74 -31.36 14.86
N PHE A 135 8.83 -32.14 14.86
CA PHE A 135 9.90 -32.03 13.85
C PHE A 135 10.35 -33.41 13.36
N ASP A 136 11.19 -33.41 12.33
CA ASP A 136 11.83 -34.63 11.79
C ASP A 136 13.30 -34.30 11.57
N GLU A 137 14.16 -35.32 11.57
CA GLU A 137 15.59 -35.16 11.28
C GLU A 137 15.81 -34.24 10.07
N LYS A 138 14.99 -34.41 9.04
CA LYS A 138 15.03 -33.58 7.83
C LYS A 138 14.69 -32.11 8.12
N LYS A 139 13.63 -31.86 8.88
CA LYS A 139 13.12 -30.49 9.01
C LYS A 139 12.27 -30.24 10.27
N LYS A 140 12.26 -28.98 10.69
CA LYS A 140 11.32 -28.49 11.70
C LYS A 140 9.97 -28.32 11.00
N VAL A 141 9.18 -29.39 11.00
CA VAL A 141 7.95 -29.53 10.21
C VAL A 141 6.86 -28.55 10.69
N SER A 142 6.67 -28.47 12.00
CA SER A 142 5.72 -27.51 12.55
C SER A 142 6.46 -26.24 12.90
N ILE A 143 5.75 -25.11 12.88
CA ILE A 143 6.28 -23.88 13.46
C ILE A 143 6.54 -24.07 14.95
N THR A 144 5.73 -24.91 15.61
CA THR A 144 5.87 -25.17 17.04
C THR A 144 7.21 -25.83 17.39
N SER A 145 7.87 -26.44 16.43
CA SER A 145 9.23 -26.94 16.65
C SER A 145 10.32 -25.95 16.24
N ASP A 146 9.91 -24.82 15.67
CA ASP A 146 10.83 -23.84 15.07
C ASP A 146 10.84 -22.51 15.80
N MET A 147 9.66 -21.97 16.10
CA MET A 147 9.56 -20.75 16.89
C MET A 147 9.75 -21.06 18.36
N PHE A 148 9.58 -22.34 18.71
CA PHE A 148 9.85 -22.85 20.03
C PHE A 148 10.96 -23.88 19.90
N GLU A 149 11.54 -24.22 21.05
CA GLU A 149 12.50 -25.32 21.16
C GLU A 149 11.73 -26.46 21.83
N SER A 150 11.49 -27.53 21.09
CA SER A 150 10.64 -28.63 21.55
C SER A 150 11.41 -29.93 21.73
N LYS A 151 10.87 -30.78 22.59
CA LYS A 151 11.35 -32.12 22.82
C LYS A 151 10.12 -33.01 22.85
N LEU A 152 10.23 -34.22 22.33
CA LEU A 152 9.05 -35.06 22.07
C LEU A 152 9.14 -36.38 22.80
N TYR A 153 8.06 -36.73 23.49
CA TYR A 153 7.98 -38.01 24.19
C TYR A 153 7.16 -39.03 23.39
N LYS A 154 7.57 -40.29 23.52
CA LYS A 154 6.92 -41.41 22.84
C LYS A 154 5.99 -42.12 23.80
N CYS A 155 5.09 -42.95 23.25
CA CYS A 155 4.31 -43.89 24.04
C CYS A 155 5.15 -45.16 24.12
N ASN A 156 4.82 -46.05 25.05
CA ASN A 156 5.54 -47.36 25.16
C ASN A 156 5.18 -48.34 24.03
N SER A 157 5.77 -49.54 24.08
CA SER A 157 5.53 -50.59 23.08
C SER A 157 4.07 -51.10 23.03
N GLN A 158 3.30 -50.93 24.12
CA GLN A 158 1.85 -51.25 24.15
C GLN A 158 0.90 -50.09 23.76
N GLY A 159 1.44 -48.96 23.33
CA GLY A 159 0.66 -47.78 22.90
C GLY A 159 0.18 -46.85 24.01
N TYR A 160 0.87 -46.88 25.15
CA TYR A 160 0.48 -46.07 26.30
C TYR A 160 1.52 -44.99 26.55
N VAL A 161 1.05 -43.82 26.97
CA VAL A 161 1.91 -42.74 27.44
C VAL A 161 2.81 -43.29 28.55
N ASP A 162 4.11 -43.10 28.42
CA ASP A 162 5.08 -43.58 29.40
C ASP A 162 5.49 -42.45 30.33
N LEU A 163 4.80 -42.33 31.46
CA LEU A 163 5.01 -41.20 32.41
C LEU A 163 6.41 -41.12 32.99
N ASP A 164 7.02 -42.28 33.23
CA ASP A 164 8.42 -42.37 33.66
C ASP A 164 9.37 -41.71 32.66
N ALA A 165 9.14 -41.96 31.37
CA ALA A 165 9.92 -41.33 30.31
C ALA A 165 9.62 -39.84 30.19
N VAL A 166 8.37 -39.43 30.40
CA VAL A 166 7.99 -38.01 30.47
C VAL A 166 8.72 -37.27 31.61
N ARG A 167 8.71 -37.90 32.79
CA ARG A 167 9.46 -37.41 33.96
C ARG A 167 10.96 -37.30 33.66
N GLU A 168 11.58 -38.38 33.20
CA GLU A 168 13.00 -38.36 32.82
C GLU A 168 13.31 -37.18 31.88
N MET A 169 12.44 -36.96 30.90
CA MET A 169 12.67 -35.95 29.87
C MET A 169 12.48 -34.54 30.42
N ALA A 170 11.38 -34.32 31.15
CA ALA A 170 11.13 -33.03 31.79
C ALA A 170 12.27 -32.53 32.72
N LEU A 171 12.85 -33.42 33.53
CA LEU A 171 13.93 -33.08 34.48
C LEU A 171 15.26 -32.71 33.79
N SER A 172 15.57 -33.39 32.71
CA SER A 172 16.75 -33.06 31.91
C SER A 172 16.51 -31.87 30.96
N PHE A 173 15.29 -31.78 30.40
CA PHE A 173 14.97 -30.75 29.41
C PHE A 173 14.47 -29.42 30.02
N LYS A 174 13.83 -29.47 31.18
CA LYS A 174 13.35 -28.28 31.92
C LYS A 174 12.45 -27.38 31.08
N PRO A 175 11.37 -27.94 30.53
CA PRO A 175 10.51 -27.11 29.66
C PRO A 175 9.64 -26.15 30.45
N LYS A 176 9.15 -25.10 29.77
CA LYS A 176 8.19 -24.18 30.36
C LYS A 176 6.75 -24.63 30.11
N VAL A 177 6.52 -25.53 29.15
CA VAL A 177 5.19 -26.13 28.94
C VAL A 177 5.28 -27.63 28.65
N ILE A 178 4.31 -28.40 29.16
CA ILE A 178 4.19 -29.82 28.79
C ILE A 178 2.80 -30.02 28.25
N ILE A 179 2.71 -30.55 27.03
CA ILE A 179 1.43 -30.70 26.34
C ILE A 179 0.92 -32.12 26.47
N CYS A 180 -0.38 -32.25 26.78
CA CYS A 180 -1.05 -33.52 26.76
C CYS A 180 -2.41 -33.35 26.14
N GLY A 181 -3.03 -34.48 25.78
CA GLY A 181 -4.25 -34.50 24.93
C GLY A 181 -3.78 -34.63 23.49
N TYR A 182 -4.37 -35.57 22.73
CA TYR A 182 -3.71 -36.08 21.51
C TYR A 182 -4.62 -36.25 20.31
N THR A 183 -4.03 -36.59 19.17
CA THR A 183 -4.82 -36.69 17.94
C THR A 183 -5.32 -38.09 17.70
N SER A 184 -4.55 -39.11 18.10
CA SER A 184 -5.02 -40.49 17.97
C SER A 184 -4.52 -41.37 19.09
N TYR A 185 -5.05 -41.11 20.28
CA TYR A 185 -4.72 -41.84 21.49
C TYR A 185 -6.01 -42.47 21.94
N PRO A 186 -6.05 -43.82 21.97
CA PRO A 186 -7.31 -44.51 22.25
C PRO A 186 -7.74 -44.58 23.73
N ARG A 187 -6.92 -44.03 24.66
CA ARG A 187 -7.22 -44.10 26.10
C ARG A 187 -7.32 -42.72 26.81
N ASP A 188 -7.89 -42.75 28.01
CA ASP A 188 -8.03 -41.54 28.84
C ASP A 188 -6.64 -41.11 29.36
N ILE A 189 -6.59 -39.91 29.90
CA ILE A 189 -5.34 -39.28 30.26
C ILE A 189 -5.26 -39.08 31.77
N ASP A 190 -4.08 -39.34 32.32
CA ASP A 190 -3.82 -39.12 33.74
C ASP A 190 -3.27 -37.70 33.90
N TYR A 191 -4.20 -36.73 33.91
CA TYR A 191 -3.86 -35.30 34.02
C TYR A 191 -3.28 -34.98 35.39
N GLN A 192 -3.80 -35.64 36.43
CA GLN A 192 -3.25 -35.52 37.78
C GLN A 192 -1.75 -35.82 37.78
N GLN A 193 -1.37 -36.94 37.20
CA GLN A 193 0.04 -37.28 37.11
C GLN A 193 0.82 -36.30 36.28
N PHE A 194 0.23 -35.74 35.22
CA PHE A 194 0.91 -34.69 34.44
C PHE A 194 1.17 -33.41 35.26
N ARG A 195 0.17 -33.00 36.03
CA ARG A 195 0.21 -31.79 36.88
C ARG A 195 1.30 -31.88 37.96
N GLN A 196 1.42 -33.06 38.55
CA GLN A 196 2.49 -33.40 39.49
C GLN A 196 3.87 -33.28 38.86
N ILE A 197 4.01 -33.68 37.60
CA ILE A 197 5.30 -33.57 36.88
C ILE A 197 5.62 -32.12 36.51
N CYS A 198 4.59 -31.34 36.17
CA CYS A 198 4.79 -29.94 35.79
C CYS A 198 5.23 -29.10 37.01
N ASP A 199 4.54 -29.27 38.13
CA ASP A 199 4.95 -28.74 39.45
C ASP A 199 6.41 -29.06 39.80
N GLU A 200 6.83 -30.30 39.54
CA GLU A 200 8.19 -30.76 39.87
C GLU A 200 9.29 -30.00 39.14
N VAL A 201 8.99 -29.53 37.93
CA VAL A 201 9.94 -28.81 37.08
C VAL A 201 9.56 -27.32 36.91
N ASN A 202 8.37 -26.94 37.39
CA ASN A 202 7.79 -25.58 37.28
C ASN A 202 7.18 -25.19 35.90
N ALA A 203 6.88 -26.20 35.07
CA ALA A 203 6.28 -25.97 33.74
C ALA A 203 4.77 -25.76 33.83
N TYR A 204 4.18 -25.11 32.83
CA TYR A 204 2.72 -25.04 32.70
C TYR A 204 2.13 -26.38 32.18
N LEU A 205 0.87 -26.68 32.51
CA LEU A 205 0.18 -27.87 32.00
C LEU A 205 -0.83 -27.47 30.95
N PHE A 206 -0.58 -27.93 29.73
CA PHE A 206 -1.40 -27.60 28.56
C PHE A 206 -2.13 -28.88 28.17
N ALA A 207 -3.44 -28.86 28.24
CA ALA A 207 -4.30 -29.93 27.78
C ALA A 207 -5.03 -29.60 26.45
N ASP A 208 -4.65 -30.27 25.36
CA ASP A 208 -5.37 -30.15 24.06
C ASP A 208 -6.37 -31.24 24.01
N ILE A 209 -7.64 -30.89 24.18
CA ILE A 209 -8.70 -31.88 24.30
C ILE A 209 -9.64 -31.93 23.07
N SER A 210 -9.16 -31.44 21.93
CA SER A 210 -9.95 -31.37 20.68
C SER A 210 -10.70 -32.63 20.30
N HIS A 211 -10.04 -33.78 20.41
CA HIS A 211 -10.67 -35.09 20.16
C HIS A 211 -11.67 -35.62 21.18
N ILE A 212 -11.53 -35.18 22.43
CA ILE A 212 -12.30 -35.74 23.53
C ILE A 212 -13.14 -34.69 24.25
N SER A 213 -13.31 -33.54 23.61
CA SER A 213 -13.91 -32.36 24.25
C SER A 213 -15.25 -32.68 24.87
N SER A 214 -16.12 -33.34 24.12
CA SER A 214 -17.44 -33.74 24.59
C SER A 214 -17.42 -34.73 25.76
N PHE A 215 -16.36 -35.51 25.89
CA PHE A 215 -16.23 -36.43 27.01
C PHE A 215 -15.86 -35.67 28.28
N VAL A 216 -15.12 -34.57 28.13
CA VAL A 216 -14.75 -33.74 29.25
C VAL A 216 -15.99 -32.94 29.65
N ALA A 217 -16.64 -32.31 28.67
CA ALA A 217 -17.82 -31.51 28.95
C ALA A 217 -18.92 -32.25 29.66
N CYS A 218 -19.15 -33.51 29.29
CA CYS A 218 -20.23 -34.33 29.84
C CYS A 218 -19.83 -35.23 31.03
N ASN A 219 -18.64 -35.03 31.59
CA ASN A 219 -18.16 -35.79 32.76
C ASN A 219 -18.10 -37.32 32.58
N ILE A 220 -17.76 -37.74 31.36
CA ILE A 220 -17.65 -39.15 30.99
C ILE A 220 -16.21 -39.59 31.08
N LEU A 221 -15.27 -38.69 30.79
CA LEU A 221 -13.86 -38.99 30.98
C LEU A 221 -13.28 -38.03 32.01
N ASN A 222 -12.04 -38.25 32.39
CA ASN A 222 -11.33 -37.39 33.31
C ASN A 222 -11.41 -35.92 32.89
N ASN A 223 -11.24 -35.05 33.87
CA ASN A 223 -11.46 -33.63 33.73
C ASN A 223 -10.11 -32.95 33.82
N PRO A 224 -9.65 -32.36 32.71
CA PRO A 224 -8.37 -31.73 32.79
C PRO A 224 -8.44 -30.35 33.47
N PHE A 225 -9.64 -29.76 33.58
CA PHE A 225 -9.82 -28.43 34.17
C PHE A 225 -9.51 -28.42 35.68
N LEU A 226 -9.49 -29.59 36.32
CA LEU A 226 -9.04 -29.73 37.69
C LEU A 226 -7.55 -29.52 37.86
N HIS A 227 -6.75 -29.84 36.84
CA HIS A 227 -5.29 -29.83 36.92
C HIS A 227 -4.56 -28.88 35.97
N ALA A 228 -5.18 -28.50 34.85
CA ALA A 228 -4.47 -27.77 33.79
C ALA A 228 -4.49 -26.25 33.97
N ASP A 229 -3.41 -25.63 33.51
CA ASP A 229 -3.31 -24.19 33.36
C ASP A 229 -3.99 -23.67 32.11
N VAL A 230 -3.84 -24.39 30.99
CA VAL A 230 -4.50 -24.04 29.74
C VAL A 230 -5.21 -25.25 29.14
N VAL A 231 -6.44 -25.07 28.68
CA VAL A 231 -7.14 -26.07 27.91
C VAL A 231 -7.50 -25.49 26.53
N THR A 232 -7.02 -26.12 25.45
CA THR A 232 -7.49 -25.79 24.09
C THR A 232 -8.38 -26.87 23.51
N THR A 233 -9.29 -26.45 22.66
CA THR A 233 -10.12 -27.38 21.95
C THR A 233 -10.69 -26.80 20.66
N THR A 234 -10.76 -27.66 19.65
CA THR A 234 -11.48 -27.35 18.44
C THR A 234 -12.94 -27.50 18.74
N THR A 235 -13.78 -26.90 17.93
CA THR A 235 -15.24 -26.97 18.10
C THR A 235 -15.89 -27.88 17.05
N HIS A 236 -15.09 -28.46 16.14
CA HIS A 236 -15.64 -29.16 14.94
C HIS A 236 -15.63 -30.68 14.97
N LYS A 237 -14.86 -31.28 15.88
CA LYS A 237 -14.81 -32.73 15.93
C LYS A 237 -16.01 -33.23 16.74
N ILE A 238 -15.78 -33.99 17.81
CA ILE A 238 -16.86 -34.64 18.59
C ILE A 238 -17.87 -33.62 19.15
N LEU A 239 -17.40 -32.41 19.41
CA LEU A 239 -18.30 -31.33 19.85
C LEU A 239 -19.37 -30.96 18.84
N ARG A 240 -19.10 -31.23 17.57
CA ARG A 240 -20.08 -31.10 16.51
C ARG A 240 -20.43 -29.65 16.20
N GLY A 241 -19.44 -28.76 16.31
CA GLY A 241 -19.64 -27.34 15.99
C GLY A 241 -19.03 -26.97 14.65
N PRO A 242 -18.84 -25.66 14.44
CA PRO A 242 -18.15 -25.22 13.23
C PRO A 242 -16.68 -25.41 13.36
N ARG A 243 -15.97 -25.15 12.27
CA ARG A 243 -14.54 -25.19 12.31
C ARG A 243 -14.05 -23.92 13.04
N SER A 244 -13.66 -24.08 14.29
CA SER A 244 -13.12 -23.00 15.10
C SER A 244 -12.38 -23.59 16.28
N ALA A 245 -11.91 -22.73 17.19
CA ALA A 245 -11.27 -23.20 18.42
C ALA A 245 -11.41 -22.30 19.65
N LEU A 246 -11.13 -22.89 20.82
CA LEU A 246 -11.26 -22.24 22.11
C LEU A 246 -9.97 -22.42 22.88
N ILE A 247 -9.54 -21.36 23.52
CA ILE A 247 -8.45 -21.44 24.45
C ILE A 247 -9.06 -21.08 25.81
N PHE A 248 -8.98 -22.04 26.75
CA PHE A 248 -9.28 -21.80 28.18
C PHE A 248 -8.01 -21.58 29.02
N PHE A 249 -8.09 -20.67 29.99
CA PHE A 249 -6.95 -20.34 30.85
C PHE A 249 -7.36 -20.24 32.34
N ASN A 250 -6.54 -20.78 33.22
CA ASN A 250 -6.86 -20.83 34.65
C ASN A 250 -6.38 -19.52 35.30
N LYS A 251 -7.29 -18.58 35.53
CA LYS A 251 -6.94 -17.30 36.17
C LYS A 251 -6.36 -17.48 37.59
N LYS A 252 -6.99 -18.33 38.40
CA LYS A 252 -6.58 -18.52 39.83
C LYS A 252 -5.17 -19.04 40.03
N ARG A 253 -4.80 -20.03 39.23
CA ARG A 253 -3.45 -20.58 39.28
C ARG A 253 -2.44 -19.62 38.66
N ASN A 254 -2.88 -18.76 37.73
CA ASN A 254 -1.97 -17.87 36.99
C ASN A 254 -2.60 -16.49 36.80
N PRO A 255 -2.55 -15.64 37.85
CA PRO A 255 -3.01 -14.26 37.68
C PRO A 255 -2.26 -13.58 36.53
N GLY A 256 -2.97 -12.80 35.72
CA GLY A 256 -2.37 -12.15 34.56
C GLY A 256 -2.17 -13.00 33.30
N ILE A 257 -2.58 -14.28 33.32
CA ILE A 257 -2.62 -15.13 32.12
C ILE A 257 -3.67 -14.63 31.13
N GLU A 258 -4.77 -14.12 31.64
CA GLU A 258 -5.85 -13.61 30.79
C GLU A 258 -5.39 -12.62 29.73
N GLN A 259 -4.53 -11.68 30.14
CA GLN A 259 -3.98 -10.69 29.21
C GLN A 259 -2.96 -11.31 28.22
N LYS A 260 -2.10 -12.19 28.71
CA LYS A 260 -1.14 -12.90 27.87
C LYS A 260 -1.82 -13.68 26.72
N ILE A 261 -2.88 -14.41 27.03
CA ILE A 261 -3.59 -15.17 26.03
C ILE A 261 -4.40 -14.29 25.09
N ASN A 262 -5.15 -13.32 25.62
CA ASN A 262 -5.94 -12.48 24.74
C ASN A 262 -5.05 -11.67 23.78
N SER A 263 -3.90 -11.21 24.25
CA SER A 263 -3.02 -10.40 23.41
C SER A 263 -2.27 -11.29 22.41
N ALA A 264 -2.05 -12.55 22.76
CA ALA A 264 -1.49 -13.54 21.85
C ALA A 264 -2.37 -13.81 20.64
N VAL A 265 -3.66 -13.96 20.87
CA VAL A 265 -4.62 -14.17 19.81
C VAL A 265 -4.75 -12.92 18.95
N PHE A 266 -4.99 -11.77 19.60
CA PHE A 266 -4.98 -10.47 18.91
C PHE A 266 -4.31 -9.43 19.82
N PRO A 267 -3.39 -8.61 19.32
CA PRO A 267 -3.04 -8.49 17.93
C PRO A 267 -1.72 -9.19 17.52
N SER A 268 -1.19 -10.05 18.38
CA SER A 268 0.02 -10.78 18.04
C SER A 268 -0.12 -11.66 16.74
N PHE A 269 -1.19 -12.45 16.62
CA PHE A 269 -1.38 -13.44 15.54
C PHE A 269 -2.51 -13.16 14.57
N GLN A 270 -3.70 -12.84 15.05
CA GLN A 270 -4.87 -12.61 14.19
C GLN A 270 -5.21 -11.15 14.00
N GLY A 271 -6.12 -10.89 13.07
CA GLY A 271 -6.71 -9.60 12.87
C GLY A 271 -8.17 -9.67 13.28
N GLY A 272 -9.05 -9.35 12.33
CA GLY A 272 -10.49 -9.49 12.52
C GLY A 272 -10.96 -10.89 12.85
N PRO A 273 -11.74 -11.05 13.95
CA PRO A 273 -12.38 -12.33 14.20
C PRO A 273 -13.43 -12.60 13.17
N HIS A 274 -13.80 -13.87 13.03
CA HIS A 274 -14.82 -14.24 12.09
C HIS A 274 -16.08 -14.48 12.86
N ASN A 275 -16.97 -13.49 12.83
CA ASN A 275 -18.13 -13.51 13.69
C ASN A 275 -19.18 -14.52 13.31
N ASN A 276 -19.19 -14.97 12.07
CA ASN A 276 -20.08 -16.09 11.69
C ASN A 276 -19.70 -17.37 12.43
N LYS A 277 -18.39 -17.61 12.58
CA LYS A 277 -17.84 -18.69 13.41
C LYS A 277 -18.28 -18.61 14.86
N ILE A 278 -18.12 -17.44 15.47
CA ILE A 278 -18.41 -17.25 16.88
C ILE A 278 -19.92 -17.44 17.11
N ALA A 279 -20.73 -16.82 16.28
CA ALA A 279 -22.15 -17.09 16.26
C ALA A 279 -22.47 -18.58 16.19
N ALA A 280 -21.87 -19.29 15.24
CA ALA A 280 -22.11 -20.73 15.10
C ALA A 280 -21.63 -21.47 16.34
N VAL A 281 -20.52 -21.06 16.91
CA VAL A 281 -20.02 -21.73 18.09
C VAL A 281 -20.99 -21.55 19.25
N ALA A 282 -21.57 -20.35 19.39
CA ALA A 282 -22.64 -20.09 20.39
C ALA A 282 -23.80 -21.05 20.23
N CYS A 283 -24.23 -21.24 19.00
CA CYS A 283 -25.37 -22.08 18.69
C CYS A 283 -25.13 -23.53 19.11
N GLN A 284 -23.95 -24.05 18.80
CA GLN A 284 -23.67 -25.42 19.17
C GLN A 284 -23.46 -25.59 20.68
N LEU A 285 -22.79 -24.65 21.31
CA LEU A 285 -22.53 -24.75 22.75
C LEU A 285 -23.81 -24.83 23.59
N LYS A 286 -24.91 -24.25 23.09
CA LYS A 286 -26.21 -24.38 23.72
C LYS A 286 -26.75 -25.80 23.62
N GLU A 287 -26.61 -26.42 22.45
CA GLU A 287 -26.84 -27.87 22.30
C GLU A 287 -25.89 -28.71 23.20
N VAL A 288 -24.63 -28.33 23.34
CA VAL A 288 -23.70 -29.12 24.15
C VAL A 288 -24.15 -29.22 25.61
N HIS A 289 -24.70 -28.14 26.17
CA HIS A 289 -25.11 -28.13 27.59
C HIS A 289 -26.50 -28.74 27.90
N SER A 290 -27.18 -29.27 26.88
CA SER A 290 -28.41 -30.02 27.07
C SER A 290 -28.10 -31.46 27.49
N PRO A 291 -29.07 -32.15 28.15
CA PRO A 291 -28.86 -33.56 28.50
C PRO A 291 -29.03 -34.49 27.29
N ALA A 292 -29.81 -34.04 26.29
CA ALA A 292 -29.88 -34.65 24.97
C ALA A 292 -28.50 -34.90 24.31
N PHE A 293 -27.56 -33.97 24.50
CA PHE A 293 -26.22 -34.08 23.93
C PHE A 293 -25.34 -35.02 24.77
N LYS A 294 -25.54 -35.02 26.09
CA LYS A 294 -24.90 -36.03 26.94
C LYS A 294 -25.33 -37.42 26.44
N GLU A 295 -26.61 -37.58 26.07
CA GLU A 295 -27.07 -38.84 25.48
C GLU A 295 -26.24 -39.21 24.23
N TYR A 296 -26.11 -38.27 23.30
CA TYR A 296 -25.33 -38.47 22.06
C TYR A 296 -23.90 -38.84 22.36
N THR A 297 -23.22 -38.09 23.22
CA THR A 297 -21.83 -38.40 23.59
C THR A 297 -21.68 -39.80 24.20
N GLN A 298 -22.61 -40.16 25.10
CA GLN A 298 -22.65 -41.51 25.70
C GLN A 298 -22.74 -42.56 24.61
N GLN A 299 -23.63 -42.34 23.63
CA GLN A 299 -23.74 -43.26 22.49
C GLN A 299 -22.44 -43.41 21.68
N VAL A 300 -21.69 -42.32 21.56
CA VAL A 300 -20.44 -42.32 20.81
C VAL A 300 -19.54 -43.37 21.44
N LEU A 301 -19.48 -43.35 22.77
CA LEU A 301 -18.60 -44.24 23.50
C LEU A 301 -19.15 -45.67 23.43
N LEU A 302 -20.46 -45.85 23.57
CA LEU A 302 -21.10 -47.17 23.48
C LEU A 302 -20.80 -47.79 22.10
N ASN A 303 -21.01 -47.05 21.01
CA ASN A 303 -20.65 -47.52 19.64
C ASN A 303 -19.16 -47.85 19.49
N SER A 304 -18.30 -47.05 20.13
CA SER A 304 -16.87 -47.27 20.06
C SER A 304 -16.45 -48.56 20.80
N LYS A 305 -17.08 -48.83 21.94
CA LYS A 305 -16.81 -50.08 22.69
C LYS A 305 -17.31 -51.24 21.86
N ALA A 306 -18.53 -51.08 21.34
CA ALA A 306 -19.14 -52.14 20.56
C ALA A 306 -18.32 -52.44 19.31
N LEU A 307 -17.79 -51.40 18.67
CA LEU A 307 -16.95 -51.59 17.49
C LEU A 307 -15.63 -52.25 17.79
N ALA A 308 -15.03 -51.87 18.90
CA ALA A 308 -13.75 -52.46 19.31
C ALA A 308 -13.89 -53.94 19.59
N LYS A 309 -14.96 -54.27 20.30
CA LYS A 309 -15.30 -55.64 20.66
C LYS A 309 -15.58 -56.51 19.41
N ALA A 310 -16.31 -55.95 18.44
CA ALA A 310 -16.66 -56.69 17.21
C ALA A 310 -15.41 -56.89 16.36
N LEU A 311 -14.52 -55.90 16.33
CA LEU A 311 -13.28 -56.06 15.57
C LEU A 311 -12.39 -57.15 16.17
N ILE A 312 -12.29 -57.16 17.50
CA ILE A 312 -11.53 -58.18 18.24
C ILE A 312 -12.16 -59.57 18.06
N SER A 313 -13.49 -59.66 18.16
CA SER A 313 -14.22 -60.89 17.80
C SER A 313 -13.83 -61.49 16.44
N LYS A 314 -13.48 -60.64 15.46
CA LYS A 314 -13.01 -61.06 14.13
C LYS A 314 -11.51 -61.13 14.03
N GLN A 315 -10.84 -61.26 15.17
CA GLN A 315 -9.36 -61.40 15.24
C GLN A 315 -8.56 -60.27 14.59
N ILE A 316 -9.09 -59.04 14.68
CA ILE A 316 -8.39 -57.84 14.27
C ILE A 316 -7.81 -57.22 15.55
N ASP A 317 -6.51 -56.92 15.53
CA ASP A 317 -5.79 -56.29 16.65
C ASP A 317 -5.96 -54.74 16.74
N LEU A 318 -6.20 -54.24 17.97
CA LEU A 318 -6.36 -52.82 18.28
C LEU A 318 -5.21 -52.34 19.16
N VAL A 319 -4.68 -51.14 18.91
CA VAL A 319 -3.56 -50.63 19.72
C VAL A 319 -4.12 -50.38 21.11
N THR A 320 -3.37 -50.83 22.12
CA THR A 320 -3.78 -50.90 23.54
C THR A 320 -4.94 -51.88 23.79
N ASN A 321 -5.22 -52.73 22.80
CA ASN A 321 -6.30 -53.73 22.84
C ASN A 321 -7.69 -53.25 23.21
N GLY A 322 -7.98 -51.98 22.95
CA GLY A 322 -9.28 -51.41 23.25
C GLY A 322 -9.30 -49.90 23.22
N THR A 323 -10.40 -49.38 23.70
CA THR A 323 -10.60 -47.96 23.73
C THR A 323 -11.37 -47.46 24.97
N ASP A 324 -10.98 -46.29 25.48
CA ASP A 324 -11.76 -45.60 26.52
C ASP A 324 -12.58 -44.47 25.96
N ASN A 325 -12.41 -44.17 24.68
CA ASN A 325 -13.07 -43.02 24.08
C ASN A 325 -13.73 -43.40 22.74
N HIS A 326 -13.90 -42.38 21.90
CA HIS A 326 -14.48 -42.43 20.55
C HIS A 326 -13.64 -43.08 19.43
N LEU A 327 -12.38 -43.39 19.68
CA LEU A 327 -11.51 -43.81 18.63
C LEU A 327 -10.69 -45.07 18.89
N ILE A 328 -10.40 -45.72 17.78
CA ILE A 328 -9.72 -47.00 17.77
C ILE A 328 -8.63 -46.90 16.75
N VAL A 329 -7.45 -47.46 17.05
CA VAL A 329 -6.38 -47.59 16.07
C VAL A 329 -6.22 -49.09 15.80
N VAL A 330 -6.35 -49.50 14.55
CA VAL A 330 -6.22 -50.91 14.15
C VAL A 330 -4.78 -51.15 13.75
N ASP A 331 -4.17 -52.18 14.34
CA ASP A 331 -2.83 -52.65 14.00
C ASP A 331 -2.98 -53.74 12.92
N LEU A 332 -2.51 -53.43 11.71
CA LEU A 332 -2.66 -54.32 10.54
C LEU A 332 -1.47 -55.25 10.26
N ARG A 333 -0.52 -55.37 11.19
CA ARG A 333 0.71 -56.18 10.97
C ARG A 333 0.51 -57.67 10.73
N LYS A 334 -0.51 -58.28 11.35
CA LYS A 334 -0.78 -59.72 11.14
C LYS A 334 -1.25 -60.07 9.70
N PHE A 335 -1.74 -59.07 8.97
CA PHE A 335 -2.17 -59.25 7.59
C PHE A 335 -1.09 -58.89 6.57
N SER A 336 -0.05 -58.15 6.99
CA SER A 336 1.07 -57.75 6.14
C SER A 336 0.60 -56.83 5.01
N ILE A 337 -0.30 -55.92 5.37
CA ILE A 337 -0.75 -54.84 4.50
C ILE A 337 -0.54 -53.52 5.24
N THR A 338 -0.14 -52.49 4.51
CA THR A 338 0.09 -51.17 5.13
C THR A 338 -1.23 -50.44 5.34
N GLY A 339 -1.17 -49.34 6.11
CA GLY A 339 -2.33 -48.51 6.36
C GLY A 339 -2.86 -47.80 5.12
N SER A 340 -1.95 -47.32 4.27
CA SER A 340 -2.33 -46.61 3.04
C SER A 340 -3.04 -47.52 2.04
N LYS A 341 -2.64 -48.78 1.95
CA LYS A 341 -3.37 -49.75 1.10
C LYS A 341 -4.81 -49.95 1.53
N LEU A 342 -5.06 -50.09 2.85
CA LEU A 342 -6.42 -50.22 3.36
C LEU A 342 -7.24 -48.93 3.24
N GLN A 343 -6.60 -47.79 3.42
CA GLN A 343 -7.27 -46.50 3.14
C GLN A 343 -7.72 -46.44 1.66
N GLU A 344 -6.82 -46.79 0.76
CA GLU A 344 -7.19 -46.86 -0.69
C GLU A 344 -8.33 -47.82 -0.93
N THR A 345 -8.24 -49.04 -0.38
CA THR A 345 -9.33 -49.97 -0.47
C THR A 345 -10.65 -49.43 0.09
N CYS A 346 -10.58 -48.73 1.22
CA CYS A 346 -11.79 -48.22 1.90
C CYS A 346 -12.40 -47.05 1.15
N ASN A 347 -11.54 -46.23 0.53
CA ASN A 347 -12.01 -45.15 -0.39
C ASN A 347 -12.86 -45.74 -1.51
N ALA A 348 -12.37 -46.82 -2.13
CA ALA A 348 -13.10 -47.50 -3.21
C ALA A 348 -14.48 -48.04 -2.77
N ILE A 349 -14.69 -48.22 -1.45
CA ILE A 349 -15.99 -48.70 -1.00
C ILE A 349 -16.81 -47.70 -0.19
N ASN A 350 -16.47 -46.41 -0.34
CA ASN A 350 -17.11 -45.32 0.40
C ASN A 350 -17.04 -45.47 1.93
N VAL A 351 -15.89 -45.93 2.38
CA VAL A 351 -15.62 -45.97 3.80
C VAL A 351 -14.49 -44.99 4.00
N SER A 352 -14.76 -43.97 4.80
CA SER A 352 -13.74 -42.96 5.10
C SER A 352 -12.99 -43.25 6.39
N LEU A 353 -11.68 -43.45 6.29
CA LEU A 353 -10.80 -43.64 7.43
C LEU A 353 -9.41 -43.19 7.02
N ASN A 354 -8.48 -43.09 7.98
CA ASN A 354 -7.14 -42.62 7.68
C ASN A 354 -6.08 -43.53 8.17
N LYS A 355 -4.97 -43.51 7.45
CA LYS A 355 -3.79 -44.23 7.84
C LYS A 355 -3.21 -43.64 9.12
N ASN A 356 -2.60 -44.50 9.92
CA ASN A 356 -2.16 -44.06 11.23
C ASN A 356 -0.99 -44.93 11.69
N THR A 357 -0.01 -44.27 12.29
CA THR A 357 1.14 -44.97 12.86
C THR A 357 0.77 -45.85 14.05
N ILE A 358 1.63 -46.80 14.38
CA ILE A 358 1.49 -47.64 15.56
C ILE A 358 2.85 -47.68 16.30
N PRO A 359 2.89 -48.11 17.57
CA PRO A 359 4.15 -48.09 18.36
C PRO A 359 5.38 -48.72 17.69
N SER A 360 5.18 -49.83 17.00
CA SER A 360 6.29 -50.51 16.30
C SER A 360 6.84 -49.70 15.11
N ASP A 361 6.01 -48.89 14.46
CA ASP A 361 6.47 -48.04 13.34
C ASP A 361 7.46 -46.98 13.82
N VAL A 362 8.61 -46.93 13.17
CA VAL A 362 9.61 -45.90 13.47
C VAL A 362 9.47 -44.74 12.47
N ASP A 363 9.24 -45.06 11.19
CA ASP A 363 9.09 -44.06 10.11
C ASP A 363 7.63 -43.84 9.75
N CYS A 364 7.25 -42.57 9.55
CA CYS A 364 5.93 -42.20 9.01
C CYS A 364 5.69 -42.65 7.56
N VAL A 365 6.73 -43.09 6.86
CA VAL A 365 6.58 -43.85 5.61
C VAL A 365 6.10 -45.25 5.99
N SER A 366 5.01 -45.68 5.36
CA SER A 366 4.37 -46.99 5.63
C SER A 366 3.90 -47.16 7.09
N PRO A 367 2.91 -46.34 7.53
CA PRO A 367 2.28 -46.58 8.84
C PRO A 367 1.48 -47.87 8.79
N SER A 368 1.53 -48.64 9.87
CA SER A 368 0.98 -49.97 9.88
C SER A 368 -0.45 -50.03 10.43
N GLY A 369 -1.14 -48.89 10.52
CA GLY A 369 -2.47 -48.91 11.06
C GLY A 369 -3.43 -48.02 10.37
N VAL A 370 -4.68 -48.10 10.81
CA VAL A 370 -5.68 -47.14 10.44
C VAL A 370 -6.35 -46.66 11.71
N ARG A 371 -6.77 -45.42 11.72
CA ARG A 371 -7.54 -44.91 12.78
C ARG A 371 -8.97 -44.77 12.32
N ILE A 372 -9.88 -45.15 13.20
CA ILE A 372 -11.30 -45.03 13.02
C ILE A 372 -11.96 -44.39 14.27
N GLY A 373 -13.16 -43.86 14.09
CA GLY A 373 -13.92 -43.30 15.19
C GLY A 373 -15.40 -43.21 14.87
N THR A 374 -16.21 -43.11 15.91
CA THR A 374 -17.67 -43.14 15.82
C THR A 374 -18.48 -41.85 15.89
N PRO A 375 -17.87 -40.69 16.19
CA PRO A 375 -18.78 -39.51 16.28
C PRO A 375 -19.72 -39.28 15.08
N ALA A 376 -19.19 -39.28 13.87
CA ALA A 376 -20.01 -39.00 12.68
C ALA A 376 -21.21 -39.97 12.55
N MET A 377 -20.91 -41.26 12.55
CA MET A 377 -21.92 -42.30 12.35
C MET A 377 -22.92 -42.36 13.50
N THR A 378 -22.46 -41.98 14.70
CA THR A 378 -23.33 -41.83 15.85
C THR A 378 -24.28 -40.67 15.68
N THR A 379 -23.77 -39.59 15.07
CA THR A 379 -24.61 -38.46 14.68
C THR A 379 -25.64 -38.90 13.63
N ARG A 380 -25.23 -39.79 12.72
CA ARG A 380 -26.16 -40.27 11.70
C ARG A 380 -27.13 -41.37 12.20
N GLY A 381 -27.07 -41.73 13.48
CA GLY A 381 -28.08 -42.61 14.11
C GLY A 381 -27.68 -44.05 14.33
N ALA A 382 -26.45 -44.44 13.98
CA ALA A 382 -25.97 -45.81 14.22
C ALA A 382 -25.91 -46.15 15.72
N LYS A 383 -26.32 -47.38 16.06
CA LYS A 383 -26.31 -47.92 17.42
C LYS A 383 -25.29 -49.06 17.57
N GLU A 384 -25.23 -49.66 18.76
CA GLU A 384 -24.27 -50.74 19.03
C GLU A 384 -24.37 -51.92 18.08
N LYS A 385 -25.60 -52.30 17.78
CA LYS A 385 -25.94 -53.39 16.83
C LYS A 385 -25.49 -53.09 15.38
N ASP A 386 -25.36 -51.80 15.04
CA ASP A 386 -24.86 -51.38 13.72
C ASP A 386 -23.33 -51.48 13.57
N MET A 387 -22.63 -51.64 14.68
CA MET A 387 -21.18 -51.70 14.66
C MET A 387 -20.69 -53.02 14.11
N GLU A 388 -21.48 -54.09 14.25
CA GLU A 388 -21.13 -55.40 13.67
C GLU A 388 -21.05 -55.31 12.14
N PHE A 389 -22.03 -54.66 11.53
CA PHE A 389 -21.99 -54.38 10.08
C PHE A 389 -20.73 -53.61 9.70
N ILE A 390 -20.37 -52.57 10.48
CA ILE A 390 -19.17 -51.78 10.14
C ILE A 390 -17.93 -52.63 10.32
N ALA A 391 -17.85 -53.34 11.43
CA ALA A 391 -16.74 -54.26 11.65
C ALA A 391 -16.63 -55.31 10.55
N ASP A 392 -17.79 -55.83 10.12
CA ASP A 392 -17.81 -56.76 8.96
C ASP A 392 -17.29 -56.10 7.67
N VAL A 393 -17.76 -54.90 7.35
CA VAL A 393 -17.29 -54.19 6.14
C VAL A 393 -15.78 -53.99 6.22
N LEU A 394 -15.28 -53.62 7.39
CA LEU A 394 -13.81 -53.45 7.57
C LEU A 394 -13.01 -54.74 7.48
N ALA A 395 -13.49 -55.82 8.09
CA ALA A 395 -12.88 -57.17 7.89
C ALA A 395 -12.82 -57.57 6.39
N ARG A 396 -13.93 -57.33 5.71
CA ARG A 396 -14.04 -57.64 4.27
C ARG A 396 -13.09 -56.79 3.44
N ALA A 397 -12.83 -55.53 3.86
CA ALA A 397 -11.88 -54.67 3.14
C ALA A 397 -10.44 -55.07 3.37
N ILE A 398 -10.16 -55.56 4.56
CA ILE A 398 -8.83 -56.05 4.85
C ILE A 398 -8.56 -57.28 4.02
N LYS A 399 -9.51 -58.22 3.99
CA LYS A 399 -9.33 -59.44 3.19
C LYS A 399 -9.14 -59.13 1.68
N ILE A 400 -9.98 -58.25 1.13
CA ILE A 400 -9.83 -57.83 -0.27
C ILE A 400 -8.46 -57.19 -0.51
N THR A 401 -8.05 -56.31 0.39
CA THR A 401 -6.75 -55.67 0.33
C THR A 401 -5.62 -56.70 0.31
N VAL A 402 -5.79 -57.78 1.07
CA VAL A 402 -4.78 -58.84 1.13
C VAL A 402 -4.75 -59.65 -0.19
N ASP A 403 -5.94 -59.91 -0.77
CA ASP A 403 -6.07 -60.57 -2.09
C ASP A 403 -5.40 -59.75 -3.17
N LEU A 404 -5.74 -58.46 -3.24
CA LEU A 404 -5.15 -57.54 -4.23
C LEU A 404 -3.62 -57.42 -4.09
N GLN A 405 -3.11 -57.46 -2.86
CA GLN A 405 -1.65 -57.40 -2.65
C GLN A 405 -0.95 -58.61 -3.24
N GLU A 406 -1.58 -59.78 -3.10
CA GLU A 406 -1.04 -60.99 -3.71
C GLU A 406 -1.09 -60.93 -5.25
N GLN A 407 -2.21 -60.45 -5.79
CA GLN A 407 -2.40 -60.41 -7.24
C GLN A 407 -1.49 -59.38 -7.89
N TYR A 408 -1.52 -58.14 -7.39
CA TYR A 408 -0.78 -57.03 -8.03
C TYR A 408 0.56 -56.67 -7.38
N GLY A 409 0.85 -57.19 -6.17
CA GLY A 409 2.14 -56.97 -5.48
C GLY A 409 2.13 -55.92 -4.38
N LYS A 410 3.18 -55.96 -3.55
CA LYS A 410 3.34 -55.10 -2.36
C LYS A 410 3.61 -53.61 -2.61
N LYS A 411 4.04 -53.23 -3.81
CA LYS A 411 4.31 -51.81 -4.14
C LYS A 411 2.99 -51.07 -4.33
N LEU A 412 2.93 -49.82 -3.86
CA LEU A 412 1.65 -49.07 -3.83
C LEU A 412 1.11 -48.75 -5.23
N VAL A 413 1.98 -48.28 -6.12
CA VAL A 413 1.55 -47.97 -7.52
C VAL A 413 0.91 -49.16 -8.25
N ASP A 414 1.53 -50.33 -8.11
CA ASP A 414 1.01 -51.58 -8.63
C ASP A 414 -0.31 -51.98 -7.97
N PHE A 415 -0.39 -51.82 -6.63
CA PHE A 415 -1.56 -52.22 -5.85
C PHE A 415 -2.84 -51.54 -6.32
N LYS A 416 -2.77 -50.22 -6.51
CA LYS A 416 -3.95 -49.41 -6.91
C LYS A 416 -4.52 -49.77 -8.28
N LYS A 417 -3.67 -50.27 -9.17
CA LYS A 417 -4.11 -50.71 -10.50
C LYS A 417 -5.14 -51.82 -10.37
N GLY A 418 -5.02 -52.60 -9.29
CA GLY A 418 -5.99 -53.63 -8.96
C GLY A 418 -7.39 -53.19 -8.53
N LEU A 419 -7.55 -51.93 -8.13
CA LEU A 419 -8.81 -51.45 -7.51
C LEU A 419 -9.99 -51.18 -8.43
N PRO A 420 -9.80 -50.39 -9.51
CA PRO A 420 -10.99 -50.05 -10.29
C PRO A 420 -11.55 -51.27 -11.02
N GLY A 421 -12.88 -51.35 -11.08
CA GLY A 421 -13.55 -52.49 -11.67
C GLY A 421 -13.70 -53.74 -10.81
N ASN A 422 -13.03 -53.84 -9.65
CA ASN A 422 -13.04 -55.08 -8.85
C ASN A 422 -14.47 -55.39 -8.44
N ALA A 423 -14.94 -56.58 -8.82
CA ALA A 423 -16.34 -57.01 -8.62
C ALA A 423 -16.73 -57.01 -7.16
N GLN A 424 -15.81 -57.44 -6.30
CA GLN A 424 -16.07 -57.52 -4.85
C GLN A 424 -16.17 -56.12 -4.24
N LEU A 425 -15.25 -55.23 -4.63
CA LEU A 425 -15.33 -53.82 -4.24
C LEU A 425 -16.61 -53.17 -4.72
N GLN A 426 -16.94 -53.36 -6.01
CA GLN A 426 -18.19 -52.82 -6.59
C GLN A 426 -19.39 -53.33 -5.80
N GLN A 427 -19.38 -54.62 -5.51
CA GLN A 427 -20.37 -55.28 -4.63
C GLN A 427 -20.37 -54.69 -3.20
N LEU A 428 -19.19 -54.54 -2.62
CA LEU A 428 -19.08 -54.04 -1.24
C LEU A 428 -19.46 -52.57 -1.16
N LYS A 429 -18.90 -51.76 -2.06
CA LYS A 429 -19.37 -50.37 -2.26
C LYS A 429 -20.91 -50.26 -2.28
N GLN A 430 -21.54 -51.12 -3.09
CA GLN A 430 -23.00 -51.17 -3.23
C GLN A 430 -23.70 -51.33 -1.89
N GLU A 431 -23.19 -52.24 -1.07
CA GLU A 431 -23.76 -52.55 0.26
C GLU A 431 -23.57 -51.36 1.18
N VAL A 432 -22.39 -50.74 1.12
CA VAL A 432 -22.13 -49.53 1.90
C VAL A 432 -23.10 -48.40 1.55
N VAL A 433 -23.15 -48.04 0.26
CA VAL A 433 -24.00 -46.94 -0.24
C VAL A 433 -25.44 -47.10 0.18
N THR A 434 -25.95 -48.34 0.09
CA THR A 434 -27.36 -48.65 0.35
C THR A 434 -27.64 -48.51 1.82
N TRP A 435 -26.69 -48.93 2.66
CA TRP A 435 -26.87 -48.82 4.10
C TRP A 435 -26.71 -47.35 4.55
N ALA A 436 -25.59 -46.73 4.17
CA ALA A 436 -25.26 -45.31 4.55
C ALA A 436 -26.30 -44.32 4.02
N GLY A 437 -26.68 -44.50 2.75
CA GLY A 437 -27.69 -43.69 2.08
C GLY A 437 -28.99 -43.56 2.86
N ALA A 438 -29.40 -44.63 3.53
CA ALA A 438 -30.65 -44.68 4.31
C ALA A 438 -30.67 -43.86 5.62
N LEU A 439 -29.50 -43.66 6.23
CA LEU A 439 -29.41 -43.04 7.56
C LEU A 439 -29.82 -41.56 7.59
N PRO A 440 -30.36 -41.09 8.73
CA PRO A 440 -30.63 -39.66 8.86
C PRO A 440 -29.38 -38.80 8.57
N PHE A 441 -29.61 -37.69 7.87
CA PHE A 441 -28.54 -36.82 7.43
C PHE A 441 -28.90 -35.39 7.86
N PRO A 442 -28.06 -34.76 8.71
CA PRO A 442 -28.31 -33.35 8.99
C PRO A 442 -28.05 -32.47 7.77
N MET B 1 -29.18 -38.82 14.90
CA MET B 1 -29.30 -38.43 16.35
C MET B 1 -28.89 -36.96 16.55
N PHE B 2 -29.67 -36.06 15.99
CA PHE B 2 -29.37 -34.61 15.99
C PHE B 2 -30.66 -33.80 16.00
N ASN B 3 -30.52 -32.53 16.41
CA ASN B 3 -31.61 -31.56 16.36
C ASN B 3 -31.54 -30.70 15.10
N ASN B 4 -32.45 -30.95 14.15
CA ASN B 4 -32.48 -30.18 12.90
C ASN B 4 -33.55 -29.08 12.82
N GLU B 5 -34.05 -28.63 13.97
CA GLU B 5 -34.94 -27.46 14.03
C GLU B 5 -34.19 -26.20 13.55
N PRO B 6 -34.84 -25.36 12.71
CA PRO B 6 -34.22 -24.08 12.30
C PRO B 6 -33.80 -23.18 13.46
N LEU B 7 -32.86 -22.28 13.16
CA LEU B 7 -32.18 -21.43 14.15
C LEU B 7 -33.12 -20.64 15.04
N GLU B 8 -34.21 -20.12 14.46
CA GLU B 8 -35.21 -19.37 15.24
C GLU B 8 -35.83 -20.26 16.33
N GLN B 9 -36.05 -21.53 15.99
CA GLN B 9 -36.66 -22.48 16.91
C GLN B 9 -35.64 -22.96 17.95
N ILE B 10 -34.49 -23.46 17.49
CA ILE B 10 -33.43 -23.99 18.38
C ILE B 10 -32.77 -22.95 19.31
N ASP B 11 -32.52 -21.75 18.79
CA ASP B 11 -31.92 -20.69 19.61
C ASP B 11 -32.56 -19.35 19.22
N LYS B 12 -33.69 -19.09 19.86
CA LYS B 12 -34.38 -17.82 19.70
C LYS B 12 -33.52 -16.67 20.25
N GLU B 13 -32.75 -16.90 21.31
CA GLU B 13 -31.88 -15.84 21.88
C GLU B 13 -30.82 -15.27 20.89
N LEU B 14 -30.09 -16.19 20.24
CA LEU B 14 -29.05 -15.82 19.29
C LEU B 14 -29.65 -15.20 18.03
N HIS B 15 -30.78 -15.76 17.60
CA HIS B 15 -31.44 -15.34 16.38
C HIS B 15 -31.97 -13.89 16.43
N ASP B 16 -32.26 -13.41 17.65
CA ASP B 16 -32.76 -12.04 17.82
C ASP B 16 -31.62 -11.03 17.77
N ILE B 17 -30.45 -11.41 18.28
CA ILE B 17 -29.26 -10.57 18.20
C ILE B 17 -28.89 -10.51 16.74
N LEU B 18 -28.80 -11.67 16.09
CA LEU B 18 -28.52 -11.71 14.63
C LEU B 18 -29.49 -10.89 13.81
N ALA B 19 -30.80 -10.98 14.10
CA ALA B 19 -31.79 -10.22 13.32
C ALA B 19 -31.67 -8.70 13.59
N ASP B 20 -31.25 -8.36 14.82
CA ASP B 20 -30.95 -6.98 15.19
C ASP B 20 -29.73 -6.47 14.44
N GLU B 21 -28.67 -7.27 14.48
CA GLU B 21 -27.40 -6.94 13.79
C GLU B 21 -27.65 -6.71 12.31
N GLU B 22 -28.45 -7.56 11.68
CA GLU B 22 -28.87 -7.36 10.29
C GLU B 22 -29.58 -6.05 10.06
N LYS B 23 -30.46 -5.66 10.98
CA LYS B 23 -31.12 -4.36 10.92
C LYS B 23 -30.09 -3.19 11.05
N ARG B 24 -29.20 -3.24 12.03
CA ARG B 24 -28.15 -2.24 12.17
C ARG B 24 -27.34 -2.06 10.85
N GLN B 25 -27.06 -3.15 10.15
CA GLN B 25 -26.31 -3.10 8.89
C GLN B 25 -27.11 -2.42 7.77
N ARG B 26 -28.39 -2.76 7.70
CA ARG B 26 -29.29 -2.20 6.71
C ARG B 26 -29.52 -0.71 6.92
N GLU B 27 -29.33 -0.22 8.15
CA GLU B 27 -29.69 1.12 8.52
C GLU B 27 -28.49 2.00 8.86
N THR B 28 -27.33 1.64 8.33
CA THR B 28 -26.06 2.30 8.64
C THR B 28 -25.47 2.80 7.34
N ILE B 29 -24.87 3.98 7.40
CA ILE B 29 -23.97 4.46 6.34
C ILE B 29 -22.60 3.88 6.73
N ASN B 30 -22.22 2.82 6.04
CA ASN B 30 -21.02 2.08 6.39
C ASN B 30 -19.87 2.58 5.53
N LEU B 31 -18.99 3.32 6.17
CA LEU B 31 -17.81 3.88 5.53
C LEU B 31 -16.57 3.14 5.99
N ILE B 32 -16.67 1.92 6.53
CA ILE B 32 -15.45 1.22 6.96
C ILE B 32 -14.72 0.81 5.69
N ALA B 33 -13.47 1.23 5.56
CA ALA B 33 -12.74 1.08 4.28
C ALA B 33 -12.51 -0.39 3.91
N SER B 34 -12.35 -1.22 4.95
CA SER B 34 -12.14 -2.66 4.81
C SER B 34 -13.39 -3.51 4.79
N GLU B 35 -14.59 -2.90 4.75
CA GLU B 35 -15.82 -3.69 4.85
C GLU B 35 -16.56 -3.70 3.56
N ASN B 36 -17.38 -4.72 3.38
CA ASN B 36 -18.24 -4.84 2.22
C ASN B 36 -19.48 -5.62 2.61
N LEU B 37 -20.23 -6.08 1.63
CA LEU B 37 -21.38 -6.92 1.89
C LEU B 37 -21.42 -8.05 0.86
N THR B 38 -21.46 -9.28 1.36
CA THR B 38 -21.48 -10.49 0.56
C THR B 38 -22.85 -10.72 -0.04
N ASN B 39 -22.89 -11.20 -1.27
CA ASN B 39 -24.20 -11.61 -1.85
C ASN B 39 -24.70 -12.95 -1.26
N GLY B 40 -25.92 -13.32 -1.59
CA GLY B 40 -26.53 -14.56 -1.13
C GLY B 40 -25.73 -15.80 -1.52
N ALA B 41 -25.23 -15.85 -2.76
CA ALA B 41 -24.52 -17.06 -3.23
C ALA B 41 -23.22 -17.36 -2.50
N VAL B 42 -22.50 -16.32 -2.12
CA VAL B 42 -21.29 -16.46 -1.31
C VAL B 42 -21.66 -16.95 0.11
N ARG B 43 -22.76 -16.45 0.65
CA ARG B 43 -23.26 -16.94 1.95
C ARG B 43 -23.88 -18.35 1.92
N GLU B 44 -24.42 -18.80 0.78
CA GLU B 44 -24.82 -20.21 0.59
C GLU B 44 -23.60 -21.14 0.64
N CYS B 45 -22.48 -20.69 0.10
CA CYS B 45 -21.23 -21.45 0.14
C CYS B 45 -20.69 -21.57 1.57
N LEU B 46 -20.70 -20.47 2.31
CA LEU B 46 -20.19 -20.45 3.68
C LEU B 46 -20.96 -21.36 4.64
N GLY B 47 -22.27 -21.51 4.41
CA GLY B 47 -23.08 -22.47 5.16
C GLY B 47 -23.19 -23.87 4.55
N ASN B 48 -22.30 -24.22 3.60
CA ASN B 48 -22.42 -25.49 2.87
C ASN B 48 -21.73 -26.62 3.60
N ARG B 49 -22.34 -27.80 3.56
CA ARG B 49 -21.79 -29.01 4.21
C ARG B 49 -20.38 -29.40 3.82
N VAL B 50 -19.82 -28.77 2.81
CA VAL B 50 -18.39 -28.97 2.51
C VAL B 50 -17.42 -28.73 3.69
N SER B 51 -17.79 -27.89 4.66
CA SER B 51 -16.99 -27.69 5.90
C SER B 51 -16.94 -28.90 6.87
N ASN B 52 -17.74 -29.95 6.61
CA ASN B 52 -17.60 -31.22 7.35
C ASN B 52 -16.34 -32.02 7.01
N LYS B 53 -15.67 -31.68 5.93
CA LYS B 53 -14.57 -32.48 5.44
C LYS B 53 -13.19 -32.04 5.90
N TYR B 54 -12.40 -33.02 6.39
CA TYR B 54 -10.99 -32.82 6.72
C TYR B 54 -10.14 -33.13 5.50
N SER B 55 -9.36 -32.16 5.02
CA SER B 55 -8.61 -32.32 3.77
C SER B 55 -7.23 -31.74 3.86
N GLU B 56 -6.54 -32.08 4.93
CA GLU B 56 -5.15 -31.67 5.12
C GLU B 56 -4.26 -32.05 3.97
N GLY B 57 -3.40 -31.12 3.58
CA GLY B 57 -2.51 -31.30 2.45
C GLY B 57 -2.96 -30.45 1.29
N TYR B 58 -2.69 -30.93 0.08
CA TYR B 58 -3.00 -30.19 -1.16
C TYR B 58 -3.70 -31.12 -2.14
N PRO B 59 -4.37 -30.55 -3.17
CA PRO B 59 -5.08 -31.44 -4.11
C PRO B 59 -4.16 -32.50 -4.76
N LYS B 60 -4.66 -33.73 -4.90
CA LYS B 60 -3.85 -34.85 -5.43
C LYS B 60 -2.62 -35.24 -4.55
N LYS B 61 -2.51 -34.65 -3.37
CA LYS B 61 -1.45 -34.96 -2.38
C LYS B 61 -2.04 -34.80 -0.97
N ARG B 62 -3.23 -35.36 -0.82
CA ARG B 62 -4.04 -35.20 0.38
C ARG B 62 -3.57 -36.27 1.34
N TYR B 63 -3.71 -36.02 2.64
CA TYR B 63 -3.40 -37.05 3.64
C TYR B 63 -4.49 -38.09 3.64
N TYR B 64 -5.74 -37.68 3.43
CA TYR B 64 -6.86 -38.62 3.31
C TYR B 64 -7.37 -38.72 1.89
N GLY B 65 -8.18 -39.75 1.65
CA GLY B 65 -8.93 -39.86 0.40
C GLY B 65 -10.29 -39.28 0.67
N GLY B 66 -11.27 -39.61 -0.16
CA GLY B 66 -12.60 -39.05 -0.02
C GLY B 66 -12.67 -37.57 -0.39
N ASN B 67 -11.62 -37.07 -1.02
CA ASN B 67 -11.43 -35.66 -1.30
C ASN B 67 -11.45 -35.34 -2.80
N ASP B 68 -12.16 -36.14 -3.59
CA ASP B 68 -12.23 -35.89 -5.04
C ASP B 68 -13.01 -34.62 -5.32
N PHE B 69 -14.15 -34.45 -4.67
CA PHE B 69 -14.96 -33.25 -4.88
C PHE B 69 -14.33 -32.01 -4.24
N ILE B 70 -13.76 -32.16 -3.06
CA ILE B 70 -12.95 -31.09 -2.42
C ILE B 70 -11.79 -30.63 -3.31
N ASP B 71 -11.10 -31.60 -3.93
CA ASP B 71 -9.98 -31.29 -4.85
C ASP B 71 -10.42 -30.50 -6.07
N LYS B 72 -11.59 -30.81 -6.61
CA LYS B 72 -12.09 -30.06 -7.76
C LYS B 72 -12.36 -28.60 -7.36
N ILE B 73 -13.00 -28.40 -6.21
CA ILE B 73 -13.26 -27.06 -5.64
C ILE B 73 -11.95 -26.30 -5.37
N GLU B 74 -10.96 -26.95 -4.77
CA GLU B 74 -9.69 -26.23 -4.49
C GLU B 74 -8.92 -25.85 -5.75
N GLU B 75 -8.94 -26.71 -6.77
CA GLU B 75 -8.26 -26.43 -8.09
C GLU B 75 -8.99 -25.36 -8.89
N LEU B 76 -10.31 -25.43 -8.92
CA LEU B 76 -11.15 -24.37 -9.50
C LEU B 76 -10.88 -22.98 -8.87
N CYS B 77 -10.62 -22.96 -7.55
CA CYS B 77 -10.41 -21.72 -6.84
C CYS B 77 -9.06 -21.13 -7.19
N GLN B 78 -8.03 -21.97 -7.24
CA GLN B 78 -6.68 -21.53 -7.63
C GLN B 78 -6.63 -20.99 -9.07
N LYS B 79 -7.35 -21.68 -9.96
CA LYS B 79 -7.43 -21.31 -11.37
C LYS B 79 -8.14 -19.96 -11.53
N ARG B 80 -9.36 -19.88 -11.00
CA ARG B 80 -10.16 -18.64 -11.01
C ARG B 80 -9.41 -17.47 -10.37
N ALA B 81 -8.54 -17.74 -9.41
CA ALA B 81 -7.71 -16.69 -8.77
C ALA B 81 -6.63 -16.14 -9.69
N LEU B 82 -5.94 -17.05 -10.36
CA LEU B 82 -4.89 -16.68 -11.31
C LEU B 82 -5.48 -15.92 -12.52
N GLU B 83 -6.59 -16.41 -13.04
CA GLU B 83 -7.33 -15.72 -14.10
C GLU B 83 -7.78 -14.31 -13.67
N ALA B 84 -8.36 -14.18 -12.48
CA ALA B 84 -8.85 -12.89 -11.98
C ALA B 84 -7.74 -11.87 -11.96
N PHE B 85 -6.57 -12.26 -11.46
CA PHE B 85 -5.43 -11.36 -11.37
C PHE B 85 -4.49 -11.35 -12.60
N ASN B 86 -4.98 -11.88 -13.72
CA ASN B 86 -4.32 -11.73 -15.02
C ASN B 86 -2.88 -12.24 -14.96
N VAL B 87 -2.73 -13.48 -14.46
CA VAL B 87 -1.44 -14.14 -14.35
C VAL B 87 -1.54 -15.54 -14.95
N SER B 88 -0.44 -15.95 -15.58
CA SER B 88 -0.35 -17.24 -16.24
C SER B 88 -0.02 -18.27 -15.17
N ASP B 89 -0.74 -19.39 -15.17
CA ASP B 89 -0.47 -20.48 -14.21
C ASP B 89 0.91 -21.16 -14.41
N GLU B 90 1.58 -20.83 -15.51
CA GLU B 90 2.95 -21.30 -15.75
C GLU B 90 3.95 -20.44 -14.96
N GLU B 91 3.66 -19.14 -14.80
CA GLU B 91 4.55 -18.17 -14.12
C GLU B 91 4.20 -17.86 -12.65
N TRP B 92 2.92 -18.00 -12.30
CA TRP B 92 2.46 -17.65 -10.94
C TRP B 92 1.74 -18.82 -10.31
N GLY B 93 2.00 -19.03 -9.03
CA GLY B 93 1.17 -19.93 -8.22
C GLY B 93 0.39 -19.18 -7.14
N VAL B 94 -0.66 -19.82 -6.66
CA VAL B 94 -1.49 -19.30 -5.59
C VAL B 94 -1.84 -20.38 -4.55
N ASN B 95 -1.70 -20.02 -3.26
CA ASN B 95 -2.27 -20.83 -2.16
C ASN B 95 -3.59 -20.20 -1.61
N VAL B 96 -4.62 -21.02 -1.52
CA VAL B 96 -5.98 -20.57 -1.21
C VAL B 96 -6.46 -21.03 0.18
N GLN B 97 -5.55 -21.62 0.95
CA GLN B 97 -5.89 -22.20 2.22
C GLN B 97 -5.87 -21.21 3.40
N PRO B 98 -5.01 -20.16 3.42
CA PRO B 98 -4.97 -19.27 4.57
C PRO B 98 -6.35 -18.77 5.04
N LEU B 99 -6.59 -18.88 6.34
CA LEU B 99 -7.90 -18.62 6.92
C LEU B 99 -8.17 -17.13 6.99
N SER B 100 -7.14 -16.30 6.97
CA SER B 100 -7.32 -14.85 7.04
C SER B 100 -6.07 -14.08 6.63
N GLY B 101 -6.25 -12.78 6.40
CA GLY B 101 -5.19 -11.90 5.95
C GLY B 101 -3.92 -11.97 6.78
N SER B 102 -4.08 -11.87 8.11
CA SER B 102 -2.96 -11.93 9.01
C SER B 102 -2.24 -13.29 8.96
N ALA B 103 -2.99 -14.40 9.02
CA ALA B 103 -2.38 -15.71 8.90
C ALA B 103 -1.48 -15.81 7.63
N ALA B 104 -2.07 -15.46 6.48
CA ALA B 104 -1.40 -15.41 5.18
C ALA B 104 -0.10 -14.67 5.18
N ASN B 105 -0.09 -13.49 5.80
CA ASN B 105 1.14 -12.70 5.88
C ASN B 105 2.24 -13.34 6.72
N VAL B 106 1.88 -13.83 7.90
CA VAL B 106 2.84 -14.50 8.77
C VAL B 106 3.43 -15.75 8.10
N GLN B 107 2.59 -16.51 7.43
CA GLN B 107 2.97 -17.71 6.73
C GLN B 107 3.94 -17.36 5.60
N ALA B 108 3.51 -16.51 4.68
CA ALA B 108 4.34 -16.02 3.59
C ALA B 108 5.68 -15.48 4.08
N LEU B 109 5.67 -14.62 5.10
CA LEU B 109 6.90 -14.05 5.62
C LEU B 109 7.84 -15.14 6.16
N TYR B 110 7.30 -16.06 6.94
CA TYR B 110 8.07 -17.17 7.45
C TYR B 110 8.71 -17.99 6.30
N ALA B 111 7.89 -18.37 5.31
CA ALA B 111 8.38 -19.06 4.12
C ALA B 111 9.62 -18.39 3.56
N LEU B 112 9.58 -17.07 3.41
CA LEU B 112 10.65 -16.34 2.75
C LEU B 112 11.88 -16.15 3.60
N VAL B 113 11.72 -15.89 4.89
CA VAL B 113 12.84 -15.50 5.75
C VAL B 113 13.13 -16.39 6.95
N GLY B 114 12.17 -17.23 7.36
CA GLY B 114 12.30 -18.05 8.56
C GLY B 114 12.36 -17.26 9.87
N VAL B 115 12.44 -17.99 10.97
CA VAL B 115 12.59 -17.39 12.30
C VAL B 115 13.89 -16.58 12.33
N LYS B 116 13.86 -15.49 13.11
CA LYS B 116 14.95 -14.49 13.19
C LYS B 116 15.20 -13.67 11.91
N GLY B 117 14.47 -13.95 10.82
CA GLY B 117 14.66 -13.27 9.56
C GLY B 117 14.37 -11.78 9.64
N LYS B 118 15.02 -10.99 8.79
CA LYS B 118 14.91 -9.54 8.81
C LYS B 118 13.82 -9.10 7.83
N ILE B 119 12.84 -8.32 8.32
CA ILE B 119 11.76 -7.77 7.46
C ILE B 119 11.64 -6.24 7.60
N MET B 120 11.08 -5.62 6.59
CA MET B 120 10.88 -4.17 6.57
C MET B 120 9.45 -3.91 6.12
N GLY B 121 8.73 -3.07 6.86
CA GLY B 121 7.37 -2.68 6.49
C GLY B 121 7.01 -1.24 6.89
N MET B 122 5.89 -0.74 6.39
CA MET B 122 5.41 0.61 6.78
C MET B 122 4.97 0.56 8.23
N HIS B 123 5.35 1.59 8.98
CA HIS B 123 4.91 1.70 10.37
C HIS B 123 3.37 1.71 10.43
N LEU B 124 2.80 1.16 11.51
CA LEU B 124 1.33 1.13 11.65
C LEU B 124 0.71 2.52 11.71
N CYS B 125 1.25 3.38 12.58
CA CYS B 125 0.95 4.85 12.63
C CYS B 125 0.97 5.59 11.30
N SER B 126 1.73 5.10 10.34
CA SER B 126 1.78 5.67 8.99
C SER B 126 0.93 4.94 7.96
N GLY B 127 0.19 3.90 8.37
CA GLY B 127 -0.74 3.21 7.46
C GLY B 127 -0.40 1.78 7.10
N GLY B 128 0.68 1.22 7.66
CA GLY B 128 0.95 -0.20 7.52
C GLY B 128 0.02 -1.07 8.35
N HIS B 129 0.06 -2.39 8.08
CA HIS B 129 -0.65 -3.36 8.87
C HIS B 129 0.20 -3.84 10.03
N LEU B 130 -0.49 -4.36 11.04
CA LEU B 130 0.12 -5.04 12.19
C LEU B 130 1.10 -6.14 11.77
N THR B 131 0.73 -6.92 10.75
CA THR B 131 1.55 -8.03 10.23
C THR B 131 2.70 -7.60 9.30
N HIS B 132 2.99 -6.30 9.25
CA HIS B 132 4.11 -5.78 8.49
C HIS B 132 5.26 -5.44 9.42
N GLY B 133 5.31 -6.08 10.57
CA GLY B 133 6.41 -5.90 11.48
C GLY B 133 6.16 -4.97 12.65
N PHE B 134 4.90 -4.70 12.97
CA PHE B 134 4.59 -3.69 13.96
C PHE B 134 5.09 -4.00 15.36
N PHE B 135 5.80 -3.04 15.97
CA PHE B 135 6.14 -3.09 17.39
C PHE B 135 6.04 -1.71 18.06
N ASP B 136 6.23 -1.69 19.37
CA ASP B 136 6.22 -0.46 20.19
C ASP B 136 7.33 -0.50 21.25
N GLU B 137 7.70 0.66 21.76
CA GLU B 137 8.70 0.76 22.84
C GLU B 137 8.33 -0.10 24.06
N LYS B 138 7.03 -0.21 24.33
CA LYS B 138 6.51 -1.11 25.39
C LYS B 138 6.65 -2.61 25.06
N LYS B 139 6.46 -3.00 23.79
CA LYS B 139 6.44 -4.42 23.45
C LYS B 139 6.49 -4.71 21.94
N LYS B 140 6.77 -5.97 21.64
CA LYS B 140 6.70 -6.48 20.27
C LYS B 140 5.25 -6.93 20.08
N VAL B 141 4.43 -6.00 19.55
CA VAL B 141 2.98 -6.12 19.49
C VAL B 141 2.51 -7.21 18.51
N SER B 142 3.14 -7.27 17.36
CA SER B 142 2.83 -8.32 16.40
C SER B 142 3.82 -9.44 16.57
N ILE B 143 3.42 -10.66 16.24
CA ILE B 143 4.36 -11.75 16.11
C ILE B 143 5.38 -11.43 15.03
N THR B 144 4.97 -10.70 14.00
CA THR B 144 5.86 -10.37 12.90
C THR B 144 7.01 -9.46 13.34
N SER B 145 6.86 -8.78 14.47
CA SER B 145 8.00 -8.06 15.05
C SER B 145 8.80 -8.90 16.03
N ASP B 146 8.29 -10.08 16.38
CA ASP B 146 8.92 -10.92 17.39
C ASP B 146 9.58 -12.16 16.80
N MET B 147 8.85 -12.91 15.99
CA MET B 147 9.46 -14.08 15.36
C MET B 147 10.47 -13.66 14.31
N PHE B 148 10.26 -12.46 13.75
CA PHE B 148 11.18 -11.82 12.82
C PHE B 148 11.85 -10.65 13.52
N GLU B 149 12.92 -10.16 12.90
CA GLU B 149 13.56 -8.91 13.31
C GLU B 149 13.11 -7.86 12.28
N SER B 150 12.35 -6.86 12.73
CA SER B 150 11.74 -5.89 11.81
C SER B 150 12.21 -4.48 12.03
N LYS B 151 12.26 -3.72 10.93
CA LYS B 151 12.48 -2.29 10.96
C LYS B 151 11.32 -1.64 10.20
N LEU B 152 10.83 -0.51 10.70
CA LEU B 152 9.61 0.12 10.17
C LEU B 152 9.91 1.49 9.55
N TYR B 153 9.48 1.68 8.31
CA TYR B 153 9.67 2.96 7.62
C TYR B 153 8.44 3.83 7.73
N LYS B 154 8.66 5.14 7.90
CA LYS B 154 7.58 6.13 7.99
C LYS B 154 7.21 6.68 6.62
N CYS B 155 6.11 7.42 6.56
CA CYS B 155 5.78 8.22 5.38
C CYS B 155 6.19 9.63 5.75
N ASN B 156 6.29 10.51 4.75
CA ASN B 156 6.70 11.92 4.98
C ASN B 156 5.60 12.82 5.59
N SER B 157 5.95 14.10 5.81
CA SER B 157 5.02 15.11 6.35
C SER B 157 3.70 15.29 5.57
N GLN B 158 3.73 15.06 4.24
CA GLN B 158 2.52 15.14 3.41
C GLN B 158 1.74 13.84 3.24
N GLY B 159 2.14 12.80 3.97
CA GLY B 159 1.45 11.50 3.96
C GLY B 159 1.81 10.55 2.83
N TYR B 160 2.97 10.77 2.19
CA TYR B 160 3.42 9.93 1.08
C TYR B 160 4.54 9.01 1.53
N VAL B 161 4.59 7.81 0.94
CA VAL B 161 5.72 6.89 1.14
C VAL B 161 7.01 7.60 0.72
N ASP B 162 7.97 7.68 1.63
CA ASP B 162 9.23 8.36 1.37
C ASP B 162 10.29 7.36 0.91
N LEU B 163 10.42 7.19 -0.40
CA LEU B 163 11.32 6.18 -0.98
C LEU B 163 12.80 6.31 -0.62
N ASP B 164 13.28 7.54 -0.48
CA ASP B 164 14.67 7.79 -0.10
C ASP B 164 14.97 7.31 1.33
N ALA B 165 13.98 7.42 2.22
CA ALA B 165 14.07 6.86 3.56
C ALA B 165 14.02 5.34 3.53
N VAL B 166 13.20 4.77 2.63
CA VAL B 166 13.13 3.30 2.46
C VAL B 166 14.46 2.74 1.97
N ARG B 167 14.99 3.33 0.90
CA ARG B 167 16.32 3.01 0.39
C ARG B 167 17.38 3.09 1.48
N GLU B 168 17.52 4.25 2.13
CA GLU B 168 18.56 4.44 3.17
C GLU B 168 18.47 3.34 4.23
N MET B 169 17.24 3.02 4.62
CA MET B 169 16.98 2.03 5.66
C MET B 169 17.30 0.63 5.16
N ALA B 170 16.85 0.28 3.96
CA ALA B 170 17.20 -0.99 3.32
C ALA B 170 18.73 -1.27 3.23
N LEU B 171 19.52 -0.24 2.88
CA LEU B 171 20.99 -0.38 2.72
C LEU B 171 21.71 -0.60 4.05
N SER B 172 21.27 0.08 5.11
CA SER B 172 21.87 -0.14 6.42
C SER B 172 21.29 -1.37 7.14
N PHE B 173 19.98 -1.61 6.99
CA PHE B 173 19.33 -2.74 7.67
C PHE B 173 19.48 -4.08 6.92
N LYS B 174 19.60 -4.04 5.60
CA LYS B 174 19.84 -5.24 4.79
C LYS B 174 18.82 -6.36 5.06
N PRO B 175 17.53 -6.07 4.87
CA PRO B 175 16.51 -7.06 5.16
C PRO B 175 16.36 -8.10 4.05
N LYS B 176 15.77 -9.22 4.39
CA LYS B 176 15.50 -10.29 3.42
C LYS B 176 14.16 -10.05 2.69
N VAL B 177 13.25 -9.27 3.31
CA VAL B 177 11.95 -8.92 2.67
C VAL B 177 11.61 -7.43 2.89
N ILE B 178 11.02 -6.79 1.87
CA ILE B 178 10.50 -5.43 2.02
C ILE B 178 9.03 -5.49 1.67
N ILE B 179 8.19 -5.12 2.65
CA ILE B 179 6.73 -5.20 2.49
C ILE B 179 6.17 -3.85 2.01
N CYS B 180 5.35 -3.88 0.97
CA CYS B 180 4.58 -2.73 0.55
C CYS B 180 3.13 -3.16 0.32
N GLY B 181 2.23 -2.18 0.23
CA GLY B 181 0.77 -2.43 0.23
C GLY B 181 0.27 -2.23 1.65
N TYR B 182 -0.76 -1.40 1.85
CA TYR B 182 -1.04 -0.86 3.20
C TYR B 182 -2.50 -0.91 3.61
N THR B 183 -2.78 -0.52 4.86
CA THR B 183 -4.14 -0.57 5.39
C THR B 183 -4.89 0.75 5.26
N SER B 184 -4.20 1.87 5.42
CA SER B 184 -4.84 3.16 5.23
C SER B 184 -3.91 4.09 4.49
N TYR B 185 -3.74 3.82 3.20
CA TYR B 185 -2.90 4.61 2.34
C TYR B 185 -3.78 5.05 1.18
N PRO B 186 -3.98 6.37 1.05
CA PRO B 186 -4.93 6.90 0.06
C PRO B 186 -4.41 7.02 -1.40
N ARG B 187 -3.18 6.57 -1.69
CA ARG B 187 -2.61 6.71 -3.05
C ARG B 187 -2.12 5.37 -3.64
N ASP B 188 -1.82 5.39 -4.94
CA ASP B 188 -1.27 4.22 -5.61
C ASP B 188 0.20 4.03 -5.19
N ILE B 189 0.73 2.85 -5.49
CA ILE B 189 2.06 2.47 -5.03
C ILE B 189 3.01 2.34 -6.23
N ASP B 190 4.24 2.80 -6.02
CA ASP B 190 5.28 2.68 -7.05
C ASP B 190 6.07 1.37 -6.83
N TYR B 191 5.48 0.28 -7.30
CA TYR B 191 6.04 -1.06 -7.10
C TYR B 191 7.38 -1.21 -7.82
N GLN B 192 7.45 -0.67 -9.04
CA GLN B 192 8.71 -0.64 -9.81
C GLN B 192 9.85 -0.07 -9.00
N GLN B 193 9.60 1.07 -8.36
CA GLN B 193 10.61 1.67 -7.50
C GLN B 193 10.97 0.79 -6.33
N PHE B 194 10.00 0.07 -5.76
CA PHE B 194 10.30 -0.89 -4.67
C PHE B 194 11.19 -2.05 -5.13
N ARG B 195 10.89 -2.57 -6.33
CA ARG B 195 11.66 -3.66 -6.95
C ARG B 195 13.13 -3.31 -7.14
N GLN B 196 13.36 -2.09 -7.59
CA GLN B 196 14.68 -1.47 -7.69
C GLN B 196 15.42 -1.37 -6.34
N ILE B 197 14.68 -1.18 -5.25
CA ILE B 197 15.28 -1.10 -3.91
C ILE B 197 15.63 -2.51 -3.40
N CYS B 198 14.77 -3.49 -3.69
CA CYS B 198 14.98 -4.85 -3.23
C CYS B 198 16.18 -5.49 -3.95
N ASP B 199 16.15 -5.49 -5.29
CA ASP B 199 17.31 -5.84 -6.15
C ASP B 199 18.65 -5.27 -5.66
N GLU B 200 18.66 -4.01 -5.28
CA GLU B 200 19.87 -3.36 -4.77
C GLU B 200 20.48 -4.06 -3.55
N VAL B 201 19.62 -4.61 -2.70
CA VAL B 201 20.00 -5.24 -1.44
C VAL B 201 19.80 -6.77 -1.46
N ASN B 202 19.23 -7.30 -2.54
CA ASN B 202 18.89 -8.73 -2.69
C ASN B 202 17.80 -9.22 -1.71
N ALA B 203 16.76 -8.42 -1.54
CA ALA B 203 15.58 -8.76 -0.71
C ALA B 203 14.41 -9.17 -1.60
N TYR B 204 13.44 -9.89 -1.04
CA TYR B 204 12.20 -10.19 -1.74
C TYR B 204 11.26 -8.95 -1.71
N LEU B 205 10.44 -8.79 -2.74
CA LEU B 205 9.39 -7.76 -2.78
C LEU B 205 8.04 -8.39 -2.48
N PHE B 206 7.42 -7.93 -1.40
CA PHE B 206 6.17 -8.47 -0.90
C PHE B 206 5.14 -7.35 -1.03
N ALA B 207 4.10 -7.58 -1.83
CA ALA B 207 2.99 -6.67 -2.00
C ALA B 207 1.67 -7.15 -1.32
N ASP B 208 1.27 -6.50 -0.24
CA ASP B 208 -0.05 -6.80 0.41
C ASP B 208 -1.08 -5.87 -0.17
N ILE B 209 -1.92 -6.41 -1.05
CA ILE B 209 -2.90 -5.62 -1.78
C ILE B 209 -4.37 -5.80 -1.27
N SER B 210 -4.54 -6.27 -0.03
CA SER B 210 -5.87 -6.53 0.55
C SER B 210 -6.90 -5.40 0.38
N HIS B 211 -6.46 -4.18 0.57
CA HIS B 211 -7.34 -3.00 0.38
C HIS B 211 -7.64 -2.58 -1.07
N ILE B 212 -6.79 -2.99 -2.01
CA ILE B 212 -6.91 -2.52 -3.39
C ILE B 212 -7.02 -3.63 -4.41
N SER B 213 -7.32 -4.83 -3.93
CA SER B 213 -7.23 -6.04 -4.74
C SER B 213 -8.02 -5.94 -6.02
N SER B 214 -9.25 -5.45 -5.92
CA SER B 214 -10.14 -5.24 -7.05
C SER B 214 -9.59 -4.26 -8.08
N PHE B 215 -8.80 -3.28 -7.65
CA PHE B 215 -8.18 -2.30 -8.54
C PHE B 215 -7.02 -2.93 -9.32
N VAL B 216 -6.33 -3.88 -8.68
CA VAL B 216 -5.24 -4.59 -9.30
C VAL B 216 -5.81 -5.58 -10.29
N ALA B 217 -6.81 -6.35 -9.89
CA ALA B 217 -7.44 -7.32 -10.78
C ALA B 217 -8.03 -6.69 -12.03
N CYS B 218 -8.60 -5.50 -11.89
CA CYS B 218 -9.29 -4.80 -13.01
C CYS B 218 -8.44 -3.79 -13.77
N ASN B 219 -7.14 -3.74 -13.46
CA ASN B 219 -6.16 -2.87 -14.14
C ASN B 219 -6.43 -1.35 -14.04
N ILE B 220 -7.16 -0.96 -12.98
CA ILE B 220 -7.47 0.43 -12.72
C ILE B 220 -6.28 1.08 -12.03
N LEU B 221 -5.61 0.33 -11.16
CA LEU B 221 -4.40 0.85 -10.51
C LEU B 221 -3.21 0.04 -10.96
N ASN B 222 -2.01 0.45 -10.54
CA ASN B 222 -0.78 -0.25 -10.86
C ASN B 222 -0.84 -1.74 -10.51
N ASN B 223 -0.02 -2.50 -11.21
CA ASN B 223 -0.03 -3.94 -11.14
C ASN B 223 1.20 -4.39 -10.39
N PRO B 224 1.03 -4.94 -9.18
CA PRO B 224 2.23 -5.35 -8.50
C PRO B 224 2.81 -6.66 -9.05
N PHE B 225 2.01 -7.44 -9.78
CA PHE B 225 2.44 -8.74 -10.33
C PHE B 225 3.56 -8.60 -11.37
N LEU B 226 3.76 -7.39 -11.89
CA LEU B 226 4.87 -7.06 -12.75
C LEU B 226 6.22 -7.09 -12.04
N HIS B 227 6.26 -6.72 -10.75
CA HIS B 227 7.52 -6.61 -10.01
C HIS B 227 7.65 -7.45 -8.74
N ALA B 228 6.54 -7.97 -8.18
CA ALA B 228 6.61 -8.63 -6.87
C ALA B 228 7.02 -10.12 -6.90
N ASP B 229 7.77 -10.52 -5.89
CA ASP B 229 8.00 -11.93 -5.61
C ASP B 229 6.80 -12.62 -4.99
N VAL B 230 6.15 -11.93 -4.05
CA VAL B 230 4.94 -12.45 -3.38
C VAL B 230 3.87 -11.37 -3.35
N VAL B 231 2.62 -11.74 -3.63
CA VAL B 231 1.49 -10.85 -3.45
C VAL B 231 0.47 -11.53 -2.55
N THR B 232 0.16 -10.93 -1.39
CA THR B 232 -0.95 -11.42 -0.54
C THR B 232 -2.19 -10.53 -0.62
N THR B 233 -3.34 -11.14 -0.40
CA THR B 233 -4.56 -10.38 -0.34
C THR B 233 -5.68 -11.10 0.41
N THR B 234 -6.43 -10.30 1.16
CA THR B 234 -7.67 -10.80 1.74
C THR B 234 -8.70 -10.88 0.65
N THR B 235 -9.72 -11.69 0.85
CA THR B 235 -10.83 -11.86 -0.10
C THR B 235 -12.12 -11.10 0.33
N HIS B 236 -12.10 -10.41 1.48
CA HIS B 236 -13.33 -9.86 2.11
C HIS B 236 -13.51 -8.36 2.03
N LYS B 237 -12.49 -7.63 1.61
CA LYS B 237 -12.62 -6.19 1.55
C LYS B 237 -13.20 -5.81 0.19
N ILE B 238 -12.50 -4.98 -0.57
CA ILE B 238 -13.04 -4.48 -1.86
C ILE B 238 -13.39 -5.63 -2.81
N LEU B 239 -12.71 -6.76 -2.66
CA LEU B 239 -12.99 -7.93 -3.50
C LEU B 239 -14.36 -8.53 -3.30
N ARG B 240 -14.89 -8.34 -2.10
CA ARG B 240 -16.26 -8.65 -1.76
C ARG B 240 -16.48 -10.16 -1.61
N GLY B 241 -15.44 -10.91 -1.23
CA GLY B 241 -15.59 -12.34 -0.98
C GLY B 241 -15.85 -12.65 0.48
N PRO B 242 -15.68 -13.92 0.87
CA PRO B 242 -15.76 -14.29 2.27
C PRO B 242 -14.53 -13.85 3.01
N ARG B 243 -14.53 -14.08 4.32
CA ARG B 243 -13.33 -13.84 5.08
C ARG B 243 -12.32 -14.99 4.85
N SER B 244 -11.32 -14.70 4.04
CA SER B 244 -10.25 -15.63 3.73
C SER B 244 -9.06 -14.85 3.15
N ALA B 245 -8.02 -15.54 2.73
CA ALA B 245 -6.88 -14.89 2.12
C ALA B 245 -6.21 -15.71 1.00
N LEU B 246 -5.39 -15.01 0.21
CA LEU B 246 -4.65 -15.59 -0.91
C LEU B 246 -3.19 -15.22 -0.81
N ILE B 247 -2.33 -16.17 -1.07
CA ILE B 247 -0.91 -15.89 -1.24
C ILE B 247 -0.55 -16.26 -2.68
N PHE B 248 -0.06 -15.27 -3.43
CA PHE B 248 0.50 -15.47 -4.77
C PHE B 248 2.03 -15.46 -4.72
N PHE B 249 2.64 -16.34 -5.53
CA PHE B 249 4.10 -16.45 -5.59
C PHE B 249 4.60 -16.53 -7.05
N ASN B 250 5.69 -15.83 -7.32
CA ASN B 250 6.26 -15.74 -8.67
C ASN B 250 7.24 -16.91 -8.87
N LYS B 251 6.76 -17.98 -9.49
CA LYS B 251 7.58 -19.18 -9.76
C LYS B 251 8.77 -18.90 -10.69
N LYS B 252 8.54 -18.14 -11.77
CA LYS B 252 9.59 -17.77 -12.74
C LYS B 252 10.78 -17.07 -12.09
N ARG B 253 10.48 -16.13 -11.23
CA ARG B 253 11.50 -15.31 -10.63
C ARG B 253 12.21 -16.07 -9.49
N ASN B 254 11.51 -17.02 -8.88
CA ASN B 254 12.06 -17.77 -7.73
C ASN B 254 11.69 -19.25 -7.87
N PRO B 255 12.57 -20.05 -8.51
CA PRO B 255 12.28 -21.48 -8.54
C PRO B 255 12.35 -22.00 -7.11
N GLY B 256 11.47 -22.93 -6.76
CA GLY B 256 11.45 -23.49 -5.41
C GLY B 256 10.65 -22.74 -4.35
N ILE B 257 10.18 -21.52 -4.66
CA ILE B 257 9.26 -20.77 -3.77
C ILE B 257 7.92 -21.49 -3.55
N GLU B 258 7.42 -22.17 -4.57
CA GLU B 258 6.13 -22.88 -4.50
C GLU B 258 6.07 -23.84 -3.33
N GLN B 259 7.16 -24.57 -3.11
CA GLN B 259 7.22 -25.51 -1.99
C GLN B 259 7.34 -24.77 -0.66
N LYS B 260 8.18 -23.73 -0.58
CA LYS B 260 8.35 -22.96 0.66
C LYS B 260 7.02 -22.37 1.20
N ILE B 261 6.18 -21.88 0.30
CA ILE B 261 4.91 -21.29 0.65
C ILE B 261 3.84 -22.32 0.94
N ASN B 262 3.70 -23.35 0.11
CA ASN B 262 2.71 -24.37 0.40
C ASN B 262 3.01 -25.08 1.74
N SER B 263 4.28 -25.29 2.04
CA SER B 263 4.66 -25.98 3.26
C SER B 263 4.50 -25.07 4.47
N ALA B 264 4.74 -23.77 4.30
CA ALA B 264 4.55 -22.77 5.35
C ALA B 264 3.10 -22.65 5.81
N VAL B 265 2.18 -22.69 4.87
CA VAL B 265 0.75 -22.70 5.16
C VAL B 265 0.34 -24.01 5.85
N PHE B 266 0.69 -25.15 5.23
CA PHE B 266 0.54 -26.48 5.84
C PHE B 266 1.75 -27.36 5.52
N PRO B 267 2.35 -28.05 6.50
CA PRO B 267 1.84 -28.17 7.86
C PRO B 267 2.55 -27.25 8.88
N SER B 268 3.32 -26.27 8.45
CA SER B 268 4.00 -25.40 9.38
C SER B 268 3.00 -24.64 10.33
N PHE B 269 1.94 -24.03 9.77
CA PHE B 269 1.03 -23.14 10.52
C PHE B 269 -0.40 -23.65 10.69
N GLN B 270 -1.05 -24.07 9.62
CA GLN B 270 -2.43 -24.55 9.67
C GLN B 270 -2.53 -26.07 9.73
N GLY B 271 -3.75 -26.54 9.97
CA GLY B 271 -4.12 -27.92 9.84
C GLY B 271 -5.13 -28.06 8.70
N GLY B 272 -6.31 -28.53 9.04
CA GLY B 272 -7.39 -28.64 8.09
C GLY B 272 -7.78 -27.32 7.45
N PRO B 273 -7.89 -27.28 6.10
CA PRO B 273 -8.43 -26.08 5.46
C PRO B 273 -9.94 -25.99 5.66
N HIS B 274 -10.48 -24.79 5.48
CA HIS B 274 -11.90 -24.59 5.65
C HIS B 274 -12.51 -24.51 4.28
N ASN B 275 -13.12 -25.62 3.85
CA ASN B 275 -13.56 -25.77 2.48
C ASN B 275 -14.77 -24.94 2.12
N ASN B 276 -15.61 -24.62 3.11
CA ASN B 276 -16.68 -23.63 2.88
C ASN B 276 -16.08 -22.30 2.45
N LYS B 277 -14.98 -21.88 3.09
CA LYS B 277 -14.25 -20.66 2.71
C LYS B 277 -13.78 -20.71 1.26
N ILE B 278 -13.19 -21.84 0.86
CA ILE B 278 -12.61 -22.00 -0.44
C ILE B 278 -13.70 -22.04 -1.51
N ALA B 279 -14.74 -22.82 -1.27
CA ALA B 279 -15.94 -22.75 -2.10
C ALA B 279 -16.47 -21.31 -2.26
N ALA B 280 -16.59 -20.61 -1.13
CA ALA B 280 -17.03 -19.22 -1.18
C ALA B 280 -16.06 -18.37 -2.01
N VAL B 281 -14.76 -18.57 -1.83
CA VAL B 281 -13.80 -17.78 -2.58
C VAL B 281 -13.95 -18.06 -4.08
N ALA B 282 -14.18 -19.33 -4.45
CA ALA B 282 -14.39 -19.71 -5.86
C ALA B 282 -15.58 -19.00 -6.48
N CYS B 283 -16.69 -18.97 -5.75
CA CYS B 283 -17.92 -18.33 -6.16
C CYS B 283 -17.75 -16.83 -6.41
N GLN B 284 -17.08 -16.13 -5.51
CA GLN B 284 -16.86 -14.73 -5.71
C GLN B 284 -15.86 -14.47 -6.85
N LEU B 285 -14.80 -15.26 -6.94
CA LEU B 285 -13.79 -15.08 -7.98
C LEU B 285 -14.38 -15.19 -9.41
N LYS B 286 -15.47 -15.94 -9.59
CA LYS B 286 -16.20 -15.94 -10.85
C LYS B 286 -16.80 -14.57 -11.13
N GLU B 287 -17.43 -13.98 -10.11
CA GLU B 287 -17.93 -12.62 -10.19
C GLU B 287 -16.84 -11.58 -10.46
N VAL B 288 -15.66 -11.74 -9.86
CA VAL B 288 -14.57 -10.78 -10.07
C VAL B 288 -14.15 -10.66 -11.52
N HIS B 289 -14.17 -11.78 -12.26
CA HIS B 289 -13.73 -11.78 -13.67
C HIS B 289 -14.78 -11.34 -14.72
N SER B 290 -15.99 -11.04 -14.29
CA SER B 290 -17.00 -10.44 -15.14
C SER B 290 -16.69 -8.96 -15.40
N PRO B 291 -17.20 -8.41 -16.53
CA PRO B 291 -17.05 -6.97 -16.76
C PRO B 291 -17.99 -6.16 -15.86
N ALA B 292 -19.11 -6.77 -15.43
CA ALA B 292 -20.00 -6.20 -14.42
C ALA B 292 -19.26 -5.78 -13.12
N PHE B 293 -18.29 -6.59 -12.70
CA PHE B 293 -17.54 -6.31 -11.48
C PHE B 293 -16.52 -5.20 -11.73
N LYS B 294 -15.98 -5.15 -12.96
CA LYS B 294 -15.11 -4.04 -13.35
C LYS B 294 -15.90 -2.73 -13.27
N GLU B 295 -17.16 -2.77 -13.71
CA GLU B 295 -18.06 -1.62 -13.56
C GLU B 295 -18.18 -1.20 -12.08
N TYR B 296 -18.49 -2.17 -11.20
CA TYR B 296 -18.56 -1.94 -9.75
C TYR B 296 -17.28 -1.28 -9.21
N THR B 297 -16.13 -1.85 -9.53
CA THR B 297 -14.84 -1.31 -9.05
C THR B 297 -14.55 0.10 -9.55
N GLN B 298 -14.90 0.38 -10.81
CA GLN B 298 -14.79 1.75 -11.39
C GLN B 298 -15.64 2.72 -10.58
N GLN B 299 -16.87 2.30 -10.29
CA GLN B 299 -17.77 3.09 -9.45
C GLN B 299 -17.23 3.37 -8.03
N VAL B 300 -16.46 2.41 -7.48
CA VAL B 300 -15.86 2.59 -6.15
C VAL B 300 -14.92 3.80 -6.22
N LEU B 301 -14.14 3.86 -7.28
CA LEU B 301 -13.18 4.94 -7.45
C LEU B 301 -13.91 6.25 -7.74
N LEU B 302 -14.97 6.18 -8.56
CA LEU B 302 -15.74 7.38 -8.92
C LEU B 302 -16.35 7.95 -7.63
N ASN B 303 -17.03 7.11 -6.84
CA ASN B 303 -17.60 7.55 -5.57
C ASN B 303 -16.56 8.09 -4.59
N SER B 304 -15.38 7.49 -4.58
CA SER B 304 -14.32 7.96 -3.70
C SER B 304 -13.78 9.34 -4.11
N LYS B 305 -13.68 9.57 -5.42
CA LYS B 305 -13.21 10.87 -5.95
C LYS B 305 -14.25 11.95 -5.63
N ALA B 306 -15.50 11.62 -5.94
CA ALA B 306 -16.63 12.53 -5.68
C ALA B 306 -16.72 12.87 -4.20
N LEU B 307 -16.49 11.87 -3.34
CA LEU B 307 -16.51 12.09 -1.89
C LEU B 307 -15.37 12.95 -1.42
N ALA B 308 -14.19 12.73 -1.98
CA ALA B 308 -13.03 13.54 -1.63
C ALA B 308 -13.27 15.02 -1.99
N LYS B 309 -13.80 15.21 -3.18
CA LYS B 309 -14.08 16.54 -3.71
C LYS B 309 -15.18 17.28 -2.92
N ALA B 310 -16.25 16.57 -2.54
CA ALA B 310 -17.32 17.21 -1.76
C ALA B 310 -16.78 17.56 -0.35
N LEU B 311 -15.97 16.70 0.24
CA LEU B 311 -15.39 17.01 1.55
C LEU B 311 -14.47 18.24 1.50
N ILE B 312 -13.65 18.36 0.45
CA ILE B 312 -12.77 19.52 0.28
C ILE B 312 -13.59 20.78 0.01
N SER B 313 -14.63 20.67 -0.83
CA SER B 313 -15.59 21.77 -1.04
C SER B 313 -16.17 22.37 0.25
N LYS B 314 -16.29 21.54 1.30
CA LYS B 314 -16.74 21.94 2.64
C LYS B 314 -15.58 22.21 3.59
N GLN B 315 -14.39 22.48 3.05
CA GLN B 315 -13.22 22.87 3.83
C GLN B 315 -12.73 21.83 4.84
N ILE B 316 -12.98 20.56 4.55
CA ILE B 316 -12.41 19.48 5.35
C ILE B 316 -11.10 19.03 4.66
N ASP B 317 -10.03 18.94 5.45
CA ASP B 317 -8.73 18.49 4.99
C ASP B 317 -8.56 16.97 4.88
N LEU B 318 -7.98 16.51 3.77
CA LEU B 318 -7.73 15.09 3.52
C LEU B 318 -6.22 14.83 3.47
N VAL B 319 -5.76 13.69 4.04
CA VAL B 319 -4.32 13.37 3.97
C VAL B 319 -3.95 13.10 2.52
N THR B 320 -2.86 13.74 2.07
CA THR B 320 -2.44 13.82 0.65
C THR B 320 -3.40 14.61 -0.28
N ASN B 321 -4.34 15.35 0.33
CA ASN B 321 -5.35 16.16 -0.37
C ASN B 321 -6.19 15.48 -1.43
N GLY B 322 -6.39 14.17 -1.28
CA GLY B 322 -7.15 13.40 -2.26
C GLY B 322 -6.89 11.91 -2.14
N THR B 323 -7.38 11.21 -3.15
CA THR B 323 -7.25 9.78 -3.20
C THR B 323 -7.06 9.24 -4.66
N ASP B 324 -6.29 8.17 -4.80
CA ASP B 324 -6.23 7.41 -6.04
C ASP B 324 -7.03 6.15 -5.95
N ASN B 325 -7.59 5.89 -4.77
CA ASN B 325 -8.29 4.65 -4.56
C ASN B 325 -9.62 4.87 -3.84
N HIS B 326 -10.11 3.79 -3.24
CA HIS B 326 -11.34 3.68 -2.45
C HIS B 326 -11.35 4.36 -1.08
N LEU B 327 -10.22 4.83 -0.58
CA LEU B 327 -10.17 5.37 0.75
C LEU B 327 -9.55 6.77 0.94
N ILE B 328 -10.10 7.43 1.95
CA ILE B 328 -9.74 8.79 2.30
C ILE B 328 -9.41 8.78 3.76
N VAL B 329 -8.44 9.59 4.16
CA VAL B 329 -8.15 9.81 5.56
C VAL B 329 -8.40 11.29 5.80
N VAL B 330 -9.33 11.60 6.69
CA VAL B 330 -9.67 12.98 7.02
C VAL B 330 -8.76 13.44 8.14
N ASP B 331 -8.12 14.58 7.95
CA ASP B 331 -7.25 15.22 8.93
C ASP B 331 -8.09 16.23 9.71
N LEU B 332 -8.39 15.89 10.96
CA LEU B 332 -9.31 16.70 11.79
C LEU B 332 -8.67 17.80 12.62
N ARG B 333 -7.38 18.07 12.46
CA ARG B 333 -6.70 19.04 13.33
C ARG B 333 -7.30 20.44 13.34
N LYS B 334 -7.80 20.92 12.22
CA LYS B 334 -8.34 22.30 12.12
C LYS B 334 -9.58 22.58 12.99
N PHE B 335 -10.30 21.53 13.42
CA PHE B 335 -11.45 21.65 14.31
C PHE B 335 -11.12 21.38 15.79
N SER B 336 -9.94 20.81 16.08
CA SER B 336 -9.47 20.53 17.45
C SER B 336 -10.28 19.43 18.14
N ILE B 337 -10.72 18.46 17.34
CA ILE B 337 -11.40 17.27 17.83
C ILE B 337 -10.60 16.05 17.38
N THR B 338 -10.60 15.00 18.21
CA THR B 338 -9.82 13.79 17.89
C THR B 338 -10.67 12.85 17.06
N GLY B 339 -10.00 11.87 16.44
CA GLY B 339 -10.69 10.86 15.65
C GLY B 339 -11.63 9.97 16.45
N SER B 340 -11.23 9.63 17.68
CA SER B 340 -12.09 8.81 18.56
C SER B 340 -13.40 9.53 18.90
N LYS B 341 -13.36 10.84 19.06
CA LYS B 341 -14.61 11.60 19.33
C LYS B 341 -15.59 11.51 18.17
N LEU B 342 -15.10 11.77 16.96
CA LEU B 342 -15.93 11.71 15.75
C LEU B 342 -16.43 10.30 15.44
N GLN B 343 -15.60 9.30 15.78
CA GLN B 343 -16.07 7.90 15.70
C GLN B 343 -17.29 7.66 16.64
N GLU B 344 -17.20 8.16 17.87
CA GLU B 344 -18.33 8.06 18.82
C GLU B 344 -19.56 8.82 18.31
N THR B 345 -19.36 10.05 17.85
CA THR B 345 -20.44 10.83 17.24
C THR B 345 -21.09 10.13 16.02
N CYS B 346 -20.25 9.57 15.15
CA CYS B 346 -20.75 8.86 13.96
C CYS B 346 -21.44 7.54 14.33
N ASN B 347 -20.95 6.86 15.37
CA ASN B 347 -21.64 5.66 15.91
C ASN B 347 -23.06 6.05 16.34
N ALA B 348 -23.16 7.17 17.07
CA ALA B 348 -24.46 7.69 17.54
C ALA B 348 -25.41 8.05 16.38
N ILE B 349 -24.88 8.32 15.18
CA ILE B 349 -25.78 8.54 14.03
C ILE B 349 -25.83 7.44 12.98
N ASN B 350 -25.43 6.22 13.36
CA ASN B 350 -25.40 5.08 12.46
C ASN B 350 -24.50 5.32 11.22
N VAL B 351 -23.35 5.93 11.51
CA VAL B 351 -22.32 6.15 10.50
C VAL B 351 -21.13 5.34 11.01
N SER B 352 -20.75 4.35 10.23
CA SER B 352 -19.61 3.50 10.58
C SER B 352 -18.33 3.98 9.93
N LEU B 353 -17.37 4.40 10.76
CA LEU B 353 -16.05 4.76 10.31
C LEU B 353 -15.07 4.51 11.45
N ASN B 354 -13.76 4.60 11.18
CA ASN B 354 -12.78 4.36 12.22
C ASN B 354 -11.81 5.49 12.34
N LYS B 355 -11.28 5.62 13.55
CA LYS B 355 -10.25 6.57 13.83
C LYS B 355 -8.94 6.09 13.22
N ASN B 356 -8.05 7.01 12.93
CA ASN B 356 -6.88 6.68 12.13
C ASN B 356 -5.86 7.76 12.32
N THR B 357 -4.61 7.36 12.48
CA THR B 357 -3.50 8.28 12.61
C THR B 357 -3.30 9.16 11.36
N ILE B 358 -2.61 10.27 11.54
CA ILE B 358 -2.19 11.15 10.44
C ILE B 358 -0.69 11.48 10.64
N PRO B 359 -0.01 11.99 9.58
CA PRO B 359 1.46 12.18 9.67
C PRO B 359 1.96 12.97 10.89
N SER B 360 1.24 14.00 11.27
CA SER B 360 1.62 14.85 12.40
C SER B 360 1.68 14.11 13.75
N ASP B 361 0.86 13.07 13.96
CA ASP B 361 0.80 12.37 15.25
C ASP B 361 2.09 11.60 15.53
N VAL B 362 2.85 12.02 16.53
CA VAL B 362 4.03 11.28 16.98
C VAL B 362 3.57 9.89 17.42
N ASP B 363 2.62 9.89 18.35
CA ASP B 363 2.11 8.67 18.98
C ASP B 363 0.89 8.12 18.24
N CYS B 364 0.61 6.84 18.45
CA CYS B 364 -0.67 6.22 18.11
C CYS B 364 -1.80 6.61 19.10
N VAL B 365 -1.41 7.18 20.24
CA VAL B 365 -2.33 7.75 21.24
C VAL B 365 -3.00 9.03 20.71
N SER B 366 -4.32 9.06 20.75
CA SER B 366 -5.12 10.18 20.22
C SER B 366 -4.82 10.49 18.73
N PRO B 367 -5.25 9.58 17.82
CA PRO B 367 -5.07 9.86 16.39
C PRO B 367 -5.96 11.01 15.93
N SER B 368 -5.46 11.84 15.00
CA SER B 368 -6.15 13.05 14.61
C SER B 368 -6.99 12.92 13.36
N GLY B 369 -7.29 11.69 12.94
CA GLY B 369 -8.05 11.52 11.74
C GLY B 369 -9.05 10.42 11.82
N VAL B 370 -9.82 10.31 10.77
CA VAL B 370 -10.67 9.17 10.55
C VAL B 370 -10.42 8.65 9.15
N ARG B 371 -10.63 7.35 8.96
CA ARG B 371 -10.55 6.77 7.69
C ARG B 371 -11.94 6.41 7.24
N ILE B 372 -12.23 6.70 5.98
CA ILE B 372 -13.46 6.35 5.33
C ILE B 372 -13.19 5.68 3.98
N GLY B 373 -14.15 4.88 3.50
CA GLY B 373 -14.01 4.22 2.23
C GLY B 373 -15.35 3.95 1.60
N THR B 374 -15.37 3.81 0.28
CA THR B 374 -16.60 3.62 -0.48
C THR B 374 -17.03 2.22 -0.94
N PRO B 375 -16.23 1.15 -0.72
CA PRO B 375 -16.71 -0.13 -1.27
C PRO B 375 -18.09 -0.57 -0.76
N ALA B 376 -18.33 -0.49 0.54
CA ALA B 376 -19.62 -0.93 1.09
C ALA B 376 -20.84 -0.18 0.46
N MET B 377 -20.81 1.16 0.46
CA MET B 377 -21.95 1.96 -0.04
C MET B 377 -22.10 1.91 -1.53
N THR B 378 -20.98 1.67 -2.22
CA THR B 378 -21.01 1.40 -3.64
C THR B 378 -21.70 0.09 -3.94
N THR B 379 -21.46 -0.93 -3.11
CA THR B 379 -22.19 -2.19 -3.20
C THR B 379 -23.71 -1.96 -2.93
N ARG B 380 -24.02 -1.02 -2.05
CA ARG B 380 -25.41 -0.68 -1.76
C ARG B 380 -26.07 0.28 -2.78
N GLY B 381 -25.40 0.54 -3.91
CA GLY B 381 -25.99 1.26 -5.02
C GLY B 381 -25.73 2.76 -5.07
N ALA B 382 -25.07 3.34 -4.05
CA ALA B 382 -24.76 4.77 -4.05
C ALA B 382 -23.90 5.20 -5.27
N LYS B 383 -24.26 6.33 -5.87
CA LYS B 383 -23.60 6.86 -7.06
C LYS B 383 -22.90 8.19 -6.69
N GLU B 384 -22.26 8.84 -7.66
CA GLU B 384 -21.47 10.05 -7.37
C GLU B 384 -22.24 11.17 -6.65
N LYS B 385 -23.46 11.40 -7.15
CA LYS B 385 -24.43 12.36 -6.60
C LYS B 385 -24.77 12.12 -5.12
N ASP B 386 -24.75 10.85 -4.71
CA ASP B 386 -25.00 10.47 -3.30
C ASP B 386 -23.86 10.80 -2.33
N MET B 387 -22.68 11.13 -2.86
CA MET B 387 -21.54 11.44 -2.01
C MET B 387 -21.65 12.81 -1.36
N GLU B 388 -22.36 13.74 -1.98
CA GLU B 388 -22.61 15.05 -1.37
C GLU B 388 -23.41 14.89 -0.07
N PHE B 389 -24.42 14.03 -0.08
CA PHE B 389 -25.19 13.70 1.15
C PHE B 389 -24.32 13.06 2.24
N ILE B 390 -23.40 12.15 1.87
CA ILE B 390 -22.50 11.56 2.87
C ILE B 390 -21.55 12.62 3.40
N ALA B 391 -21.00 13.41 2.50
CA ALA B 391 -20.16 14.54 2.88
C ALA B 391 -20.90 15.52 3.77
N ASP B 392 -22.17 15.81 3.42
CA ASP B 392 -23.06 16.63 4.28
C ASP B 392 -23.17 16.03 5.70
N VAL B 393 -23.50 14.74 5.77
CA VAL B 393 -23.67 14.05 7.07
C VAL B 393 -22.38 14.10 7.87
N LEU B 394 -21.24 13.86 7.21
CA LEU B 394 -19.94 13.94 7.92
C LEU B 394 -19.57 15.31 8.44
N ALA B 395 -19.73 16.35 7.61
CA ALA B 395 -19.56 17.75 8.09
C ALA B 395 -20.48 18.10 9.28
N ARG B 396 -21.74 17.69 9.19
CA ARG B 396 -22.68 17.92 10.31
C ARG B 396 -22.21 17.22 11.60
N ALA B 397 -21.67 16.00 11.48
CA ALA B 397 -21.12 15.26 12.62
C ALA B 397 -19.92 15.93 13.24
N ILE B 398 -19.04 16.45 12.40
CA ILE B 398 -17.87 17.17 12.89
C ILE B 398 -18.31 18.41 13.64
N LYS B 399 -19.27 19.14 13.08
CA LYS B 399 -19.79 20.33 13.75
C LYS B 399 -20.47 20.02 15.11
N ILE B 400 -21.27 18.96 15.14
CA ILE B 400 -21.89 18.52 16.39
C ILE B 400 -20.82 18.10 17.39
N THR B 401 -19.85 17.33 16.92
CA THR B 401 -18.73 16.92 17.75
C THR B 401 -17.97 18.10 18.35
N VAL B 402 -17.85 19.18 17.59
CA VAL B 402 -17.20 20.41 18.06
C VAL B 402 -18.06 21.10 19.14
N ASP B 403 -19.38 21.14 18.93
CA ASP B 403 -20.33 21.70 19.92
C ASP B 403 -20.28 20.94 21.25
N LEU B 404 -20.44 19.61 21.20
CA LEU B 404 -20.39 18.77 22.39
C LEU B 404 -19.09 18.90 23.19
N GLN B 405 -17.96 18.98 22.50
CA GLN B 405 -16.67 19.19 23.14
C GLN B 405 -16.61 20.52 23.91
N GLU B 406 -17.18 21.56 23.30
CA GLU B 406 -17.33 22.85 23.98
C GLU B 406 -18.16 22.70 25.27
N GLN B 407 -19.29 22.01 25.16
CA GLN B 407 -20.27 21.89 26.24
C GLN B 407 -19.76 21.01 27.39
N TYR B 408 -19.20 19.84 27.07
CA TYR B 408 -18.80 18.87 28.09
C TYR B 408 -17.28 18.73 28.32
N GLY B 409 -16.46 19.38 27.49
CA GLY B 409 -15.00 19.33 27.62
C GLY B 409 -14.32 18.33 26.69
N LYS B 410 -13.00 18.46 26.62
CA LYS B 410 -12.14 17.69 25.71
C LYS B 410 -11.82 16.27 26.21
N LYS B 411 -12.13 15.97 27.47
CA LYS B 411 -11.86 14.64 28.04
C LYS B 411 -12.92 13.67 27.52
N LEU B 412 -12.49 12.49 27.07
CA LEU B 412 -13.39 11.55 26.35
C LEU B 412 -14.53 11.05 27.22
N VAL B 413 -14.23 10.75 28.50
CA VAL B 413 -15.28 10.38 29.47
C VAL B 413 -16.34 11.47 29.64
N ASP B 414 -15.89 12.72 29.77
CA ASP B 414 -16.79 13.87 29.85
C ASP B 414 -17.55 14.06 28.53
N PHE B 415 -16.85 13.96 27.39
CA PHE B 415 -17.44 14.16 26.06
C PHE B 415 -18.64 13.25 25.80
N LYS B 416 -18.44 11.93 25.96
CA LYS B 416 -19.47 10.92 25.65
C LYS B 416 -20.80 11.14 26.36
N LYS B 417 -20.74 11.70 27.56
CA LYS B 417 -21.94 11.99 28.36
C LYS B 417 -22.92 12.90 27.61
N GLY B 418 -22.42 13.74 26.69
CA GLY B 418 -23.28 14.61 25.90
C GLY B 418 -24.02 13.99 24.72
N LEU B 419 -23.67 12.74 24.37
CA LEU B 419 -24.19 12.08 23.17
C LEU B 419 -25.58 11.46 23.28
N PRO B 420 -25.88 10.76 24.41
CA PRO B 420 -27.21 10.16 24.45
C PRO B 420 -28.30 11.24 24.55
N GLY B 421 -29.35 11.06 23.76
CA GLY B 421 -30.45 12.01 23.69
C GLY B 421 -30.22 13.39 23.09
N ASN B 422 -29.05 13.65 22.47
CA ASN B 422 -28.79 14.95 21.81
C ASN B 422 -29.78 15.10 20.67
N ALA B 423 -30.51 16.23 20.66
CA ALA B 423 -31.58 16.46 19.69
C ALA B 423 -31.08 16.40 18.25
N GLN B 424 -29.91 16.98 18.01
CA GLN B 424 -29.36 17.07 16.64
C GLN B 424 -28.87 15.70 16.17
N LEU B 425 -28.23 14.95 17.06
CA LEU B 425 -27.87 13.56 16.76
C LEU B 425 -29.08 12.70 16.48
N GLN B 426 -30.09 12.75 17.36
CA GLN B 426 -31.35 11.99 17.13
C GLN B 426 -31.94 12.35 15.77
N GLN B 427 -31.95 13.65 15.47
CA GLN B 427 -32.36 14.17 14.15
C GLN B 427 -31.47 13.63 13.01
N LEU B 428 -30.17 13.74 13.18
CA LEU B 428 -29.23 13.29 12.13
C LEU B 428 -29.27 11.77 11.95
N LYS B 429 -29.18 11.03 13.05
CA LYS B 429 -29.45 9.58 13.04
C LYS B 429 -30.69 9.22 12.23
N GLN B 430 -31.78 9.94 12.49
CA GLN B 430 -33.07 9.73 11.80
C GLN B 430 -32.95 9.85 10.28
N GLU B 431 -32.21 10.85 9.81
CA GLU B 431 -31.98 11.09 8.37
C GLU B 431 -31.13 9.99 7.78
N VAL B 432 -30.09 9.59 8.51
CA VAL B 432 -29.23 8.49 8.07
C VAL B 432 -30.04 7.22 7.87
N VAL B 433 -30.74 6.80 8.94
CA VAL B 433 -31.56 5.57 8.94
C VAL B 433 -32.50 5.56 7.74
N THR B 434 -33.17 6.69 7.47
CA THR B 434 -34.19 6.77 6.41
C THR B 434 -33.55 6.61 5.06
N TRP B 435 -32.41 7.28 4.85
CA TRP B 435 -31.74 7.17 3.56
C TRP B 435 -31.13 5.76 3.40
N ALA B 436 -30.42 5.30 4.44
CA ALA B 436 -29.69 4.01 4.40
C ALA B 436 -30.60 2.81 4.27
N GLY B 437 -31.67 2.79 5.08
CA GLY B 437 -32.68 1.74 5.04
C GLY B 437 -33.25 1.45 3.67
N ALA B 438 -33.38 2.49 2.85
CA ALA B 438 -34.00 2.39 1.52
C ALA B 438 -33.13 1.72 0.48
N LEU B 439 -31.80 1.85 0.62
CA LEU B 439 -30.84 1.31 -0.36
C LEU B 439 -30.86 -0.21 -0.50
N PRO B 440 -30.58 -0.71 -1.73
CA PRO B 440 -30.39 -2.13 -1.95
C PRO B 440 -29.45 -2.78 -0.93
N PHE B 441 -29.87 -3.94 -0.44
CA PHE B 441 -29.16 -4.69 0.60
C PHE B 441 -29.01 -6.14 0.13
N PRO B 442 -27.77 -6.58 -0.10
CA PRO B 442 -27.59 -7.97 -0.57
C PRO B 442 -27.84 -8.98 0.53
N MET C 1 13.38 77.78 -9.08
CA MET C 1 11.88 77.68 -9.18
C MET C 1 11.43 76.22 -9.31
N PHE C 2 11.76 75.44 -8.28
CA PHE C 2 11.50 73.99 -8.25
C PHE C 2 11.12 73.52 -6.84
N ASN C 3 10.55 72.33 -6.77
CA ASN C 3 10.27 71.68 -5.48
C ASN C 3 11.34 70.63 -5.14
N ASN C 4 12.09 70.85 -4.06
CA ASN C 4 13.13 69.92 -3.63
C ASN C 4 12.80 69.07 -2.39
N GLU C 5 11.52 68.95 -2.05
CA GLU C 5 11.08 68.07 -0.97
C GLU C 5 11.36 66.61 -1.30
N PRO C 6 11.89 65.81 -0.33
CA PRO C 6 12.10 64.38 -0.57
C PRO C 6 10.88 63.64 -1.11
N LEU C 7 11.12 62.53 -1.80
CA LEU C 7 10.08 61.73 -2.49
C LEU C 7 8.87 61.43 -1.59
N GLU C 8 9.15 61.03 -0.34
CA GLU C 8 8.11 60.71 0.65
C GLU C 8 7.16 61.91 0.88
N GLN C 9 7.75 63.09 1.01
CA GLN C 9 7.00 64.34 1.19
C GLN C 9 6.27 64.74 -0.09
N ILE C 10 7.01 64.89 -1.18
CA ILE C 10 6.45 65.32 -2.48
C ILE C 10 5.38 64.39 -3.06
N ASP C 11 5.56 63.08 -2.90
CA ASP C 11 4.61 62.11 -3.43
C ASP C 11 4.53 60.90 -2.51
N LYS C 12 3.63 60.98 -1.53
CA LYS C 12 3.37 59.89 -0.60
C LYS C 12 2.73 58.71 -1.33
N GLU C 13 1.83 58.97 -2.27
CA GLU C 13 1.16 57.87 -3.00
C GLU C 13 2.13 56.92 -3.72
N LEU C 14 3.13 57.49 -4.39
CA LEU C 14 4.12 56.74 -5.16
C LEU C 14 5.12 56.08 -4.22
N HIS C 15 5.54 56.82 -3.20
CA HIS C 15 6.50 56.32 -2.23
C HIS C 15 6.03 55.05 -1.51
N ASP C 16 4.71 54.90 -1.35
CA ASP C 16 4.14 53.71 -0.69
C ASP C 16 4.19 52.48 -1.60
N ILE C 17 3.92 52.67 -2.89
CA ILE C 17 3.92 51.55 -3.83
C ILE C 17 5.37 51.10 -4.01
N LEU C 18 6.27 52.06 -4.24
CA LEU C 18 7.73 51.76 -4.28
C LEU C 18 8.25 51.08 -3.03
N ALA C 19 7.79 51.49 -1.85
CA ALA C 19 8.24 50.83 -0.59
C ALA C 19 7.66 49.40 -0.46
N ASP C 20 6.50 49.19 -1.09
CA ASP C 20 5.86 47.87 -1.14
C ASP C 20 6.59 46.97 -2.11
N GLU C 21 6.91 47.52 -3.29
CA GLU C 21 7.66 46.82 -4.34
C GLU C 21 8.95 46.30 -3.74
N GLU C 22 9.66 47.16 -3.01
CA GLU C 22 10.88 46.81 -2.30
C GLU C 22 10.72 45.68 -1.29
N LYS C 23 9.64 45.71 -0.52
CA LYS C 23 9.34 44.64 0.43
C LYS C 23 9.09 43.30 -0.33
N ARG C 24 8.23 43.31 -1.34
CA ARG C 24 7.99 42.14 -2.17
C ARG C 24 9.30 41.54 -2.79
N GLN C 25 10.22 42.37 -3.27
CA GLN C 25 11.52 41.90 -3.79
C GLN C 25 12.36 41.21 -2.69
N ARG C 26 12.32 41.82 -1.51
CA ARG C 26 13.05 41.34 -0.35
C ARG C 26 12.52 39.99 0.18
N GLU C 27 11.27 39.67 -0.10
CA GLU C 27 10.59 38.53 0.49
C GLU C 27 10.15 37.54 -0.56
N THR C 28 10.87 37.53 -1.70
CA THR C 28 10.55 36.69 -2.85
C THR C 28 11.75 35.78 -3.11
N ILE C 29 11.48 34.53 -3.45
CA ILE C 29 12.50 33.66 -4.06
C ILE C 29 12.42 34.00 -5.55
N ASN C 30 13.38 34.81 -6.00
CA ASN C 30 13.37 35.28 -7.36
C ASN C 30 14.18 34.35 -8.24
N LEU C 31 13.46 33.56 -9.04
CA LEU C 31 14.08 32.64 -9.97
C LEU C 31 13.88 33.11 -11.40
N ILE C 32 13.69 34.43 -11.66
CA ILE C 32 13.55 34.86 -13.07
C ILE C 32 14.93 34.85 -13.67
N ALA C 33 15.11 34.13 -14.76
CA ALA C 33 16.47 33.84 -15.24
C ALA C 33 17.17 35.12 -15.66
N SER C 34 16.39 36.09 -16.14
CA SER C 34 16.89 37.39 -16.62
C SER C 34 16.94 38.48 -15.56
N GLU C 35 16.65 38.19 -14.30
CA GLU C 35 16.64 39.25 -13.29
C GLU C 35 17.84 39.16 -12.39
N ASN C 36 18.12 40.27 -11.73
CA ASN C 36 19.22 40.36 -10.78
C ASN C 36 18.92 41.49 -9.81
N LEU C 37 19.88 41.83 -8.97
CA LEU C 37 19.76 42.93 -8.06
C LEU C 37 20.99 43.80 -8.13
N THR C 38 20.78 45.08 -8.44
CA THR C 38 21.84 46.07 -8.56
C THR C 38 22.31 46.50 -7.20
N ASN C 39 23.61 46.71 -7.04
CA ASN C 39 24.11 47.33 -5.79
C ASN C 39 23.79 48.85 -5.72
N GLY C 40 24.03 49.42 -4.56
CA GLY C 40 23.74 50.80 -4.28
C GLY C 40 24.57 51.75 -5.13
N ALA C 41 25.83 51.41 -5.42
CA ALA C 41 26.68 52.28 -6.24
C ALA C 41 26.16 52.44 -7.66
N VAL C 42 25.59 51.37 -8.20
CA VAL C 42 24.97 51.40 -9.51
C VAL C 42 23.69 52.27 -9.50
N ARG C 43 22.85 52.09 -8.50
CA ARG C 43 21.68 52.97 -8.32
C ARG C 43 21.99 54.46 -8.01
N GLU C 44 23.17 54.75 -7.44
CA GLU C 44 23.66 56.13 -7.30
C GLU C 44 23.94 56.73 -8.68
N CYS C 45 24.45 55.93 -9.62
CA CYS C 45 24.74 56.39 -10.95
C CYS C 45 23.47 56.67 -11.70
N LEU C 46 22.50 55.76 -11.59
CA LEU C 46 21.23 55.91 -12.29
C LEU C 46 20.46 57.15 -11.89
N GLY C 47 20.59 57.56 -10.63
CA GLY C 47 19.96 58.80 -10.16
C GLY C 47 20.88 60.03 -10.15
N ASN C 48 21.99 60.00 -10.88
CA ASN C 48 22.95 61.12 -10.92
C ASN C 48 22.49 62.20 -11.88
N ARG C 49 22.83 63.44 -11.59
CA ARG C 49 22.53 64.58 -12.50
C ARG C 49 23.10 64.52 -13.89
N VAL C 50 23.95 63.56 -14.18
CA VAL C 50 24.47 63.38 -15.55
C VAL C 50 23.36 63.14 -16.62
N SER C 51 22.21 62.59 -16.20
CA SER C 51 21.05 62.45 -17.10
C SER C 51 20.45 63.79 -17.61
N ASN C 52 20.75 64.91 -16.95
CA ASN C 52 20.40 66.26 -17.45
C ASN C 52 21.05 66.67 -18.79
N LYS C 53 22.13 66.02 -19.17
CA LYS C 53 22.92 66.44 -20.31
C LYS C 53 22.50 65.81 -21.63
N TYR C 54 22.29 66.65 -22.65
CA TYR C 54 22.08 66.21 -24.03
C TYR C 54 23.45 66.05 -24.72
N SER C 55 23.78 64.86 -25.18
CA SER C 55 25.10 64.56 -25.74
C SER C 55 25.07 63.70 -26.98
N GLU C 56 24.21 64.09 -27.92
CA GLU C 56 24.11 63.43 -29.22
C GLU C 56 25.41 63.31 -30.01
N GLY C 57 25.63 62.15 -30.56
CA GLY C 57 26.82 61.85 -31.32
C GLY C 57 27.70 60.88 -30.56
N TYR C 58 29.01 61.03 -30.76
CA TYR C 58 30.01 60.15 -30.15
C TYR C 58 31.12 61.00 -29.54
N PRO C 59 31.95 60.43 -28.62
CA PRO C 59 32.94 61.31 -27.95
C PRO C 59 33.94 61.96 -28.94
N LYS C 60 34.28 63.22 -28.69
CA LYS C 60 35.16 64.02 -29.58
C LYS C 60 34.55 64.32 -30.96
N LYS C 61 33.29 63.93 -31.17
CA LYS C 61 32.53 64.25 -32.39
C LYS C 61 31.06 64.48 -31.98
N ARG C 62 30.90 65.29 -30.94
CA ARG C 62 29.61 65.56 -30.33
C ARG C 62 29.01 66.68 -31.14
N TYR C 63 27.68 66.74 -31.16
CA TYR C 63 26.98 67.87 -31.80
C TYR C 63 27.08 69.09 -30.94
N TYR C 64 26.89 68.92 -29.63
CA TYR C 64 27.02 70.03 -28.66
C TYR C 64 28.34 70.01 -27.91
N GLY C 65 28.72 71.16 -27.37
CA GLY C 65 29.86 71.26 -26.46
C GLY C 65 29.33 70.99 -25.06
N GLY C 66 30.16 71.26 -24.07
CA GLY C 66 29.78 71.04 -22.69
C GLY C 66 29.83 69.56 -22.29
N ASN C 67 30.48 68.74 -23.12
CA ASN C 67 30.51 67.29 -22.99
C ASN C 67 31.87 66.69 -22.67
N ASP C 68 32.75 67.46 -22.01
CA ASP C 68 34.10 66.95 -21.71
C ASP C 68 33.98 65.85 -20.67
N PHE C 69 33.24 66.11 -19.59
CA PHE C 69 33.03 65.10 -18.56
C PHE C 69 32.21 63.90 -19.05
N ILE C 70 31.14 64.16 -19.82
CA ILE C 70 30.37 63.09 -20.49
C ILE C 70 31.24 62.25 -21.41
N ASP C 71 32.12 62.90 -22.17
CA ASP C 71 33.05 62.17 -23.05
C ASP C 71 33.97 61.24 -22.28
N LYS C 72 34.45 61.68 -21.13
CA LYS C 72 35.33 60.83 -20.31
C LYS C 72 34.60 59.56 -19.80
N ILE C 73 33.39 59.78 -19.26
CA ILE C 73 32.49 58.71 -18.82
C ILE C 73 32.20 57.73 -19.96
N GLU C 74 31.87 58.21 -21.16
CA GLU C 74 31.58 57.29 -22.29
C GLU C 74 32.81 56.52 -22.76
N GLU C 75 33.99 57.16 -22.73
CA GLU C 75 35.27 56.50 -23.14
C GLU C 75 35.73 55.45 -22.12
N LEU C 76 35.64 55.79 -20.85
CA LEU C 76 35.80 54.85 -19.76
C LEU C 76 34.88 53.63 -19.85
N CYS C 77 33.63 53.84 -20.27
CA CYS C 77 32.67 52.75 -20.32
C CYS C 77 33.06 51.78 -21.42
N GLN C 78 33.40 52.31 -22.60
CA GLN C 78 33.87 51.49 -23.74
C GLN C 78 35.19 50.74 -23.42
N LYS C 79 36.13 51.46 -22.78
CA LYS C 79 37.39 50.85 -22.37
C LYS C 79 37.10 49.66 -21.44
N ARG C 80 36.41 49.95 -20.32
CA ARG C 80 36.04 48.94 -19.33
C ARG C 80 35.21 47.77 -19.89
N ALA C 81 34.47 47.99 -20.97
CA ALA C 81 33.68 46.92 -21.63
C ALA C 81 34.54 45.96 -22.43
N LEU C 82 35.43 46.54 -23.22
CA LEU C 82 36.39 45.76 -24.00
C LEU C 82 37.36 44.95 -23.10
N GLU C 83 37.90 45.57 -22.06
CA GLU C 83 38.67 44.85 -21.03
C GLU C 83 37.89 43.71 -20.36
N ALA C 84 36.64 43.97 -19.98
CA ALA C 84 35.81 42.97 -19.33
C ALA C 84 35.67 41.72 -20.16
N PHE C 85 35.39 41.92 -21.45
CA PHE C 85 35.17 40.81 -22.37
C PHE C 85 36.43 40.32 -23.10
N ASN C 86 37.61 40.63 -22.55
CA ASN C 86 38.87 40.02 -23.00
C ASN C 86 39.09 40.25 -24.48
N VAL C 87 39.01 41.51 -24.89
CA VAL C 87 39.18 41.90 -26.28
C VAL C 87 40.07 43.12 -26.39
N SER C 88 40.86 43.13 -27.47
CA SER C 88 41.80 44.20 -27.75
C SER C 88 41.04 45.31 -28.44
N ASP C 89 41.21 46.55 -27.98
CA ASP C 89 40.61 47.72 -28.62
C ASP C 89 41.15 48.03 -30.04
N GLU C 90 42.29 47.41 -30.38
CA GLU C 90 42.80 47.45 -31.75
C GLU C 90 41.94 46.58 -32.67
N GLU C 91 41.45 45.43 -32.17
CA GLU C 91 40.62 44.48 -32.96
C GLU C 91 39.09 44.60 -32.76
N TRP C 92 38.66 45.00 -31.57
CA TRP C 92 37.21 45.07 -31.24
C TRP C 92 36.79 46.48 -30.90
N GLY C 93 35.58 46.82 -31.30
CA GLY C 93 34.94 48.06 -30.84
C GLY C 93 33.62 47.78 -30.14
N VAL C 94 33.17 48.75 -29.36
CA VAL C 94 31.94 48.64 -28.62
C VAL C 94 31.16 49.96 -28.65
N ASN C 95 29.85 49.85 -28.88
CA ASN C 95 28.93 51.00 -28.72
C ASN C 95 28.12 50.81 -27.42
N VAL C 96 28.15 51.81 -26.56
CA VAL C 96 27.60 51.76 -25.22
C VAL C 96 26.27 52.52 -25.10
N GLN C 97 25.77 53.04 -26.22
CA GLN C 97 24.62 53.90 -26.21
C GLN C 97 23.24 53.21 -26.21
N PRO C 98 23.09 52.00 -26.80
CA PRO C 98 21.73 51.41 -26.89
C PRO C 98 20.98 51.35 -25.56
N LEU C 99 19.73 51.79 -25.58
CA LEU C 99 18.95 51.95 -24.35
C LEU C 99 18.50 50.61 -23.81
N SER C 100 18.45 49.58 -24.63
CA SER C 100 18.07 48.25 -24.15
C SER C 100 18.39 47.14 -25.13
N GLY C 101 18.24 45.91 -24.67
CA GLY C 101 18.59 44.76 -25.46
C GLY C 101 17.96 44.67 -26.82
N SER C 102 16.64 44.97 -26.87
CA SER C 102 15.90 44.88 -28.10
C SER C 102 16.35 46.02 -29.07
N ALA C 103 16.51 47.23 -28.54
CA ALA C 103 17.05 48.33 -29.34
C ALA C 103 18.44 47.97 -29.97
N ALA C 104 19.35 47.49 -29.15
CA ALA C 104 20.70 47.05 -29.56
C ALA C 104 20.68 46.07 -30.69
N ASN C 105 19.84 45.04 -30.58
CA ASN C 105 19.71 44.05 -31.63
C ASN C 105 19.14 44.61 -32.93
N VAL C 106 18.07 45.40 -32.86
CA VAL C 106 17.49 45.97 -34.08
C VAL C 106 18.48 46.89 -34.81
N GLN C 107 19.24 47.66 -34.04
CA GLN C 107 20.21 48.59 -34.56
C GLN C 107 21.34 47.80 -35.22
N ALA C 108 21.95 46.89 -34.47
CA ALA C 108 23.00 46.02 -35.04
C ALA C 108 22.54 45.28 -36.30
N LEU C 109 21.33 44.71 -36.29
CA LEU C 109 20.84 43.97 -37.47
C LEU C 109 20.68 44.90 -38.68
N TYR C 110 20.13 46.08 -38.45
CA TYR C 110 19.95 47.05 -39.52
C TYR C 110 21.31 47.44 -40.15
N ALA C 111 22.28 47.79 -39.29
CA ALA C 111 23.67 48.05 -39.71
C ALA C 111 24.15 46.99 -40.69
N LEU C 112 23.97 45.72 -40.35
CA LEU C 112 24.53 44.62 -41.15
C LEU C 112 23.77 44.35 -42.44
N VAL C 113 22.45 44.49 -42.42
CA VAL C 113 21.62 44.02 -43.54
C VAL C 113 20.75 45.05 -44.24
N GLY C 114 20.35 46.11 -43.53
CA GLY C 114 19.43 47.10 -44.07
C GLY C 114 18.00 46.60 -44.22
N VAL C 115 17.09 47.51 -44.58
CA VAL C 115 15.68 47.19 -44.77
C VAL C 115 15.57 46.12 -45.84
N LYS C 116 14.62 45.19 -45.64
CA LYS C 116 14.49 43.99 -46.48
C LYS C 116 15.64 42.97 -46.35
N GLY C 117 16.61 43.21 -45.46
CA GLY C 117 17.74 42.27 -45.31
C GLY C 117 17.30 40.90 -44.81
N LYS C 118 18.12 39.89 -45.09
CA LYS C 118 17.76 38.50 -44.77
C LYS C 118 18.46 38.10 -43.48
N ILE C 119 17.68 37.63 -42.50
CA ILE C 119 18.23 37.18 -41.20
C ILE C 119 17.73 35.79 -40.81
N MET C 120 18.51 35.11 -39.98
CA MET C 120 18.12 33.80 -39.48
C MET C 120 18.36 33.79 -37.98
N GLY C 121 17.37 33.32 -37.23
CA GLY C 121 17.51 33.17 -35.77
C GLY C 121 16.69 32.02 -35.22
N MET C 122 16.91 31.68 -33.95
CA MET C 122 16.12 30.62 -33.30
C MET C 122 14.69 31.06 -33.07
N HIS C 123 13.75 30.17 -33.40
CA HIS C 123 12.34 30.40 -33.12
C HIS C 123 12.14 30.74 -31.63
N LEU C 124 11.21 31.64 -31.34
CA LEU C 124 10.91 32.06 -29.95
C LEU C 124 10.51 30.90 -29.06
N CYS C 125 9.50 30.13 -29.50
CA CYS C 125 9.08 28.85 -28.88
C CYS C 125 10.21 27.84 -28.61
N SER C 126 11.34 27.94 -29.32
CA SER C 126 12.51 27.10 -29.06
C SER C 126 13.60 27.74 -28.24
N GLY C 127 13.40 28.98 -27.78
CA GLY C 127 14.37 29.63 -26.90
C GLY C 127 15.06 30.86 -27.45
N GLY C 128 14.78 31.25 -28.70
CA GLY C 128 15.27 32.52 -29.25
C GLY C 128 14.50 33.71 -28.70
N HIS C 129 15.03 34.92 -28.96
CA HIS C 129 14.38 36.16 -28.54
C HIS C 129 13.47 36.69 -29.64
N LEU C 130 12.51 37.52 -29.24
CA LEU C 130 11.62 38.23 -30.18
C LEU C 130 12.38 38.96 -31.32
N THR C 131 13.49 39.60 -30.96
CA THR C 131 14.37 40.35 -31.89
C THR C 131 15.31 39.48 -32.72
N HIS C 132 15.19 38.15 -32.62
CA HIS C 132 15.92 37.24 -33.49
C HIS C 132 15.04 36.81 -34.68
N GLY C 133 14.05 37.62 -35.00
CA GLY C 133 13.26 37.40 -36.18
C GLY C 133 11.83 36.90 -35.98
N PHE C 134 11.29 37.03 -34.77
CA PHE C 134 10.05 36.34 -34.47
C PHE C 134 8.84 36.84 -35.23
N PHE C 135 8.16 35.91 -35.91
CA PHE C 135 6.82 36.12 -36.49
C PHE C 135 5.92 34.92 -36.20
N ASP C 136 4.63 35.11 -36.48
CA ASP C 136 3.58 34.08 -36.35
C ASP C 136 2.92 33.95 -37.72
N GLU C 137 2.11 32.92 -37.92
CA GLU C 137 1.28 32.82 -39.12
C GLU C 137 0.34 34.03 -39.22
N LYS C 138 -0.17 34.44 -38.05
CA LYS C 138 -1.12 35.56 -37.93
C LYS C 138 -0.48 36.95 -38.15
N LYS C 139 0.79 37.13 -37.76
CA LYS C 139 1.42 38.45 -37.77
C LYS C 139 2.95 38.43 -37.70
N LYS C 140 3.55 39.51 -38.16
CA LYS C 140 4.98 39.73 -38.03
C LYS C 140 5.13 40.45 -36.70
N VAL C 141 5.30 39.66 -35.65
CA VAL C 141 5.19 40.12 -34.27
C VAL C 141 6.32 41.09 -33.92
N SER C 142 7.55 40.74 -34.28
CA SER C 142 8.70 41.61 -34.09
C SER C 142 8.91 42.45 -35.33
N ILE C 143 9.41 43.66 -35.13
CA ILE C 143 9.92 44.47 -36.22
C ILE C 143 11.00 43.71 -37.00
N THR C 144 11.79 42.89 -36.31
CA THR C 144 12.86 42.12 -36.96
C THR C 144 12.36 41.09 -37.94
N SER C 145 11.07 40.75 -37.88
CA SER C 145 10.45 39.92 -38.92
C SER C 145 9.78 40.72 -40.02
N ASP C 146 9.72 42.04 -39.86
CA ASP C 146 8.95 42.91 -40.77
C ASP C 146 9.84 43.83 -41.58
N MET C 147 10.78 44.51 -40.92
CA MET C 147 11.72 45.37 -41.62
C MET C 147 12.81 44.55 -42.25
N PHE C 148 12.97 43.31 -41.77
CA PHE C 148 13.81 42.29 -42.36
C PHE C 148 12.93 41.15 -42.90
N GLU C 149 13.53 40.31 -43.73
CA GLU C 149 12.93 39.04 -44.14
C GLU C 149 13.67 37.97 -43.34
N SER C 150 12.96 37.26 -42.48
CA SER C 150 13.59 36.30 -41.57
C SER C 150 13.06 34.89 -41.75
N LYS C 151 13.91 33.93 -41.41
CA LYS C 151 13.54 32.54 -41.33
C LYS C 151 14.00 32.03 -39.96
N LEU C 152 13.28 31.06 -39.39
CA LEU C 152 13.50 30.66 -38.00
C LEU C 152 13.84 29.18 -37.91
N TYR C 153 14.93 28.87 -37.22
CA TYR C 153 15.35 27.48 -37.04
C TYR C 153 14.92 26.96 -35.69
N LYS C 154 14.37 25.74 -35.70
CA LYS C 154 13.95 25.07 -34.47
C LYS C 154 15.09 24.26 -33.87
N CYS C 155 14.94 23.88 -32.60
CA CYS C 155 15.82 22.91 -31.96
C CYS C 155 15.15 21.55 -32.12
N ASN C 156 15.91 20.47 -31.96
CA ASN C 156 15.36 19.09 -32.03
C ASN C 156 14.41 18.71 -30.87
N SER C 157 13.83 17.50 -30.94
CA SER C 157 12.91 16.99 -29.90
C SER C 157 13.55 16.82 -28.51
N GLN C 158 14.89 16.74 -28.43
CA GLN C 158 15.61 16.76 -27.14
C GLN C 158 15.99 18.15 -26.60
N GLY C 159 15.59 19.21 -27.30
CA GLY C 159 15.87 20.61 -26.91
C GLY C 159 17.27 21.14 -27.21
N TYR C 160 17.94 20.58 -28.21
CA TYR C 160 19.28 21.05 -28.62
C TYR C 160 19.22 21.76 -29.95
N VAL C 161 20.06 22.78 -30.11
CA VAL C 161 20.26 23.43 -31.40
C VAL C 161 20.66 22.35 -32.40
N ASP C 162 19.93 22.26 -33.50
CA ASP C 162 20.14 21.25 -34.53
C ASP C 162 20.87 21.86 -35.72
N LEU C 163 22.19 21.68 -35.77
CA LEU C 163 23.05 22.33 -36.80
C LEU C 163 22.77 21.87 -38.23
N ASP C 164 22.53 20.57 -38.41
CA ASP C 164 22.15 20.03 -39.72
C ASP C 164 20.96 20.79 -40.33
N ALA C 165 20.00 21.13 -39.48
CA ALA C 165 18.84 21.94 -39.87
C ALA C 165 19.22 23.38 -40.20
N VAL C 166 20.11 23.97 -39.38
CA VAL C 166 20.59 25.36 -39.59
C VAL C 166 21.37 25.49 -40.91
N ARG C 167 22.30 24.56 -41.13
CA ARG C 167 23.05 24.45 -42.38
C ARG C 167 22.10 24.32 -43.57
N GLU C 168 21.17 23.38 -43.50
CA GLU C 168 20.17 23.19 -44.56
C GLU C 168 19.47 24.50 -44.88
N MET C 169 18.98 25.17 -43.83
CA MET C 169 18.25 26.42 -44.00
C MET C 169 19.11 27.51 -44.60
N ALA C 170 20.29 27.73 -44.03
CA ALA C 170 21.20 28.76 -44.54
C ALA C 170 21.51 28.63 -46.06
N LEU C 171 21.75 27.41 -46.55
CA LEU C 171 22.06 27.16 -47.98
C LEU C 171 20.87 27.40 -48.91
N SER C 172 19.66 27.07 -48.45
CA SER C 172 18.45 27.33 -49.23
C SER C 172 17.99 28.81 -49.14
N PHE C 173 17.98 29.33 -47.91
CA PHE C 173 17.50 30.69 -47.63
C PHE C 173 18.51 31.81 -47.96
N LYS C 174 19.81 31.51 -47.84
CA LYS C 174 20.89 32.44 -48.20
C LYS C 174 20.82 33.78 -47.43
N PRO C 175 20.85 33.72 -46.09
CA PRO C 175 20.77 34.95 -45.30
C PRO C 175 22.09 35.70 -45.23
N LYS C 176 22.05 36.97 -44.84
CA LYS C 176 23.27 37.76 -44.62
C LYS C 176 23.66 37.78 -43.14
N VAL C 177 22.75 37.38 -42.23
CA VAL C 177 23.07 37.28 -40.79
C VAL C 177 22.46 36.01 -40.20
N ILE C 178 23.20 35.33 -39.34
CA ILE C 178 22.69 34.18 -38.61
C ILE C 178 22.89 34.50 -37.16
N ILE C 179 21.81 34.45 -36.40
CA ILE C 179 21.83 34.85 -34.99
C ILE C 179 21.91 33.60 -34.12
N CYS C 180 22.79 33.63 -33.15
CA CYS C 180 22.90 32.62 -32.14
C CYS C 180 23.06 33.33 -30.80
N GLY C 181 22.83 32.60 -29.72
CA GLY C 181 22.72 33.20 -28.36
C GLY C 181 21.21 33.36 -28.09
N TYR C 182 20.72 32.87 -26.95
CA TYR C 182 19.26 32.65 -26.80
C TYR C 182 18.68 33.17 -25.50
N THR C 183 17.36 33.14 -25.37
CA THR C 183 16.70 33.64 -24.17
C THR C 183 16.47 32.53 -23.15
N SER C 184 16.18 31.32 -23.61
CA SER C 184 16.01 30.20 -22.66
C SER C 184 16.55 28.89 -23.20
N TYR C 185 17.85 28.87 -23.39
CA TYR C 185 18.55 27.71 -23.91
C TYR C 185 19.47 27.30 -22.77
N PRO C 186 19.28 26.07 -22.23
CA PRO C 186 20.02 25.66 -21.04
C PRO C 186 21.48 25.16 -21.28
N ARG C 187 21.93 25.10 -22.54
CA ARG C 187 23.28 24.61 -22.86
C ARG C 187 24.21 25.63 -23.53
N ASP C 188 25.51 25.31 -23.53
CA ASP C 188 26.49 26.14 -24.20
C ASP C 188 26.35 26.03 -25.72
N ILE C 189 26.94 26.99 -26.43
CA ILE C 189 26.77 27.15 -27.86
C ILE C 189 28.06 26.80 -28.60
N ASP C 190 27.89 26.15 -29.75
CA ASP C 190 29.04 25.81 -30.60
C ASP C 190 29.19 26.93 -31.65
N TYR C 191 29.90 27.98 -31.26
CA TYR C 191 30.09 29.16 -32.11
C TYR C 191 30.97 28.85 -33.31
N GLN C 192 32.03 28.05 -33.08
CA GLN C 192 32.87 27.56 -34.18
C GLN C 192 32.04 26.93 -35.28
N GLN C 193 31.12 26.06 -34.89
CA GLN C 193 30.27 25.42 -35.88
C GLN C 193 29.34 26.40 -36.56
N PHE C 194 28.88 27.45 -35.86
CA PHE C 194 28.05 28.49 -36.50
C PHE C 194 28.87 29.30 -37.54
N ARG C 195 30.10 29.63 -37.18
CA ARG C 195 31.06 30.32 -38.05
C ARG C 195 31.34 29.56 -39.37
N GLN C 196 31.42 28.24 -39.27
CA GLN C 196 31.59 27.35 -40.44
C GLN C 196 30.38 27.39 -41.39
N ILE C 197 29.18 27.59 -40.85
CA ILE C 197 27.96 27.65 -41.69
C ILE C 197 27.82 29.03 -42.34
N CYS C 198 28.12 30.07 -41.57
CA CYS C 198 28.06 31.44 -42.06
C CYS C 198 29.03 31.65 -43.24
N ASP C 199 30.26 31.18 -43.10
CA ASP C 199 31.25 31.15 -44.20
C ASP C 199 30.76 30.46 -45.49
N GLU C 200 30.11 29.30 -45.37
CA GLU C 200 29.53 28.58 -46.54
C GLU C 200 28.57 29.43 -47.38
N VAL C 201 27.84 30.31 -46.70
CA VAL C 201 26.83 31.16 -47.31
C VAL C 201 27.30 32.63 -47.41
N ASN C 202 28.42 32.95 -46.77
CA ASN C 202 28.96 34.31 -46.67
C ASN C 202 28.09 35.25 -45.79
N ALA C 203 27.44 34.67 -44.77
CA ALA C 203 26.63 35.45 -43.84
C ALA C 203 27.48 35.94 -42.67
N TYR C 204 27.09 37.04 -42.04
CA TYR C 204 27.65 37.48 -40.75
C TYR C 204 27.18 36.56 -39.60
N LEU C 205 28.03 36.38 -38.59
CA LEU C 205 27.68 35.65 -37.35
C LEU C 205 27.42 36.64 -36.23
N PHE C 206 26.20 36.59 -35.73
CA PHE C 206 25.74 37.48 -34.67
C PHE C 206 25.53 36.60 -33.42
N ALA C 207 26.23 36.92 -32.35
CA ALA C 207 26.05 36.27 -31.05
C ALA C 207 25.38 37.17 -29.98
N ASP C 208 24.13 36.85 -29.61
CA ASP C 208 23.42 37.57 -28.54
C ASP C 208 23.65 36.82 -27.26
N ILE C 209 24.50 37.37 -26.40
CA ILE C 209 24.92 36.69 -25.17
C ILE C 209 24.33 37.33 -23.89
N SER C 210 23.20 38.04 -24.02
CA SER C 210 22.54 38.72 -22.89
C SER C 210 22.35 37.86 -21.65
N HIS C 211 21.91 36.62 -21.86
CA HIS C 211 21.75 35.67 -20.74
C HIS C 211 23.03 35.07 -20.12
N ILE C 212 24.11 35.05 -20.90
CA ILE C 212 25.32 34.35 -20.47
C ILE C 212 26.55 35.23 -20.46
N SER C 213 26.34 36.54 -20.40
CA SER C 213 27.42 37.49 -20.65
C SER C 213 28.53 37.24 -19.65
N SER C 214 28.21 37.22 -18.36
CA SER C 214 29.14 36.92 -17.27
C SER C 214 29.98 35.64 -17.46
N PHE C 215 29.41 34.62 -18.08
CA PHE C 215 30.12 33.36 -18.35
C PHE C 215 31.17 33.54 -19.46
N VAL C 216 30.83 34.34 -20.45
CA VAL C 216 31.73 34.66 -21.54
C VAL C 216 32.85 35.55 -20.97
N ALA C 217 32.48 36.60 -20.23
CA ALA C 217 33.48 37.51 -19.70
C ALA C 217 34.51 36.83 -18.83
N CYS C 218 34.05 35.97 -17.92
CA CYS C 218 34.93 35.26 -16.97
C CYS C 218 35.46 33.89 -17.45
N ASN C 219 35.27 33.59 -18.74
CA ASN C 219 35.80 32.37 -19.39
C ASN C 219 35.36 30.99 -18.84
N ILE C 220 34.13 30.92 -18.32
CA ILE C 220 33.53 29.68 -17.87
C ILE C 220 32.91 28.94 -19.04
N LEU C 221 32.34 29.65 -20.01
CA LEU C 221 31.76 29.02 -21.18
C LEU C 221 32.51 29.41 -22.43
N ASN C 222 32.16 28.80 -23.55
CA ASN C 222 32.73 29.12 -24.85
C ASN C 222 32.72 30.63 -25.14
N ASN C 223 33.71 31.09 -25.91
CA ASN C 223 33.94 32.50 -26.17
C ASN C 223 33.49 32.80 -27.60
N PRO C 224 32.39 33.57 -27.74
CA PRO C 224 31.97 33.85 -29.10
C PRO C 224 32.84 34.91 -29.78
N PHE C 225 33.63 35.67 -29.01
CA PHE C 225 34.54 36.69 -29.57
C PHE C 225 35.61 36.07 -30.47
N LEU C 226 35.89 34.78 -30.30
CA LEU C 226 36.79 34.05 -31.17
C LEU C 226 36.26 33.89 -32.60
N HIS C 227 34.94 33.74 -32.75
CA HIS C 227 34.30 33.46 -34.04
C HIS C 227 33.34 34.52 -34.60
N ALA C 228 32.74 35.35 -33.73
CA ALA C 228 31.63 36.22 -34.15
C ALA C 228 32.06 37.54 -34.83
N ASP C 229 31.29 37.94 -35.83
CA ASP C 229 31.38 39.29 -36.38
C ASP C 229 30.81 40.37 -35.45
N VAL C 230 29.66 40.06 -34.83
CA VAL C 230 29.01 40.98 -33.89
C VAL C 230 28.55 40.25 -32.62
N VAL C 231 28.76 40.86 -31.46
CA VAL C 231 28.24 40.37 -30.21
C VAL C 231 27.42 41.47 -29.51
N THR C 232 26.17 41.16 -29.17
CA THR C 232 25.36 42.08 -28.31
C THR C 232 25.08 41.48 -26.95
N THR C 233 24.86 42.37 -26.00
CA THR C 233 24.47 41.93 -24.67
C THR C 233 23.86 43.06 -23.84
N THR C 234 22.90 42.64 -23.03
CA THR C 234 22.27 43.52 -22.09
C THR C 234 23.19 43.62 -20.91
N THR C 235 23.06 44.65 -20.12
CA THR C 235 23.88 44.85 -18.94
C THR C 235 23.17 44.50 -17.62
N HIS C 236 21.89 44.10 -17.70
CA HIS C 236 20.99 43.96 -16.51
C HIS C 236 20.72 42.56 -15.99
N LYS C 237 20.97 41.53 -16.79
CA LYS C 237 20.71 40.17 -16.34
C LYS C 237 21.92 39.68 -15.52
N ILE C 238 22.57 38.60 -15.96
CA ILE C 238 23.63 37.95 -15.16
C ILE C 238 24.81 38.92 -14.92
N LEU C 239 25.00 39.89 -15.81
CA LEU C 239 26.05 40.91 -15.61
C LEU C 239 25.83 41.82 -14.39
N ARG C 240 24.57 41.98 -14.02
CA ARG C 240 24.20 42.66 -12.80
C ARG C 240 24.32 44.18 -12.93
N GLY C 241 24.15 44.71 -14.15
CA GLY C 241 24.29 46.15 -14.37
C GLY C 241 22.94 46.84 -14.39
N PRO C 242 22.90 48.05 -14.95
CA PRO C 242 21.62 48.72 -15.13
C PRO C 242 20.95 48.16 -16.36
N ARG C 243 19.72 48.60 -16.61
CA ARG C 243 19.08 48.24 -17.83
C ARG C 243 19.68 49.08 -18.97
N SER C 244 20.53 48.42 -19.76
CA SER C 244 21.14 48.98 -20.94
C SER C 244 21.61 47.85 -21.87
N ALA C 245 22.26 48.20 -22.97
CA ALA C 245 22.88 47.19 -23.84
C ALA C 245 24.22 47.62 -24.48
N LEU C 246 24.99 46.61 -24.93
CA LEU C 246 26.26 46.81 -25.63
C LEU C 246 26.24 46.14 -27.00
N ILE C 247 26.76 46.82 -28.00
CA ILE C 247 27.04 46.19 -29.27
C ILE C 247 28.59 46.17 -29.47
N PHE C 248 29.12 44.95 -29.54
CA PHE C 248 30.50 44.70 -29.95
C PHE C 248 30.61 44.32 -31.44
N PHE C 249 31.66 44.80 -32.10
CA PHE C 249 31.88 44.53 -33.52
C PHE C 249 33.37 44.20 -33.84
N ASN C 250 33.58 43.24 -34.70
CA ASN C 250 34.92 42.74 -35.02
C ASN C 250 35.51 43.63 -36.14
N LYS C 251 36.31 44.63 -35.77
CA LYS C 251 36.94 45.50 -36.77
C LYS C 251 37.85 44.76 -37.76
N LYS C 252 38.62 43.78 -37.29
CA LYS C 252 39.60 43.09 -38.15
C LYS C 252 38.96 42.23 -39.22
N ARG C 253 37.95 41.47 -38.83
CA ARG C 253 37.23 40.66 -39.79
C ARG C 253 36.36 41.50 -40.73
N ASN C 254 36.00 42.72 -40.31
CA ASN C 254 35.13 43.57 -41.12
C ASN C 254 35.58 45.04 -41.04
N PRO C 255 36.47 45.46 -41.97
CA PRO C 255 36.78 46.88 -42.00
C PRO C 255 35.52 47.60 -42.47
N GLY C 256 35.22 48.74 -41.88
CA GLY C 256 34.01 49.51 -42.22
C GLY C 256 32.73 49.18 -41.44
N ILE C 257 32.77 48.14 -40.60
CA ILE C 257 31.67 47.82 -39.68
C ILE C 257 31.49 48.87 -38.58
N GLU C 258 32.58 49.41 -38.03
CA GLU C 258 32.50 50.42 -36.96
C GLU C 258 31.59 51.60 -37.27
N GLN C 259 31.67 52.09 -38.51
CA GLN C 259 30.83 53.20 -38.94
C GLN C 259 29.38 52.74 -39.15
N LYS C 260 29.17 51.56 -39.71
CA LYS C 260 27.82 51.03 -39.93
C LYS C 260 27.04 50.90 -38.61
N ILE C 261 27.71 50.43 -37.57
CA ILE C 261 27.10 50.24 -36.28
C ILE C 261 26.90 51.55 -35.52
N ASN C 262 27.91 52.39 -35.42
CA ASN C 262 27.74 53.64 -34.72
C ASN C 262 26.65 54.54 -35.35
N SER C 263 26.56 54.55 -36.68
CA SER C 263 25.54 55.34 -37.37
C SER C 263 24.16 54.70 -37.23
N ALA C 264 24.09 53.36 -37.18
CA ALA C 264 22.85 52.63 -36.93
C ALA C 264 22.21 53.01 -35.60
N VAL C 265 23.03 53.10 -34.57
CA VAL C 265 22.56 53.49 -33.23
C VAL C 265 22.18 54.96 -33.20
N PHE C 266 23.11 55.83 -33.65
CA PHE C 266 22.81 57.26 -33.88
C PHE C 266 23.45 57.77 -35.17
N PRO C 267 22.72 58.46 -36.05
CA PRO C 267 21.38 58.96 -35.80
C PRO C 267 20.26 58.16 -36.48
N SER C 268 20.51 56.94 -36.91
CA SER C 268 19.49 56.17 -37.57
C SER C 268 18.26 55.86 -36.62
N PHE C 269 18.52 55.45 -35.37
CA PHE C 269 17.50 54.94 -34.43
C PHE C 269 17.29 55.79 -33.18
N GLN C 270 18.34 56.12 -32.47
CA GLN C 270 18.25 56.92 -31.24
C GLN C 270 18.59 58.39 -31.41
N GLY C 271 18.32 59.16 -30.36
CA GLY C 271 18.73 60.53 -30.26
C GLY C 271 19.77 60.65 -29.16
N GLY C 272 19.43 61.43 -28.14
CA GLY C 272 20.31 61.65 -27.01
C GLY C 272 20.55 60.40 -26.21
N PRO C 273 21.84 60.06 -25.98
CA PRO C 273 22.11 58.93 -25.10
C PRO C 273 21.70 59.23 -23.67
N HIS C 274 21.56 58.18 -22.87
CA HIS C 274 21.16 58.34 -21.49
C HIS C 274 22.40 58.14 -20.65
N ASN C 275 23.01 59.25 -20.25
CA ASN C 275 24.31 59.22 -19.61
C ASN C 275 24.32 58.64 -18.22
N ASN C 276 23.19 58.69 -17.52
CA ASN C 276 23.08 57.98 -16.22
C ASN C 276 23.25 56.47 -16.39
N LYS C 277 22.66 55.92 -17.45
CA LYS C 277 22.87 54.52 -17.84
C LYS C 277 24.34 54.19 -18.13
N ILE C 278 24.99 55.02 -18.93
CA ILE C 278 26.37 54.80 -19.32
C ILE C 278 27.30 54.87 -18.09
N ALA C 279 27.14 55.91 -17.29
CA ALA C 279 27.80 55.95 -15.99
C ALA C 279 27.59 54.66 -15.16
N ALA C 280 26.35 54.20 -15.08
CA ALA C 280 26.05 52.98 -14.32
C ALA C 280 26.75 51.78 -14.94
N VAL C 281 26.70 51.68 -16.24
CA VAL C 281 27.33 50.55 -16.91
C VAL C 281 28.83 50.55 -16.62
N ALA C 282 29.44 51.75 -16.59
CA ALA C 282 30.87 51.90 -16.25
C ALA C 282 31.17 51.36 -14.87
N CYS C 283 30.32 51.72 -13.92
CA CYS C 283 30.50 51.33 -12.56
C CYS C 283 30.45 49.82 -12.38
N GLN C 284 29.50 49.18 -13.06
CA GLN C 284 29.37 47.74 -12.95
C GLN C 284 30.51 47.01 -13.65
N LEU C 285 30.89 47.46 -14.82
CA LEU C 285 31.95 46.80 -15.59
C LEU C 285 33.31 46.77 -14.86
N LYS C 286 33.53 47.72 -13.96
CA LYS C 286 34.68 47.66 -13.05
C LYS C 286 34.57 46.49 -12.11
N GLU C 287 33.39 46.29 -11.52
CA GLU C 287 33.12 45.10 -10.71
C GLU C 287 33.26 43.81 -11.55
N VAL C 288 32.81 43.81 -12.80
CA VAL C 288 32.86 42.62 -13.64
C VAL C 288 34.29 42.11 -13.87
N HIS C 289 35.26 43.02 -14.01
CA HIS C 289 36.66 42.61 -14.24
C HIS C 289 37.49 42.31 -12.96
N SER C 290 36.82 42.20 -11.82
CA SER C 290 37.44 41.76 -10.58
C SER C 290 37.40 40.22 -10.53
N PRO C 291 38.30 39.60 -9.74
CA PRO C 291 38.21 38.16 -9.53
C PRO C 291 37.07 37.80 -8.57
N ALA C 292 36.71 38.73 -7.67
CA ALA C 292 35.51 38.67 -6.83
C ALA C 292 34.20 38.41 -7.62
N PHE C 293 34.07 39.00 -8.81
CA PHE C 293 32.89 38.78 -9.64
C PHE C 293 32.98 37.43 -10.33
N LYS C 294 34.21 37.01 -10.67
CA LYS C 294 34.43 35.66 -11.20
C LYS C 294 33.98 34.65 -10.14
N GLU C 295 34.31 34.92 -8.87
CA GLU C 295 33.85 34.06 -7.75
C GLU C 295 32.30 33.94 -7.78
N TYR C 296 31.62 35.09 -7.88
CA TYR C 296 30.17 35.16 -8.01
C TYR C 296 29.63 34.38 -9.22
N THR C 297 30.20 34.60 -10.41
CA THR C 297 29.70 33.92 -11.61
C THR C 297 29.85 32.39 -11.51
N GLN C 298 30.95 31.93 -10.92
CA GLN C 298 31.19 30.50 -10.68
C GLN C 298 30.11 29.95 -9.74
N GLN C 299 29.80 30.70 -8.69
CA GLN C 299 28.70 30.30 -7.79
C GLN C 299 27.34 30.19 -8.50
N VAL C 300 27.11 31.05 -9.50
CA VAL C 300 25.85 30.99 -10.28
C VAL C 300 25.73 29.62 -10.94
N LEU C 301 26.85 29.16 -11.51
CA LEU C 301 26.83 27.89 -12.22
C LEU C 301 26.75 26.73 -11.21
N LEU C 302 27.45 26.84 -10.07
CA LEU C 302 27.45 25.80 -9.05
C LEU C 302 26.02 25.67 -8.51
N ASN C 303 25.37 26.79 -8.20
CA ASN C 303 23.97 26.78 -7.76
C ASN C 303 23.02 26.19 -8.79
N SER C 304 23.27 26.47 -10.07
CA SER C 304 22.43 25.96 -11.13
C SER C 304 22.55 24.43 -11.33
N LYS C 305 23.76 23.89 -11.19
CA LYS C 305 23.97 22.43 -11.27
C LYS C 305 23.32 21.77 -10.06
N ALA C 306 23.60 22.35 -8.88
CA ALA C 306 23.05 21.84 -7.64
C ALA C 306 21.51 21.84 -7.72
N LEU C 307 20.93 22.89 -8.30
CA LEU C 307 19.48 22.95 -8.45
C LEU C 307 18.92 21.94 -9.43
N ALA C 308 19.62 21.77 -10.54
CA ALA C 308 19.23 20.79 -11.56
C ALA C 308 19.27 19.38 -10.98
N LYS C 309 20.36 19.10 -10.25
CA LYS C 309 20.54 17.81 -9.58
C LYS C 309 19.45 17.55 -8.52
N ALA C 310 19.11 18.56 -7.72
CA ALA C 310 18.06 18.39 -6.68
C ALA C 310 16.68 18.17 -7.34
N LEU C 311 16.40 18.89 -8.41
CA LEU C 311 15.13 18.73 -9.10
C LEU C 311 14.98 17.34 -9.72
N ILE C 312 16.06 16.84 -10.36
CA ILE C 312 16.08 15.51 -10.96
C ILE C 312 15.91 14.42 -9.90
N SER C 313 16.61 14.59 -8.78
CA SER C 313 16.46 13.70 -7.62
C SER C 313 15.00 13.56 -7.12
N LYS C 314 14.20 14.63 -7.27
CA LYS C 314 12.76 14.62 -6.94
C LYS C 314 11.91 14.26 -8.15
N GLN C 315 12.48 13.57 -9.13
CA GLN C 315 11.72 13.06 -10.27
C GLN C 315 11.08 14.14 -11.15
N ILE C 316 11.65 15.34 -11.14
CA ILE C 316 11.23 16.42 -12.04
C ILE C 316 12.20 16.41 -13.22
N ASP C 317 11.63 16.41 -14.43
CA ASP C 317 12.36 16.45 -15.68
C ASP C 317 12.77 17.87 -16.16
N LEU C 318 14.00 17.96 -16.68
CA LEU C 318 14.54 19.17 -17.24
C LEU C 318 14.79 19.05 -18.76
N VAL C 319 14.57 20.14 -19.50
CA VAL C 319 14.84 20.11 -20.96
C VAL C 319 16.36 19.98 -21.12
N THR C 320 16.76 19.01 -21.94
CA THR C 320 18.17 18.57 -22.14
C THR C 320 18.75 17.82 -20.93
N ASN C 321 17.88 17.45 -19.99
CA ASN C 321 18.18 16.80 -18.71
C ASN C 321 19.31 17.39 -17.89
N GLY C 322 19.45 18.70 -17.95
CA GLY C 322 20.54 19.40 -17.27
C GLY C 322 20.80 20.80 -17.78
N THR C 323 21.83 21.40 -17.25
CA THR C 323 22.23 22.72 -17.62
C THR C 323 23.77 22.89 -17.68
N ASP C 324 24.23 23.66 -18.67
CA ASP C 324 25.63 24.14 -18.73
C ASP C 324 25.75 25.56 -18.26
N ASN C 325 24.62 26.20 -18.00
CA ASN C 325 24.64 27.59 -17.59
C ASN C 325 23.79 27.85 -16.33
N HIS C 326 23.38 29.10 -16.19
CA HIS C 326 22.56 29.67 -15.10
C HIS C 326 21.08 29.31 -15.09
N LEU C 327 20.58 28.68 -16.15
CA LEU C 327 19.16 28.45 -16.28
C LEU C 327 18.74 27.02 -16.58
N ILE C 328 17.55 26.69 -16.07
CA ILE C 328 16.96 25.39 -16.22
C ILE C 328 15.59 25.61 -16.80
N VAL C 329 15.16 24.72 -17.67
CA VAL C 329 13.76 24.70 -18.13
C VAL C 329 13.17 23.39 -17.62
N VAL C 330 12.12 23.48 -16.80
CA VAL C 330 11.43 22.32 -16.23
C VAL C 330 10.32 21.92 -17.18
N ASP C 331 10.30 20.66 -17.60
CA ASP C 331 9.24 20.11 -18.43
C ASP C 331 8.17 19.48 -17.53
N LEU C 332 6.99 20.08 -17.51
CA LEU C 332 5.93 19.69 -16.56
C LEU C 332 4.94 18.64 -17.08
N ARG C 333 5.19 18.04 -18.25
CA ARG C 333 4.24 17.11 -18.90
C ARG C 333 3.88 15.86 -18.08
N LYS C 334 4.82 15.31 -17.31
CA LYS C 334 4.55 14.14 -16.48
C LYS C 334 3.52 14.40 -15.37
N PHE C 335 3.33 15.67 -14.99
CA PHE C 335 2.37 16.07 -13.96
C PHE C 335 1.04 16.57 -14.53
N SER C 336 0.96 16.78 -15.85
CA SER C 336 -0.28 17.20 -16.54
C SER C 336 -0.83 18.56 -16.08
N ILE C 337 0.08 19.49 -15.84
CA ILE C 337 -0.24 20.88 -15.51
C ILE C 337 0.55 21.76 -16.46
N THR C 338 -0.02 22.89 -16.85
CA THR C 338 0.64 23.82 -17.76
C THR C 338 1.59 24.72 -16.98
N GLY C 339 2.48 25.39 -17.71
CA GLY C 339 3.40 26.36 -17.13
C GLY C 339 2.73 27.56 -16.47
N SER C 340 1.67 28.10 -17.09
CA SER C 340 0.93 29.25 -16.50
C SER C 340 0.31 28.92 -15.16
N LYS C 341 -0.16 27.68 -14.97
CA LYS C 341 -0.76 27.28 -13.68
C LYS C 341 0.28 27.31 -12.57
N LEU C 342 1.45 26.72 -12.83
CA LEU C 342 2.57 26.75 -11.90
C LEU C 342 3.09 28.16 -11.65
N GLN C 343 3.11 28.99 -12.69
CA GLN C 343 3.47 30.41 -12.50
C GLN C 343 2.49 31.12 -11.54
N GLU C 344 1.21 30.84 -11.67
CA GLU C 344 0.21 31.40 -10.74
C GLU C 344 0.42 30.87 -9.32
N THR C 345 0.58 29.56 -9.19
CA THR C 345 0.84 28.94 -7.90
C THR C 345 2.10 29.52 -7.24
N CYS C 346 3.15 29.71 -8.03
CA CYS C 346 4.43 30.22 -7.50
C CYS C 346 4.34 31.70 -7.11
N ASN C 347 3.58 32.51 -7.87
CA ASN C 347 3.36 33.93 -7.46
C ASN C 347 2.62 33.96 -6.11
N ALA C 348 1.61 33.09 -5.96
CA ALA C 348 0.90 32.98 -4.69
C ALA C 348 1.84 32.67 -3.51
N ILE C 349 2.96 31.99 -3.76
CA ILE C 349 3.91 31.75 -2.66
C ILE C 349 5.20 32.57 -2.70
N ASN C 350 5.14 33.73 -3.37
CA ASN C 350 6.30 34.62 -3.53
C ASN C 350 7.53 33.93 -4.14
N VAL C 351 7.26 33.11 -5.14
CA VAL C 351 8.31 32.49 -5.92
C VAL C 351 8.17 33.08 -7.31
N SER C 352 9.23 33.70 -7.78
CA SER C 352 9.20 34.34 -9.10
C SER C 352 9.85 33.48 -10.18
N LEU C 353 9.04 33.03 -11.14
CA LEU C 353 9.51 32.28 -12.28
C LEU C 353 8.60 32.57 -13.49
N ASN C 354 8.94 32.08 -14.69
CA ASN C 354 8.07 32.31 -15.83
C ASN C 354 7.78 31.05 -16.57
N LYS C 355 6.64 31.06 -17.23
CA LYS C 355 6.22 29.96 -18.08
C LYS C 355 7.07 29.96 -19.35
N ASN C 356 7.18 28.82 -19.98
CA ASN C 356 8.12 28.69 -21.08
C ASN C 356 7.80 27.48 -21.91
N THR C 357 7.90 27.63 -23.21
CA THR C 357 7.75 26.53 -24.13
C THR C 357 8.82 25.44 -23.95
N ILE C 358 8.51 24.25 -24.45
CA ILE C 358 9.44 23.12 -24.49
C ILE C 358 9.32 22.50 -25.90
N PRO C 359 10.32 21.70 -26.36
CA PRO C 359 10.33 21.16 -27.73
C PRO C 359 9.00 20.58 -28.24
N SER C 360 8.34 19.79 -27.40
CA SER C 360 7.05 19.17 -27.75
C SER C 360 5.88 20.16 -27.95
N ASP C 361 5.99 21.40 -27.45
CA ASP C 361 4.94 22.40 -27.64
C ASP C 361 4.89 22.87 -29.09
N VAL C 362 3.68 22.82 -29.66
CA VAL C 362 3.45 23.25 -31.03
C VAL C 362 3.15 24.76 -30.97
N ASP C 363 2.12 25.12 -30.21
CA ASP C 363 1.68 26.53 -30.07
C ASP C 363 2.34 27.20 -28.85
N CYS C 364 2.47 28.53 -28.92
CA CYS C 364 2.86 29.36 -27.76
C CYS C 364 1.73 29.52 -26.71
N VAL C 365 0.50 29.18 -27.07
CA VAL C 365 -0.60 28.98 -26.09
C VAL C 365 -0.36 27.69 -25.30
N SER C 366 -0.48 27.78 -23.99
CA SER C 366 -0.30 26.63 -23.09
C SER C 366 1.12 26.00 -23.15
N PRO C 367 2.16 26.80 -22.79
CA PRO C 367 3.53 26.25 -22.69
C PRO C 367 3.65 25.22 -21.55
N SER C 368 4.40 24.15 -21.77
CA SER C 368 4.42 23.04 -20.82
C SER C 368 5.61 23.11 -19.84
N GLY C 369 6.22 24.29 -19.69
CA GLY C 369 7.36 24.38 -18.82
C GLY C 369 7.41 25.66 -18.07
N VAL C 370 8.37 25.71 -17.17
CA VAL C 370 8.73 26.96 -16.54
C VAL C 370 10.24 27.10 -16.69
N ARG C 371 10.72 28.34 -16.75
CA ARG C 371 12.12 28.60 -16.77
C ARG C 371 12.51 29.19 -15.43
N ILE C 372 13.63 28.73 -14.90
CA ILE C 372 14.20 29.24 -13.68
C ILE C 372 15.71 29.51 -13.87
N GLY C 373 16.26 30.38 -13.04
CA GLY C 373 17.68 30.66 -13.08
C GLY C 373 18.16 31.18 -11.76
N THR C 374 19.46 31.05 -11.50
CA THR C 374 20.08 31.38 -10.21
C THR C 374 20.80 32.70 -10.02
N PRO C 375 20.95 33.55 -11.07
CA PRO C 375 21.71 34.78 -10.75
C PRO C 375 21.16 35.63 -9.58
N ALA C 376 19.86 35.85 -9.55
CA ALA C 376 19.29 36.71 -8.49
C ALA C 376 19.60 36.16 -7.06
N MET C 377 19.24 34.90 -6.83
CA MET C 377 19.42 34.27 -5.50
C MET C 377 20.87 34.06 -5.12
N THR C 378 21.72 33.87 -6.15
CA THR C 378 23.15 33.80 -5.92
C THR C 378 23.69 35.13 -5.47
N THR C 379 23.14 36.21 -6.05
CA THR C 379 23.47 37.56 -5.58
C THR C 379 23.03 37.74 -4.10
N ARG C 380 21.88 37.18 -3.76
CA ARG C 380 21.39 37.28 -2.38
C ARG C 380 22.13 36.39 -1.36
N GLY C 381 23.12 35.61 -1.83
CA GLY C 381 24.02 34.85 -0.97
C GLY C 381 23.72 33.36 -0.86
N ALA C 382 22.70 32.87 -1.57
CA ALA C 382 22.39 31.43 -1.58
C ALA C 382 23.57 30.60 -2.13
N LYS C 383 23.79 29.43 -1.53
CA LYS C 383 24.86 28.52 -1.89
C LYS C 383 24.26 27.18 -2.39
N GLU C 384 25.13 26.23 -2.73
CA GLU C 384 24.63 24.94 -3.30
C GLU C 384 23.66 24.21 -2.37
N LYS C 385 23.96 24.29 -1.06
CA LYS C 385 23.14 23.67 0.01
C LYS C 385 21.73 24.27 0.11
N ASP C 386 21.59 25.53 -0.30
CA ASP C 386 20.29 26.23 -0.32
C ASP C 386 19.37 25.83 -1.49
N MET C 387 19.94 25.20 -2.52
CA MET C 387 19.17 24.80 -3.68
C MET C 387 18.18 23.69 -3.37
N GLU C 388 18.49 22.83 -2.39
CA GLU C 388 17.58 21.72 -2.02
C GLU C 388 16.25 22.26 -1.50
N PHE C 389 16.30 23.31 -0.69
CA PHE C 389 15.10 24.00 -0.23
C PHE C 389 14.31 24.64 -1.39
N ILE C 390 15.00 25.25 -2.36
CA ILE C 390 14.31 25.81 -3.53
C ILE C 390 13.70 24.69 -4.34
N ALA C 391 14.47 23.63 -4.53
CA ALA C 391 13.96 22.41 -5.14
C ALA C 391 12.76 21.86 -4.36
N ASP C 392 12.87 21.83 -3.04
CA ASP C 392 11.73 21.43 -2.17
C ASP C 392 10.47 22.31 -2.39
N VAL C 393 10.66 23.63 -2.35
CA VAL C 393 9.54 24.57 -2.55
C VAL C 393 8.91 24.41 -3.94
N LEU C 394 9.74 24.21 -4.97
CA LEU C 394 9.19 24.02 -6.33
C LEU C 394 8.40 22.74 -6.50
N ALA C 395 8.95 21.63 -6.00
CA ALA C 395 8.22 20.35 -5.91
C ALA C 395 6.87 20.47 -5.15
N ARG C 396 6.92 21.14 -4.01
CA ARG C 396 5.70 21.35 -3.21
C ARG C 396 4.68 22.16 -4.00
N ALA C 397 5.14 23.14 -4.79
CA ALA C 397 4.26 23.96 -5.64
C ALA C 397 3.68 23.19 -6.79
N ILE C 398 4.47 22.27 -7.36
CA ILE C 398 3.95 21.43 -8.41
C ILE C 398 2.85 20.55 -7.85
N LYS C 399 3.08 19.95 -6.69
CA LYS C 399 2.07 19.11 -6.05
C LYS C 399 0.77 19.85 -5.70
N ILE C 400 0.90 21.01 -5.06
CA ILE C 400 -0.29 21.83 -4.78
C ILE C 400 -1.02 22.16 -6.05
N THR C 401 -0.26 22.52 -7.09
CA THR C 401 -0.84 22.85 -8.40
C THR C 401 -1.63 21.68 -8.98
N VAL C 402 -1.13 20.46 -8.77
CA VAL C 402 -1.80 19.27 -9.30
C VAL C 402 -3.12 19.03 -8.54
N ASP C 403 -3.12 19.24 -7.22
CA ASP C 403 -4.32 19.12 -6.35
C ASP C 403 -5.39 20.14 -6.71
N LEU C 404 -4.98 21.42 -6.80
CA LEU C 404 -5.89 22.49 -7.20
C LEU C 404 -6.54 22.24 -8.57
N GLN C 405 -5.76 21.67 -9.50
CA GLN C 405 -6.28 21.27 -10.80
C GLN C 405 -7.37 20.20 -10.64
N GLU C 406 -7.09 19.23 -9.76
CA GLU C 406 -8.08 18.21 -9.42
C GLU C 406 -9.37 18.82 -8.84
N GLN C 407 -9.20 19.72 -7.87
CA GLN C 407 -10.32 20.30 -7.15
C GLN C 407 -11.18 21.20 -8.05
N TYR C 408 -10.54 22.09 -8.81
CA TYR C 408 -11.27 23.09 -9.61
C TYR C 408 -11.26 22.89 -11.14
N GLY C 409 -10.61 21.83 -11.64
CA GLY C 409 -10.57 21.55 -13.07
C GLY C 409 -9.42 22.20 -13.85
N LYS C 410 -9.23 21.71 -15.08
CA LYS C 410 -8.08 22.07 -15.93
C LYS C 410 -8.17 23.42 -16.65
N LYS C 411 -9.35 24.05 -16.68
CA LYS C 411 -9.52 25.38 -17.26
C LYS C 411 -8.82 26.41 -16.38
N LEU C 412 -8.06 27.35 -16.97
CA LEU C 412 -7.27 28.33 -16.17
C LEU C 412 -8.13 29.28 -15.33
N VAL C 413 -9.30 29.66 -15.84
CA VAL C 413 -10.24 30.54 -15.09
C VAL C 413 -10.68 29.87 -13.77
N ASP C 414 -11.17 28.63 -13.91
CA ASP C 414 -11.61 27.82 -12.78
C ASP C 414 -10.45 27.51 -11.82
N PHE C 415 -9.26 27.23 -12.38
CA PHE C 415 -8.08 26.90 -11.58
C PHE C 415 -7.69 27.99 -10.60
N LYS C 416 -7.61 29.24 -11.07
CA LYS C 416 -7.16 30.38 -10.22
C LYS C 416 -8.02 30.62 -8.99
N LYS C 417 -9.34 30.40 -9.11
CA LYS C 417 -10.29 30.53 -7.98
C LYS C 417 -9.87 29.68 -6.79
N GLY C 418 -9.17 28.57 -7.05
CA GLY C 418 -8.64 27.74 -5.97
C GLY C 418 -7.55 28.32 -5.10
N LEU C 419 -6.80 29.30 -5.62
CA LEU C 419 -5.59 29.82 -5.00
C LEU C 419 -5.77 30.68 -3.75
N PRO C 420 -6.65 31.71 -3.80
CA PRO C 420 -6.66 32.61 -2.65
C PRO C 420 -7.24 31.90 -1.42
N GLY C 421 -6.60 32.13 -0.28
CA GLY C 421 -7.01 31.48 0.95
C GLY C 421 -6.53 30.05 1.23
N ASN C 422 -5.96 29.35 0.22
CA ASN C 422 -5.50 27.96 0.37
C ASN C 422 -4.54 27.86 1.55
N ALA C 423 -4.79 26.89 2.43
CA ALA C 423 -4.02 26.76 3.69
C ALA C 423 -2.55 26.42 3.45
N GLN C 424 -2.29 25.48 2.54
CA GLN C 424 -0.91 25.06 2.23
C GLN C 424 -0.10 26.16 1.52
N LEU C 425 -0.74 26.88 0.61
CA LEU C 425 -0.06 28.02 -0.04
C LEU C 425 0.30 29.11 0.96
N GLN C 426 -0.62 29.45 1.86
CA GLN C 426 -0.32 30.46 2.90
C GLN C 426 0.79 29.95 3.80
N GLN C 427 0.76 28.65 4.10
CA GLN C 427 1.85 27.99 4.83
C GLN C 427 3.19 28.00 4.03
N LEU C 428 3.11 27.67 2.76
CA LEU C 428 4.30 27.66 1.93
C LEU C 428 4.83 29.07 1.71
N LYS C 429 3.92 29.98 1.33
CA LYS C 429 4.23 31.42 1.25
C LYS C 429 4.98 31.91 2.51
N GLN C 430 4.47 31.55 3.69
CA GLN C 430 5.13 31.97 4.95
C GLN C 430 6.53 31.42 5.10
N GLU C 431 6.73 30.16 4.69
CA GLU C 431 8.05 29.52 4.72
C GLU C 431 9.00 30.23 3.76
N VAL C 432 8.48 30.61 2.59
CA VAL C 432 9.26 31.37 1.62
C VAL C 432 9.69 32.72 2.15
N VAL C 433 8.72 33.50 2.64
CA VAL C 433 8.95 34.85 3.15
C VAL C 433 10.00 34.85 4.26
N THR C 434 9.95 33.87 5.17
CA THR C 434 10.86 33.80 6.31
C THR C 434 12.26 33.50 5.84
N TRP C 435 12.40 32.55 4.90
CA TRP C 435 13.72 32.23 4.37
C TRP C 435 14.26 33.40 3.52
N ALA C 436 13.44 33.85 2.56
CA ALA C 436 13.83 34.92 1.60
C ALA C 436 14.13 36.27 2.28
N GLY C 437 13.24 36.67 3.19
CA GLY C 437 13.39 37.90 3.97
C GLY C 437 14.69 38.03 4.73
N ALA C 438 15.27 36.90 5.15
CA ALA C 438 16.51 36.88 5.94
C ALA C 438 17.77 37.19 5.16
N LEU C 439 17.81 36.81 3.88
CA LEU C 439 19.00 36.93 3.04
C LEU C 439 19.52 38.36 2.83
N PRO C 440 20.85 38.52 2.69
CA PRO C 440 21.39 39.81 2.27
C PRO C 440 20.62 40.40 1.07
N PHE C 441 20.46 41.72 1.10
CA PHE C 441 19.69 42.41 0.09
C PHE C 441 20.43 43.70 -0.28
N PRO C 442 20.90 43.80 -1.53
CA PRO C 442 21.49 45.06 -1.95
C PRO C 442 20.38 46.09 -2.15
N1 PLG D . -5.31 -30.40 18.21
C2 PLG D . -5.52 -31.72 18.07
C2A PLG D . -5.38 -32.64 19.25
C3 PLG D . -5.88 -32.27 16.73
O3 PLG D . -6.09 -33.60 16.55
C4 PLG D . -6.03 -31.33 15.61
C4A PLG D . -6.36 -31.78 14.19
C5 PLG D . -5.76 -29.90 15.91
C6 PLG D . -5.41 -29.52 17.20
C5A PLG D . -5.83 -28.86 14.81
OP4 PLG D . -7.14 -28.53 14.38
P PLG D . -7.30 -27.70 12.99
OP1 PLG D . -7.19 -28.79 11.97
OP2 PLG D . -6.15 -26.74 12.91
OP3 PLG D . -8.67 -27.11 13.11
C PLG D . -7.28 -35.19 12.90
O PLG D . -7.25 -35.70 14.03
OXT PLG D . -7.80 -35.76 11.94
CA PLG D . -6.69 -33.81 12.75
N PLG D . -6.85 -33.12 14.01
C4 8AU E . -1.82 -37.70 11.48
C6 8AU E . -2.02 -35.44 12.77
C8 8AU E . -0.95 -39.44 12.90
C15 8AU E . -3.73 -38.33 9.79
C17 8AU E . -0.59 -39.23 9.82
C22 8AU E . 2.22 -36.18 8.72
C2 8AU E . -1.27 -37.45 13.94
C3 8AU E . -1.30 -38.22 12.83
N9 8AU E . -0.62 -40.57 12.97
C14 8AU E . -3.17 -38.44 11.22
C18 8AU E . 0.42 -39.50 8.88
CL3 8AU E . 0.15 -34.30 8.21
C25 8AU E . 1.86 -34.81 8.29
C26 8AU E . 2.82 -33.90 7.92
C27 8AU E . 4.17 -34.27 7.97
C28 8AU E . 4.54 -35.55 8.37
C29 8AU E . 3.58 -36.50 8.75
C20 8AU E . 1.22 -37.21 9.12
C19 8AU E . 1.31 -38.48 8.55
C23 8AU E . 0.57 -40.85 8.20
F32 8AU E . 0.16 -40.76 6.94
F31 8AU E . -0.12 -41.80 8.81
F30 8AU E . 1.87 -41.20 8.16
C21 8AU E . 0.22 -36.96 10.08
C16 8AU E . -0.72 -37.95 10.44
C24 8AU E . -4.27 -38.13 12.23
N7 8AU E . -0.87 -37.86 15.13
C5 8AU E . -2.13 -36.23 11.54
C10 8AU E . -2.53 -35.18 10.56
C13 8AU E . -2.78 -35.32 9.08
N11 8AU E . -2.62 -34.03 11.26
N12 8AU E . -2.31 -34.14 12.63
O1 8AU E . -1.68 -36.07 13.91
CL CL F . -16.33 -19.64 7.91
N1 PLG G . -3.28 -6.84 5.30
C2 PLG G . -3.77 -5.58 5.22
C2A PLG G . -3.12 -4.57 4.29
C3 PLG G . -4.96 -5.20 6.04
O3 PLG G . -5.48 -3.94 5.99
C4 PLG G . -5.55 -6.22 6.93
C4A PLG G . -6.75 -5.93 7.84
C5 PLG G . -4.92 -7.55 6.93
C6 PLG G . -3.79 -7.79 6.12
C5A PLG G . -5.43 -8.65 7.83
OP4 PLG G . -6.67 -9.22 7.45
P PLG G . -7.45 -10.18 8.54
OP1 PLG G . -6.40 -10.89 9.35
OP2 PLG G . -8.18 -9.17 9.42
OP3 PLG G . -8.37 -10.93 7.59
C PLG G . -8.74 -2.73 8.23
O PLG G . -9.86 -2.33 8.62
OXT PLG G . -8.19 -2.19 7.25
CA PLG G . -8.01 -3.92 8.84
N PLG G . -7.29 -4.59 7.76
C4 8AU H . -5.53 0.57 12.50
C6 8AU H . -4.61 -1.61 11.39
C8 8AU H . -4.27 2.51 11.78
C15 8AU H . -8.10 0.78 12.75
C17 8AU H . -5.68 2.18 14.48
C22 8AU H . -3.40 -0.31 17.10
C2 8AU H . -3.65 0.54 10.80
C3 8AU H . -4.43 1.25 11.67
N9 8AU H . -4.13 3.67 11.90
C14 8AU H . -6.86 1.08 11.90
C18 8AU H . -5.39 2.58 15.79
CL3 8AU H . -5.04 -2.56 16.61
C25 8AU H . -3.68 -1.72 17.40
C26 8AU H . -2.89 -2.41 18.30
C27 8AU H . -1.82 -1.76 18.93
C28 8AU H . -1.55 -0.43 18.66
C29 8AU H . -2.32 0.30 17.75
C20 8AU H . -4.21 0.50 16.15
C19 8AU H . -4.66 1.73 16.62
C23 8AU H . -5.88 3.91 16.33
F32 8AU H . -6.99 3.72 17.03
F31 8AU H . -6.06 4.76 15.33
F30 8AU H . -4.99 4.43 17.16
C21 8AU H . -4.47 0.12 14.83
C16 8AU H . -5.24 0.94 13.96
C24 8AU H . -7.10 0.64 10.44
N7 8AU H . -2.70 1.08 10.04
C5 8AU H . -5.49 -0.92 12.33
C10 8AU H . -6.22 -2.07 12.95
C13 8AU H . -7.27 -2.04 14.04
N11 8AU H . -5.73 -3.18 12.37
N12 8AU H . -4.72 -2.95 11.40
O1 8AU H . -3.78 -0.89 10.61
N1 PLG I . 18.41 39.41 -26.10
C2 PLG I . 18.11 38.28 -25.41
C2A PLG I . 18.85 36.99 -25.68
C3 PLG I . 17.06 38.31 -24.34
O3 PLG I . 16.76 37.20 -23.62
C4 PLG I . 16.38 39.59 -24.12
C4A PLG I . 15.28 39.75 -23.08
C5 PLG I . 16.78 40.76 -24.94
C6 PLG I . 17.76 40.58 -25.92
C5A PLG I . 16.10 42.11 -24.81
OP4 PLG I . 16.46 42.90 -23.67
P PLG I . 15.53 44.21 -23.29
OP1 PLG I . 14.41 43.56 -22.50
OP2 PLG I . 15.00 44.80 -24.55
OP3 PLG I . 16.43 45.01 -22.39
C PLG I . 13.96 37.37 -20.46
O PLG I . 14.69 36.41 -20.75
OXT PLG I . 13.46 37.48 -19.31
CA PLG I . 13.76 38.43 -21.53
N PLG I . 15.06 38.65 -22.17
C4 8AU J . 9.43 34.34 -23.67
C6 8AU J . 11.20 35.95 -24.71
C8 8AU J . 9.69 32.09 -24.53
C15 8AU J . 8.94 34.85 -21.16
C17 8AU J . 7.09 33.27 -23.48
C22 8AU J . 5.43 35.70 -26.57
C2 8AU J . 11.29 33.57 -25.20
C3 8AU J . 10.16 33.28 -24.51
N9 8AU J . 9.28 31.00 -24.54
C14 8AU J . 9.74 34.02 -22.18
C18 8AU J . 5.75 33.11 -23.87
CL3 8AU J . 6.34 38.03 -25.27
C25 8AU J . 5.50 37.17 -26.59
C26 8AU J . 4.92 37.89 -27.62
C27 8AU J . 4.27 37.21 -28.63
C28 8AU J . 4.19 35.83 -28.64
C29 8AU J . 4.77 35.06 -27.62
C20 8AU J . 6.04 34.89 -25.47
C19 8AU J . 5.24 33.93 -24.87
C23 8AU J . 4.84 32.07 -23.21
F32 8AU J . 4.08 32.63 -22.28
F31 8AU J . 5.57 31.10 -22.69
F30 8AU J . 4.02 31.54 -24.11
C21 8AU J . 7.39 35.02 -25.11
C16 8AU J . 7.94 34.23 -24.09
C24 8AU J . 11.24 34.02 -21.79
N7 8AU J . 11.98 32.68 -25.92
C5 8AU J . 9.98 35.71 -23.93
C10 8AU J . 9.60 37.11 -23.58
C13 8AU J . 8.41 37.61 -22.79
N11 8AU J . 10.53 37.91 -24.14
N12 8AU J . 11.54 37.24 -24.85
O1 8AU J . 11.88 34.90 -25.20
CL CL K . 17.46 54.62 -16.39
#